data_3T67
#
_entry.id   3T67
#
_cell.length_a   128.009
_cell.length_b   140.782
_cell.length_c   168.189
_cell.angle_alpha   90.000
_cell.angle_beta   90.000
_cell.angle_gamma   90.000
#
_symmetry.space_group_name_H-M   'I 2 2 2'
#
loop_
_entity.id
_entity.type
_entity.pdbx_description
1 polymer 'Protocatechuate 3,4-dioxygenase alpha chain'
2 polymer 'Protocatechuate 3,4-dioxygenase beta chain'
3 non-polymer 'SULFATE ION'
4 non-polymer GLYCEROL
5 non-polymer CATECHOL
6 non-polymer 'FE (III) ION'
7 water water
#
loop_
_entity_poly.entity_id
_entity_poly.type
_entity_poly.pdbx_seq_one_letter_code
_entity_poly.pdbx_strand_id
1 'polypeptide(L)'
;PIELLPETPSQTAGPYVHIGLALEAAGNPTRDQEIWNRLAKPDAPGEHILLLGQVYDGNGHLVRDSFLEVWQADANGEYQ
DAYNLENAFNSFGRTATTFDAGEWTLHTVKPGVVNNAAGVPMAPHINISLFARGINIHLHTRLYFDDEAQANAKCPVLNL
IEQPQRRETLIAKRCEVDGKTAYRFDIRIQGEGETVFFDF
;
A,B,C
2 'polypeptide(L)'
;PAQDNSRFVIRDRNWHPKALTPDYKTSIARSPRQALVSIPQSISETTGPNFSHLGFGAHDHDLLLNFNNGGLPIGERIIV
AGRVVDQYGKPVPNTLVEMWQANAGGRYRHKNDRYLAPLDPNFGGVGRCLTDSDGYYSFRTIKPGPYPWRNGPNDWRPAH
IHFGISGPSIATKLITQLYFEGDPLIPMCPIVKSIANPEAVQQLIAKLDMNNANPMDCLAYRFDIVLRGQRKTHFENC
;
M,N,O
#
# COMPACT_ATOMS: atom_id res chain seq x y z
N PRO A 1 -23.49 -18.01 -8.67
CA PRO A 1 -22.59 -19.06 -9.15
C PRO A 1 -22.43 -20.14 -8.11
N ILE A 2 -21.78 -21.23 -8.51
CA ILE A 2 -21.56 -22.35 -7.60
C ILE A 2 -20.47 -21.97 -6.61
N GLU A 3 -20.80 -22.07 -5.32
CA GLU A 3 -19.86 -21.71 -4.25
C GLU A 3 -19.61 -22.97 -3.46
N LEU A 4 -18.35 -23.40 -3.39
CA LEU A 4 -18.00 -24.59 -2.62
C LEU A 4 -17.77 -24.23 -1.15
N LEU A 5 -17.45 -25.21 -0.31
CA LEU A 5 -16.99 -24.87 1.05
C LEU A 5 -15.72 -24.02 0.90
N PRO A 6 -15.58 -22.95 1.70
CA PRO A 6 -14.31 -22.20 1.60
C PRO A 6 -13.16 -22.96 2.22
N GLU A 7 -11.97 -22.78 1.65
CA GLU A 7 -10.75 -23.41 2.15
C GLU A 7 -10.44 -22.79 3.52
N THR A 8 -9.94 -23.58 4.44
CA THR A 8 -9.39 -23.06 5.70
C THR A 8 -8.33 -21.99 5.41
N PRO A 9 -8.45 -20.79 6.01
CA PRO A 9 -7.47 -19.76 5.67
C PRO A 9 -6.09 -20.00 6.30
N SER A 10 -5.05 -19.63 5.55
CA SER A 10 -3.66 -19.75 6.01
C SER A 10 -3.37 -18.80 7.16
N GLN A 11 -2.37 -19.17 7.97
CA GLN A 11 -1.77 -18.22 8.89
C GLN A 11 -0.28 -18.44 8.86
N THR A 12 0.47 -17.45 9.36
CA THR A 12 1.93 -17.61 9.44
C THR A 12 2.31 -18.85 10.27
N ALA A 13 3.39 -19.50 9.89
CA ALA A 13 3.97 -20.58 10.70
C ALA A 13 4.58 -20.07 12.01
N GLY A 14 4.94 -18.78 12.03
CA GLY A 14 5.53 -18.13 13.22
C GLY A 14 6.97 -18.55 13.47
N PRO A 15 7.64 -17.91 14.44
CA PRO A 15 9.08 -18.12 14.61
C PRO A 15 9.42 -19.44 15.32
N TYR A 16 8.41 -20.12 15.87
CA TYR A 16 8.69 -21.39 16.55
C TYR A 16 8.24 -22.60 15.75
N VAL A 17 8.07 -22.41 14.45
CA VAL A 17 7.76 -23.52 13.52
C VAL A 17 8.65 -24.75 13.71
N HIS A 18 9.92 -24.51 14.07
CA HIS A 18 10.89 -25.58 14.26
CA HIS A 18 10.85 -25.63 14.16
C HIS A 18 10.45 -26.63 15.27
N ILE A 19 9.74 -26.18 16.31
CA ILE A 19 9.41 -27.17 17.32
CA ILE A 19 9.22 -27.06 17.38
C ILE A 19 8.44 -28.22 16.77
N GLY A 20 7.61 -27.86 15.79
CA GLY A 20 6.68 -28.80 15.20
C GLY A 20 7.24 -29.51 13.98
N LEU A 21 8.09 -28.81 13.20
CA LEU A 21 8.47 -29.31 11.87
C LEU A 21 9.96 -29.45 11.59
N ALA A 22 10.79 -29.06 12.55
CA ALA A 22 12.27 -29.10 12.40
C ALA A 22 12.90 -29.26 13.78
N LEU A 23 12.67 -30.42 14.38
CA LEU A 23 12.81 -30.57 15.82
C LEU A 23 14.19 -30.22 16.40
N GLU A 24 15.21 -30.75 15.76
CA GLU A 24 16.62 -30.43 16.03
C GLU A 24 16.81 -28.91 16.23
N ALA A 25 16.32 -28.14 15.26
CA ALA A 25 16.58 -26.72 15.14
C ALA A 25 16.00 -25.95 16.32
N ALA A 26 14.89 -26.43 16.86
CA ALA A 26 14.26 -25.77 17.99
C ALA A 26 15.13 -25.92 19.25
N GLY A 27 16.07 -26.86 19.18
CA GLY A 27 16.89 -27.26 20.34
C GLY A 27 16.31 -28.48 21.03
N ASN A 28 15.59 -29.32 20.28
CA ASN A 28 14.76 -30.36 20.89
C ASN A 28 15.06 -31.79 20.43
N PRO A 29 14.74 -32.78 21.28
CA PRO A 29 14.90 -34.18 20.91
C PRO A 29 14.08 -34.56 19.68
N THR A 30 14.63 -35.43 18.85
CA THR A 30 13.90 -35.95 17.69
C THR A 30 13.16 -37.26 17.97
N ARG A 31 12.19 -37.57 17.11
CA ARG A 31 11.48 -38.84 17.20
C ARG A 31 12.24 -39.83 16.33
N ASP A 32 11.82 -41.09 16.34
CA ASP A 32 12.55 -42.14 15.60
C ASP A 32 12.62 -41.83 14.12
N GLN A 33 11.51 -41.35 13.54
CA GLN A 33 11.49 -41.01 12.12
C GLN A 33 11.11 -39.55 11.96
N GLU A 34 11.95 -38.81 11.23
CA GLU A 34 11.70 -37.39 10.94
C GLU A 34 11.80 -37.17 9.44
N ILE A 35 10.99 -36.24 8.94
CA ILE A 35 11.02 -35.80 7.53
C ILE A 35 12.03 -34.66 7.45
N TRP A 36 13.14 -34.89 6.74
CA TRP A 36 14.18 -33.85 6.76
C TRP A 36 14.86 -33.66 5.39
N ASN A 37 16.14 -33.30 5.37
CA ASN A 37 16.76 -32.67 4.19
C ASN A 37 17.62 -33.58 3.32
N ARG A 38 17.56 -34.89 3.59
CA ARG A 38 18.28 -35.88 2.79
C ARG A 38 17.30 -36.68 1.95
N LEU A 39 17.10 -36.22 0.72
CA LEU A 39 16.15 -36.86 -0.20
C LEU A 39 16.73 -38.12 -0.80
N ALA A 40 18.06 -38.16 -0.93
CA ALA A 40 18.73 -39.30 -1.56
C ALA A 40 19.75 -39.96 -0.64
N LYS A 41 19.68 -41.28 -0.52
CA LYS A 41 20.76 -42.08 0.06
C LYS A 41 21.86 -42.22 -0.98
N PRO A 42 23.11 -42.49 -0.55
CA PRO A 42 24.27 -42.64 -1.45
C PRO A 42 24.01 -43.48 -2.69
N ASP A 43 23.16 -44.50 -2.52
CA ASP A 43 22.83 -45.51 -3.52
C ASP A 43 21.69 -45.14 -4.50
N ALA A 44 21.10 -43.95 -4.34
CA ALA A 44 20.07 -43.53 -5.28
C ALA A 44 20.70 -43.30 -6.66
N PRO A 45 20.01 -43.71 -7.75
CA PRO A 45 20.51 -43.37 -9.09
C PRO A 45 20.42 -41.88 -9.37
N GLY A 46 21.29 -41.40 -10.28
CA GLY A 46 21.31 -40.00 -10.69
C GLY A 46 22.55 -39.26 -10.19
N GLU A 47 22.63 -37.98 -10.51
CA GLU A 47 23.75 -37.14 -10.12
C GLU A 47 23.46 -36.60 -8.74
N HIS A 48 24.25 -37.01 -7.75
CA HIS A 48 24.09 -36.49 -6.39
C HIS A 48 24.57 -35.07 -6.26
N ILE A 49 23.71 -34.23 -5.68
CA ILE A 49 24.02 -32.82 -5.55
C ILE A 49 23.67 -32.27 -4.17
N LEU A 50 24.42 -31.25 -3.77
CA LEU A 50 24.14 -30.45 -2.59
C LEU A 50 23.46 -29.16 -3.05
N LEU A 51 22.35 -28.82 -2.39
CA LEU A 51 21.70 -27.51 -2.58
C LEU A 51 21.83 -26.72 -1.30
N LEU A 52 22.06 -25.41 -1.44
CA LEU A 52 22.16 -24.52 -0.30
C LEU A 52 21.67 -23.14 -0.67
N GLY A 53 21.30 -22.36 0.33
CA GLY A 53 20.86 -21.02 0.06
C GLY A 53 20.57 -20.24 1.31
N GLN A 54 20.43 -18.94 1.13
CA GLN A 54 20.04 -18.03 2.18
C GLN A 54 18.81 -17.26 1.71
N VAL A 55 18.06 -16.76 2.69
CA VAL A 55 16.78 -16.08 2.41
C VAL A 55 16.87 -14.65 2.94
N TYR A 56 16.50 -13.69 2.12
CA TYR A 56 16.62 -12.26 2.49
C TYR A 56 15.29 -11.57 2.50
N ASP A 57 15.11 -10.67 3.46
CA ASP A 57 13.92 -9.84 3.48
C ASP A 57 14.11 -8.58 2.63
N GLY A 58 13.14 -7.67 2.68
CA GLY A 58 13.09 -6.49 1.83
C GLY A 58 14.14 -5.45 2.16
N ASN A 59 14.73 -5.56 3.35
CA ASN A 59 15.82 -4.67 3.73
C ASN A 59 17.19 -5.27 3.46
N GLY A 60 17.22 -6.43 2.81
CA GLY A 60 18.47 -7.13 2.54
C GLY A 60 19.03 -7.93 3.70
N HIS A 61 18.23 -8.15 4.74
CA HIS A 61 18.69 -8.88 5.92
C HIS A 61 18.29 -10.36 5.91
N LEU A 62 19.13 -11.19 6.48
CA LEU A 62 18.88 -12.64 6.52
C LEU A 62 17.60 -12.99 7.29
N VAL A 63 16.83 -13.90 6.71
CA VAL A 63 15.68 -14.49 7.39
C VAL A 63 16.19 -15.75 8.05
N ARG A 64 16.37 -15.68 9.37
CA ARG A 64 17.06 -16.72 10.07
C ARG A 64 16.12 -17.76 10.63
N ASP A 65 14.82 -17.60 10.36
CA ASP A 65 13.81 -18.53 10.88
C ASP A 65 12.92 -19.12 9.78
N SER A 66 13.45 -19.20 8.56
CA SER A 66 12.78 -19.79 7.38
C SER A 66 12.58 -21.29 7.54
N PHE A 67 11.48 -21.78 6.99
CA PHE A 67 11.23 -23.22 6.89
C PHE A 67 10.85 -23.49 5.44
N LEU A 68 11.50 -24.48 4.82
CA LEU A 68 11.29 -24.78 3.39
C LEU A 68 10.87 -26.21 3.16
N GLU A 69 9.88 -26.41 2.30
CA GLU A 69 9.50 -27.74 1.86
C GLU A 69 9.79 -27.86 0.36
N VAL A 70 10.32 -29.00 -0.03
CA VAL A 70 10.72 -29.19 -1.45
C VAL A 70 10.08 -30.44 -2.00
N TRP A 71 9.82 -30.42 -3.31
CA TRP A 71 9.17 -31.51 -3.99
C TRP A 71 9.80 -31.59 -5.38
N GLN A 72 10.38 -32.73 -5.73
CA GLN A 72 11.10 -32.84 -7.00
C GLN A 72 10.96 -34.23 -7.60
N ALA A 73 11.14 -34.36 -8.92
CA ALA A 73 11.17 -35.69 -9.54
C ALA A 73 12.49 -36.39 -9.24
N ASP A 74 12.47 -37.72 -9.38
CA ASP A 74 13.71 -38.49 -9.34
C ASP A 74 14.50 -38.27 -10.63
N ALA A 75 15.60 -38.99 -10.79
CA ALA A 75 16.49 -38.74 -11.92
C ALA A 75 15.83 -39.12 -13.25
N ASN A 76 14.82 -39.99 -13.19
CA ASN A 76 14.01 -40.36 -14.37
C ASN A 76 12.91 -39.34 -14.76
N GLY A 77 12.72 -38.30 -13.95
CA GLY A 77 11.63 -37.38 -14.19
C GLY A 77 10.29 -37.91 -13.69
N GLU A 78 10.34 -38.78 -12.69
CA GLU A 78 9.12 -39.30 -12.08
C GLU A 78 9.00 -38.87 -10.62
N TYR A 79 7.79 -38.48 -10.21
CA TYR A 79 7.54 -38.06 -8.84
C TYR A 79 7.23 -39.28 -7.99
N GLN A 80 7.90 -39.38 -6.85
CA GLN A 80 7.73 -40.54 -5.98
C GLN A 80 6.97 -40.13 -4.73
N ASP A 81 5.69 -40.44 -4.71
CA ASP A 81 4.85 -39.99 -3.57
C ASP A 81 4.83 -40.93 -2.35
N ALA A 82 5.34 -42.15 -2.49
CA ALA A 82 5.30 -43.11 -1.38
C ALA A 82 6.44 -42.84 -0.39
N TYR A 83 6.20 -41.92 0.54
CA TYR A 83 7.27 -41.44 1.41
C TYR A 83 7.70 -42.53 2.38
N ASN A 84 8.99 -42.86 2.41
CA ASN A 84 9.45 -43.90 3.32
C ASN A 84 10.94 -43.68 3.61
N LEU A 85 11.32 -43.65 4.88
CA LEU A 85 12.73 -43.44 5.24
C LEU A 85 13.67 -44.58 4.79
N GLU A 86 13.06 -45.70 4.43
CA GLU A 86 13.78 -46.87 3.89
C GLU A 86 14.15 -46.68 2.43
N ASN A 87 13.47 -45.77 1.73
CA ASN A 87 13.71 -45.53 0.30
C ASN A 87 15.08 -44.95 0.04
N ALA A 88 15.71 -45.39 -1.06
CA ALA A 88 16.95 -44.75 -1.52
C ALA A 88 16.69 -43.30 -1.97
N PHE A 89 15.47 -43.04 -2.42
CA PHE A 89 15.10 -41.69 -2.85
C PHE A 89 13.66 -41.35 -2.44
N ASN A 90 13.47 -40.14 -1.93
CA ASN A 90 12.14 -39.56 -1.72
C ASN A 90 12.06 -38.25 -2.46
N SER A 91 10.90 -37.99 -3.07
CA SER A 91 10.66 -36.75 -3.82
C SER A 91 10.43 -35.53 -2.91
N PHE A 92 10.14 -35.76 -1.65
CA PHE A 92 9.80 -34.70 -0.68
C PHE A 92 10.88 -34.55 0.37
N GLY A 93 11.11 -33.31 0.77
CA GLY A 93 11.98 -33.05 1.92
C GLY A 93 11.71 -31.72 2.57
N ARG A 94 12.36 -31.53 3.72
CA ARG A 94 12.23 -30.29 4.49
C ARG A 94 13.61 -29.80 4.88
N THR A 95 13.75 -28.49 4.97
CA THR A 95 14.97 -27.88 5.53
C THR A 95 14.63 -26.54 6.21
N ALA A 96 15.62 -25.92 6.84
CA ALA A 96 15.37 -24.68 7.58
C ALA A 96 16.66 -23.88 7.62
N THR A 97 16.52 -22.58 7.82
CA THR A 97 17.74 -21.77 7.88
C THR A 97 18.38 -21.78 9.26
N THR A 98 19.72 -21.93 9.33
CA THR A 98 20.38 -21.80 10.61
CA THR A 98 20.42 -21.78 10.61
C THR A 98 20.15 -20.40 11.22
N PHE A 99 19.86 -20.35 12.51
CA PHE A 99 19.64 -19.09 13.21
C PHE A 99 20.90 -18.22 13.21
N ASP A 100 22.07 -18.86 13.33
CA ASP A 100 23.41 -18.25 13.24
C ASP A 100 23.83 -17.66 11.85
N ALA A 101 24.04 -18.55 10.87
CA ALA A 101 24.51 -18.15 9.55
C ALA A 101 23.39 -17.89 8.53
N GLY A 102 22.18 -18.39 8.84
CA GLY A 102 21.03 -18.25 7.95
C GLY A 102 20.99 -19.15 6.71
N GLU A 103 21.75 -20.25 6.67
CA GLU A 103 21.87 -21.06 5.45
C GLU A 103 21.08 -22.34 5.65
N TRP A 104 20.34 -22.77 4.60
CA TRP A 104 19.74 -24.10 4.59
C TRP A 104 20.52 -24.99 3.64
N THR A 105 20.39 -26.30 3.83
CA THR A 105 20.99 -27.23 2.88
C THR A 105 20.03 -28.37 2.55
N LEU A 106 20.24 -29.02 1.40
CA LEU A 106 19.49 -30.21 0.99
C LEU A 106 20.44 -31.15 0.27
N HIS A 107 20.29 -32.45 0.50
CA HIS A 107 21.08 -33.47 -0.16
C HIS A 107 20.16 -34.30 -1.03
N THR A 108 20.41 -34.29 -2.33
CA THR A 108 19.45 -34.88 -3.25
C THR A 108 20.12 -35.34 -4.54
N VAL A 109 19.33 -35.65 -5.56
CA VAL A 109 19.86 -35.90 -6.91
C VAL A 109 19.23 -34.88 -7.84
N LYS A 110 19.91 -34.60 -8.95
CA LYS A 110 19.32 -33.67 -9.90
C LYS A 110 18.08 -34.28 -10.56
N PRO A 111 16.95 -33.55 -10.54
CA PRO A 111 15.75 -34.15 -11.13
C PRO A 111 15.79 -34.25 -12.63
N GLY A 112 15.12 -35.28 -13.15
CA GLY A 112 14.93 -35.44 -14.59
C GLY A 112 13.83 -34.54 -15.13
N VAL A 113 13.68 -34.52 -16.45
CA VAL A 113 12.70 -33.68 -17.12
C VAL A 113 11.29 -34.23 -16.95
N VAL A 114 10.36 -33.32 -16.67
CA VAL A 114 8.96 -33.68 -16.69
C VAL A 114 8.18 -32.75 -17.63
N ASN A 115 7.19 -33.31 -18.33
CA ASN A 115 6.36 -32.49 -19.22
C ASN A 115 5.27 -31.76 -18.47
N ASN A 116 4.90 -30.57 -18.98
CA ASN A 116 3.67 -29.92 -18.49
C ASN A 116 2.41 -30.65 -18.99
N ALA A 117 1.23 -30.12 -18.65
CA ALA A 117 0.00 -30.84 -18.98
C ALA A 117 -0.20 -30.91 -20.48
N ALA A 118 0.40 -29.96 -21.21
CA ALA A 118 0.27 -29.91 -22.67
C ALA A 118 1.33 -30.76 -23.40
N GLY A 119 2.17 -31.46 -22.64
CA GLY A 119 3.20 -32.34 -23.20
C GLY A 119 4.50 -31.65 -23.56
N VAL A 120 4.67 -30.40 -23.13
CA VAL A 120 5.90 -29.65 -23.43
C VAL A 120 6.88 -29.82 -22.26
N PRO A 121 8.14 -30.21 -22.56
CA PRO A 121 9.09 -30.48 -21.48
C PRO A 121 9.46 -29.24 -20.66
N MET A 122 9.42 -29.40 -19.33
CA MET A 122 9.87 -28.36 -18.43
C MET A 122 11.34 -28.58 -18.13
N ALA A 123 12.09 -27.49 -17.95
CA ALA A 123 13.49 -27.68 -17.54
C ALA A 123 13.56 -28.31 -16.14
N PRO A 124 14.67 -29.02 -15.80
CA PRO A 124 14.76 -29.65 -14.48
C PRO A 124 14.53 -28.62 -13.37
N HIS A 125 13.67 -28.96 -12.41
CA HIS A 125 13.40 -28.00 -11.35
C HIS A 125 13.04 -28.68 -10.05
N ILE A 126 13.20 -27.92 -8.96
CA ILE A 126 12.75 -28.36 -7.66
C ILE A 126 11.66 -27.37 -7.23
N ASN A 127 10.48 -27.89 -6.84
CA ASN A 127 9.41 -27.02 -6.36
C ASN A 127 9.68 -26.70 -4.87
N ILE A 128 9.58 -25.41 -4.50
CA ILE A 128 9.88 -24.97 -3.14
C ILE A 128 8.67 -24.26 -2.54
N SER A 129 8.38 -24.52 -1.28
CA SER A 129 7.38 -23.72 -0.53
C SER A 129 8.09 -23.15 0.67
N LEU A 130 7.99 -21.84 0.86
CA LEU A 130 8.71 -21.12 1.92
C LEU A 130 7.75 -20.57 2.97
N PHE A 131 8.04 -20.89 4.23
CA PHE A 131 7.24 -20.48 5.39
C PHE A 131 8.14 -19.74 6.38
N ALA A 132 7.58 -18.78 7.10
CA ALA A 132 8.31 -18.08 8.17
C ALA A 132 7.39 -17.12 8.91
N ARG A 133 7.83 -16.72 10.10
CA ARG A 133 7.31 -15.51 10.73
C ARG A 133 7.25 -14.40 9.69
N GLY A 134 6.12 -13.71 9.67
CA GLY A 134 5.93 -12.61 8.73
C GLY A 134 5.33 -12.99 7.38
N ILE A 135 5.31 -14.29 7.08
CA ILE A 135 4.76 -14.81 5.81
C ILE A 135 3.39 -15.41 6.13
N ASN A 136 2.33 -14.72 5.70
CA ASN A 136 0.97 -15.14 6.11
C ASN A 136 0.46 -16.37 5.37
N ILE A 137 0.86 -16.47 4.11
CA ILE A 137 0.59 -17.65 3.30
C ILE A 137 1.92 -17.99 2.58
N HIS A 138 2.28 -19.27 2.61
CA HIS A 138 3.57 -19.66 2.05
C HIS A 138 3.76 -19.24 0.61
N LEU A 139 5.02 -19.00 0.27
CA LEU A 139 5.41 -18.55 -1.07
C LEU A 139 5.92 -19.72 -1.87
N HIS A 140 5.41 -19.86 -3.09
CA HIS A 140 5.80 -20.97 -3.98
C HIS A 140 6.86 -20.47 -4.94
N THR A 141 7.93 -21.23 -5.12
CA THR A 141 8.88 -20.89 -6.17
C THR A 141 9.46 -22.14 -6.80
N ARG A 142 10.33 -21.99 -7.80
CA ARG A 142 11.03 -23.14 -8.38
C ARG A 142 12.51 -22.81 -8.42
N LEU A 143 13.32 -23.82 -8.15
CA LEU A 143 14.77 -23.76 -8.31
C LEU A 143 15.11 -24.48 -9.60
N TYR A 144 15.66 -23.74 -10.57
CA TYR A 144 16.21 -24.32 -11.79
C TYR A 144 17.74 -24.23 -11.71
N PHE A 145 18.43 -24.78 -12.72
CA PHE A 145 19.89 -24.97 -12.61
C PHE A 145 20.64 -24.22 -13.72
N ASP A 146 21.75 -23.56 -13.39
CA ASP A 146 22.44 -22.75 -14.41
C ASP A 146 23.21 -23.57 -15.42
N ASP A 147 23.37 -24.86 -15.16
CA ASP A 147 23.98 -25.81 -16.10
C ASP A 147 22.93 -26.48 -17.04
N GLU A 148 21.72 -25.93 -17.02
CA GLU A 148 20.62 -26.31 -17.92
C GLU A 148 20.14 -25.14 -18.78
N ALA A 149 21.04 -24.21 -19.12
CA ALA A 149 20.61 -22.97 -19.77
C ALA A 149 19.77 -23.18 -21.02
N GLN A 150 20.14 -24.18 -21.85
CA GLN A 150 19.40 -24.37 -23.11
C GLN A 150 17.98 -24.88 -22.84
N ALA A 151 17.86 -25.78 -21.87
CA ALA A 151 16.53 -26.26 -21.44
C ALA A 151 15.68 -25.17 -20.79
N ASN A 152 16.33 -24.37 -19.93
CA ASN A 152 15.65 -23.28 -19.22
C ASN A 152 15.08 -22.30 -20.21
N ALA A 153 15.84 -22.03 -21.29
CA ALA A 153 15.37 -21.05 -22.29
C ALA A 153 14.03 -21.45 -22.96
N LYS A 154 13.74 -22.75 -22.96
CA LYS A 154 12.54 -23.31 -23.61
C LYS A 154 11.48 -23.74 -22.59
N CYS A 155 11.74 -23.55 -21.29
CA CYS A 155 10.77 -24.03 -20.30
C CYS A 155 9.45 -23.27 -20.40
N PRO A 156 8.32 -24.00 -20.55
CA PRO A 156 7.06 -23.26 -20.69
C PRO A 156 6.63 -22.57 -19.40
N VAL A 157 7.15 -23.01 -18.25
CA VAL A 157 6.83 -22.28 -17.00
C VAL A 157 7.70 -21.01 -16.91
N LEU A 158 9.01 -21.14 -17.14
CA LEU A 158 9.82 -19.93 -17.12
C LEU A 158 9.34 -18.90 -18.16
N ASN A 159 8.78 -19.38 -19.27
CA ASN A 159 8.34 -18.48 -20.34
C ASN A 159 7.04 -17.74 -20.00
N LEU A 160 6.37 -18.16 -18.92
CA LEU A 160 5.21 -17.42 -18.41
C LEU A 160 5.59 -16.19 -17.59
N ILE A 161 6.87 -16.08 -17.22
CA ILE A 161 7.41 -14.90 -16.55
C ILE A 161 7.70 -13.89 -17.66
N GLU A 162 6.99 -12.76 -17.67
CA GLU A 162 7.00 -11.88 -18.85
C GLU A 162 8.38 -11.29 -19.15
N GLN A 163 9.10 -10.90 -18.08
CA GLN A 163 10.43 -10.30 -18.21
C GLN A 163 11.58 -11.26 -18.03
N PRO A 164 12.44 -11.39 -19.05
CA PRO A 164 13.62 -12.23 -18.95
C PRO A 164 14.46 -11.97 -17.70
N GLN A 165 14.61 -10.72 -17.29
CA GLN A 165 15.39 -10.40 -16.10
C GLN A 165 14.83 -11.13 -14.85
N ARG A 166 13.51 -11.22 -14.73
CA ARG A 166 12.94 -11.93 -13.58
C ARG A 166 13.16 -13.45 -13.61
N ARG A 167 13.25 -14.03 -14.80
CA ARG A 167 13.55 -15.47 -14.90
C ARG A 167 14.88 -15.81 -14.27
N GLU A 168 15.84 -14.88 -14.36
CA GLU A 168 17.16 -15.11 -13.78
C GLU A 168 17.10 -15.38 -12.26
N THR A 169 16.05 -14.90 -11.59
CA THR A 169 15.96 -15.06 -10.15
C THR A 169 15.72 -16.51 -9.77
N LEU A 170 15.32 -17.36 -10.73
CA LEU A 170 15.04 -18.76 -10.41
C LEU A 170 16.18 -19.69 -10.75
N ILE A 171 17.33 -19.15 -11.14
CA ILE A 171 18.41 -20.01 -11.64
C ILE A 171 19.50 -20.15 -10.59
N ALA A 172 19.65 -21.36 -10.05
CA ALA A 172 20.66 -21.64 -9.03
C ALA A 172 22.07 -21.72 -9.67
N LYS A 173 23.08 -21.27 -8.93
CA LYS A 173 24.46 -21.18 -9.43
C LYS A 173 25.28 -22.40 -8.98
N ARG A 174 25.83 -23.13 -9.96
CA ARG A 174 26.65 -24.31 -9.73
C ARG A 174 28.02 -23.96 -9.18
N CYS A 175 28.44 -24.75 -8.19
CA CYS A 175 29.73 -24.60 -7.51
C CYS A 175 30.23 -26.00 -7.16
N GLU A 176 31.36 -26.08 -6.47
CA GLU A 176 31.85 -27.36 -5.95
C GLU A 176 32.07 -27.15 -4.47
N VAL A 177 31.55 -28.07 -3.65
CA VAL A 177 31.69 -27.98 -2.20
C VAL A 177 32.30 -29.30 -1.71
N ASP A 178 33.47 -29.19 -1.08
CA ASP A 178 34.30 -30.37 -0.74
C ASP A 178 34.28 -31.45 -1.83
N GLY A 179 34.51 -31.04 -3.07
CA GLY A 179 34.59 -31.97 -4.20
C GLY A 179 33.29 -32.61 -4.67
N LYS A 180 32.16 -32.06 -4.24
CA LYS A 180 30.85 -32.52 -4.73
C LYS A 180 30.13 -31.35 -5.42
N THR A 181 29.37 -31.66 -6.46
CA THR A 181 28.58 -30.64 -7.17
C THR A 181 27.54 -30.06 -6.22
N ALA A 182 27.48 -28.74 -6.20
CA ALA A 182 26.51 -28.02 -5.38
C ALA A 182 25.89 -26.90 -6.20
N TYR A 183 24.73 -26.40 -5.75
CA TYR A 183 24.15 -25.19 -6.36
C TYR A 183 23.64 -24.29 -5.25
N ARG A 184 23.88 -22.99 -5.39
CA ARG A 184 23.36 -22.01 -4.45
C ARG A 184 22.07 -21.44 -5.01
N PHE A 185 21.01 -21.48 -4.19
CA PHE A 185 19.75 -20.81 -4.58
C PHE A 185 19.32 -19.87 -3.47
N ASP A 186 19.65 -18.59 -3.62
CA ASP A 186 19.22 -17.57 -2.65
C ASP A 186 17.86 -17.03 -3.03
N ILE A 187 17.04 -16.71 -2.03
CA ILE A 187 15.69 -16.19 -2.24
C ILE A 187 15.65 -14.79 -1.66
N ARG A 188 15.13 -13.85 -2.45
CA ARG A 188 14.92 -12.48 -1.99
C ARG A 188 13.42 -12.26 -1.99
N ILE A 189 12.84 -12.12 -0.81
CA ILE A 189 11.37 -12.09 -0.70
C ILE A 189 10.82 -10.79 -1.31
N GLN A 190 11.60 -9.71 -1.22
CA GLN A 190 11.11 -8.38 -1.54
C GLN A 190 12.20 -7.46 -2.05
N GLY A 191 11.87 -6.66 -3.06
CA GLY A 191 12.74 -5.55 -3.47
C GLY A 191 13.68 -5.90 -4.60
N GLU A 192 14.92 -5.40 -4.52
CA GLU A 192 15.88 -5.63 -5.59
C GLU A 192 16.16 -7.12 -5.76
N GLY A 193 15.98 -7.61 -6.98
CA GLY A 193 16.22 -9.01 -7.30
C GLY A 193 15.16 -9.92 -6.70
N GLU A 194 13.98 -9.36 -6.45
CA GLU A 194 12.90 -10.15 -5.83
C GLU A 194 12.67 -11.44 -6.61
N THR A 195 12.65 -12.56 -5.90
CA THR A 195 12.47 -13.89 -6.47
C THR A 195 11.07 -14.01 -7.03
N VAL A 196 10.93 -14.60 -8.21
CA VAL A 196 9.59 -14.88 -8.73
C VAL A 196 8.85 -15.90 -7.82
N PHE A 197 7.61 -15.57 -7.46
CA PHE A 197 6.75 -16.50 -6.70
C PHE A 197 5.52 -16.81 -7.55
N PHE A 198 5.05 -18.04 -7.44
CA PHE A 198 3.94 -18.52 -8.30
C PHE A 198 2.61 -18.66 -7.55
N ASP A 199 1.52 -18.59 -8.32
CA ASP A 199 0.22 -19.03 -7.86
C ASP A 199 -0.23 -20.16 -8.76
N PHE A 200 -0.78 -21.22 -8.18
CA PHE A 200 -1.35 -22.28 -8.98
C PHE A 200 -2.40 -23.03 -8.16
N PRO B 1 -14.60 -6.87 26.40
CA PRO B 1 -13.44 -6.39 27.20
C PRO B 1 -13.69 -5.00 27.73
N ILE B 2 -12.83 -4.56 28.65
CA ILE B 2 -12.96 -3.20 29.16
C ILE B 2 -12.50 -2.19 28.10
N GLU B 3 -13.39 -1.26 27.78
CA GLU B 3 -13.07 -0.22 26.80
C GLU B 3 -13.15 1.13 27.50
N LEU B 4 -12.03 1.85 27.53
CA LEU B 4 -11.99 3.18 28.15
C LEU B 4 -12.51 4.22 27.16
N LEU B 5 -12.54 5.48 27.59
CA LEU B 5 -12.88 6.55 26.65
C LEU B 5 -11.79 6.50 25.58
N PRO B 6 -12.15 6.66 24.29
CA PRO B 6 -11.09 6.73 23.27
C PRO B 6 -10.30 8.02 23.33
N GLU B 7 -9.00 7.93 23.05
CA GLU B 7 -8.13 9.11 23.00
C GLU B 7 -8.57 10.00 21.83
N THR B 8 -8.48 11.31 21.99
CA THR B 8 -8.70 12.25 20.88
C THR B 8 -7.70 11.89 19.77
N PRO B 9 -8.17 11.72 18.52
CA PRO B 9 -7.24 11.33 17.45
C PRO B 9 -6.33 12.45 17.00
N SER B 10 -5.12 12.07 16.60
CA SER B 10 -4.13 13.00 16.09
C SER B 10 -4.52 13.58 14.73
N GLN B 11 -4.00 14.75 14.42
CA GLN B 11 -4.02 15.26 13.04
C GLN B 11 -2.68 15.90 12.78
N THR B 12 -2.38 16.09 11.51
CA THR B 12 -1.15 16.78 11.15
C THR B 12 -1.07 18.18 11.79
N ALA B 13 0.16 18.59 12.13
CA ALA B 13 0.35 19.95 12.61
C ALA B 13 0.19 20.97 11.46
N GLY B 14 0.36 20.50 10.22
CA GLY B 14 0.24 21.37 9.04
C GLY B 14 1.45 22.29 8.85
N PRO B 15 1.50 22.99 7.71
CA PRO B 15 2.69 23.76 7.37
C PRO B 15 2.77 25.10 8.12
N TYR B 16 1.72 25.49 8.84
CA TYR B 16 1.73 26.77 9.57
C TYR B 16 1.86 26.55 11.08
N VAL B 17 2.31 25.35 11.47
CA VAL B 17 2.55 25.02 12.88
C VAL B 17 3.35 26.12 13.60
N HIS B 18 4.21 26.81 12.85
CA HIS B 18 5.09 27.80 13.47
C HIS B 18 4.31 28.96 14.05
N ILE B 19 3.14 29.27 13.51
CA ILE B 19 2.26 30.36 14.05
CA ILE B 19 2.44 30.42 14.08
C ILE B 19 2.01 30.13 15.52
N GLY B 20 1.76 28.86 15.85
CA GLY B 20 1.37 28.53 17.21
C GLY B 20 2.52 28.15 18.12
N LEU B 21 3.56 27.53 17.54
CA LEU B 21 4.59 26.85 18.33
C LEU B 21 6.03 27.29 18.06
N ALA B 22 6.23 28.15 17.06
CA ALA B 22 7.57 28.63 16.69
C ALA B 22 7.44 30.03 16.09
N LEU B 23 7.00 30.98 16.92
CA LEU B 23 6.49 32.26 16.41
C LEU B 23 7.44 33.07 15.53
N GLU B 24 8.69 33.19 15.98
CA GLU B 24 9.75 33.84 15.20
C GLU B 24 9.79 33.31 13.75
N ALA B 25 9.79 32.00 13.64
CA ALA B 25 9.92 31.29 12.36
C ALA B 25 8.75 31.53 11.41
N ALA B 26 7.56 31.77 11.97
CA ALA B 26 6.37 32.10 11.19
C ALA B 26 6.50 33.48 10.55
N GLY B 27 7.47 34.24 11.08
CA GLY B 27 7.64 35.67 10.73
C GLY B 27 6.89 36.60 11.66
N ASN B 28 6.60 36.13 12.88
CA ASN B 28 5.70 36.87 13.75
C ASN B 28 6.36 37.35 15.06
N PRO B 29 5.81 38.40 15.68
CA PRO B 29 6.31 38.84 16.98
C PRO B 29 6.19 37.73 18.04
N THR B 30 7.17 37.66 18.93
CA THR B 30 7.12 36.73 20.06
C THR B 30 6.47 37.34 21.31
N ARG B 31 6.07 36.46 22.22
CA ARG B 31 5.49 36.87 23.49
C ARG B 31 6.68 36.98 24.46
N ASP B 32 6.42 37.51 25.66
CA ASP B 32 7.48 37.66 26.66
C ASP B 32 8.23 36.36 26.94
N GLN B 33 7.49 35.26 27.08
CA GLN B 33 8.15 33.96 27.32
C GLN B 33 7.77 32.94 26.27
N GLU B 34 8.78 32.29 25.72
CA GLU B 34 8.58 31.28 24.69
C GLU B 34 9.38 30.05 25.02
N ILE B 35 8.83 28.89 24.67
CA ILE B 35 9.47 27.58 24.83
C ILE B 35 10.28 27.32 23.57
N TRP B 36 11.61 27.36 23.68
CA TRP B 36 12.44 27.27 22.48
C TRP B 36 13.68 26.37 22.64
N ASN B 37 14.76 26.66 21.91
CA ASN B 37 15.78 25.64 21.64
C ASN B 37 17.06 25.80 22.48
N ARG B 38 17.03 26.64 23.51
CA ARG B 38 18.18 26.78 24.41
C ARG B 38 17.83 26.17 25.77
N LEU B 39 18.22 24.91 25.95
CA LEU B 39 17.86 24.15 27.15
C LEU B 39 18.74 24.52 28.32
N ALA B 40 19.93 25.02 28.03
CA ALA B 40 20.89 25.22 29.12
C ALA B 40 21.37 26.65 29.17
N LYS B 41 21.35 27.24 30.36
CA LYS B 41 22.02 28.54 30.59
C LYS B 41 23.51 28.26 30.50
N PRO B 42 24.31 29.27 30.12
CA PRO B 42 25.75 29.01 29.95
C PRO B 42 26.46 28.36 31.13
N ASP B 43 25.97 28.53 32.35
CA ASP B 43 26.60 27.93 33.53
C ASP B 43 25.91 26.68 34.11
N ALA B 44 25.02 26.05 33.33
CA ALA B 44 24.40 24.79 33.73
C ALA B 44 25.48 23.70 33.85
N PRO B 45 25.32 22.75 34.78
CA PRO B 45 26.35 21.70 34.89
C PRO B 45 26.42 20.83 33.65
N GLY B 46 27.61 20.31 33.38
CA GLY B 46 27.76 19.32 32.30
C GLY B 46 28.47 19.85 31.07
N GLU B 47 28.58 18.98 30.07
CA GLU B 47 29.27 19.29 28.83
C GLU B 47 28.29 19.97 27.86
N HIS B 48 28.51 21.25 27.59
CA HIS B 48 27.65 22.00 26.67
C HIS B 48 27.90 21.61 25.22
N ILE B 49 26.80 21.27 24.54
CA ILE B 49 26.87 20.79 23.15
C ILE B 49 25.79 21.44 22.28
N LEU B 50 26.09 21.51 20.98
CA LEU B 50 25.13 21.87 19.97
C LEU B 50 24.63 20.61 19.30
N LEU B 51 23.31 20.53 19.11
CA LEU B 51 22.73 19.45 18.31
C LEU B 51 22.17 20.10 17.05
N LEU B 52 22.32 19.44 15.91
CA LEU B 52 21.72 19.98 14.68
C LEU B 52 21.43 18.86 13.71
N GLY B 53 20.51 19.11 12.79
CA GLY B 53 20.16 18.08 11.86
C GLY B 53 19.23 18.57 10.78
N GLN B 54 19.07 17.73 9.75
CA GLN B 54 18.15 18.00 8.67
C GLN B 54 17.23 16.80 8.58
N VAL B 55 16.06 17.02 7.97
CA VAL B 55 15.01 16.00 7.92
C VAL B 55 14.69 15.77 6.44
N TYR B 56 14.67 14.50 6.05
CA TYR B 56 14.48 14.10 4.63
C TYR B 56 13.23 13.25 4.45
N ASP B 57 12.53 13.50 3.34
CA ASP B 57 11.39 12.69 2.92
C ASP B 57 11.85 11.47 2.11
N GLY B 58 10.88 10.70 1.62
CA GLY B 58 11.20 9.44 0.97
C GLY B 58 11.82 9.61 -0.40
N ASN B 59 11.84 10.85 -0.89
CA ASN B 59 12.46 11.17 -2.17
C ASN B 59 13.82 11.77 -1.99
N GLY B 60 14.24 11.85 -0.73
CA GLY B 60 15.56 12.40 -0.39
C GLY B 60 15.59 13.92 -0.36
N HIS B 61 14.41 14.54 -0.30
CA HIS B 61 14.28 15.99 -0.26
C HIS B 61 14.07 16.52 1.13
N LEU B 62 14.60 17.72 1.39
CA LEU B 62 14.48 18.32 2.72
C LEU B 62 13.03 18.61 3.10
N VAL B 63 12.70 18.32 4.36
CA VAL B 63 11.43 18.66 4.95
C VAL B 63 11.65 19.97 5.67
N ARG B 64 11.33 21.05 4.99
CA ARG B 64 11.72 22.39 5.43
C ARG B 64 10.79 22.98 6.48
N ASP B 65 9.66 22.32 6.74
CA ASP B 65 8.67 22.80 7.69
C ASP B 65 8.50 21.87 8.92
N SER B 66 9.57 21.14 9.27
CA SER B 66 9.61 20.22 10.44
C SER B 66 9.51 21.02 11.74
N PHE B 67 8.84 20.46 12.73
CA PHE B 67 8.80 21.01 14.09
C PHE B 67 9.17 19.87 15.03
N LEU B 68 10.11 20.10 15.97
CA LEU B 68 10.61 19.02 16.81
C LEU B 68 10.50 19.40 18.28
N GLU B 69 10.11 18.43 19.09
CA GLU B 69 10.15 18.59 20.55
C GLU B 69 11.13 17.59 21.13
N VAL B 70 11.91 18.03 22.13
CA VAL B 70 12.95 17.18 22.72
C VAL B 70 12.76 17.12 24.23
N TRP B 71 13.21 16.01 24.81
CA TRP B 71 13.09 15.74 26.23
C TRP B 71 14.31 14.91 26.62
N GLN B 72 15.11 15.40 27.55
CA GLN B 72 16.35 14.70 27.89
C GLN B 72 16.66 14.94 29.36
N ALA B 73 17.39 13.98 29.94
CA ALA B 73 17.94 14.18 31.28
C ALA B 73 19.00 15.28 31.29
N ASP B 74 19.16 15.91 32.45
CA ASP B 74 20.30 16.82 32.64
C ASP B 74 21.62 16.03 32.76
N ALA B 75 22.71 16.74 33.00
CA ALA B 75 24.03 16.08 33.01
C ALA B 75 24.18 15.06 34.14
N ASN B 76 23.37 15.22 35.19
CA ASN B 76 23.36 14.34 36.35
C ASN B 76 22.32 13.22 36.24
N GLY B 77 21.72 13.09 35.06
CA GLY B 77 20.77 12.03 34.78
C GLY B 77 19.41 12.30 35.40
N GLU B 78 19.08 13.56 35.63
CA GLU B 78 17.78 13.94 36.24
C GLU B 78 16.89 14.63 35.22
N TYR B 79 15.61 14.24 35.18
CA TYR B 79 14.67 14.92 34.28
C TYR B 79 14.10 16.11 35.01
N GLN B 80 14.37 17.30 34.46
CA GLN B 80 13.89 18.55 35.07
C GLN B 80 12.56 18.96 34.45
N ASP B 81 11.48 18.61 35.13
CA ASP B 81 10.15 18.81 34.55
C ASP B 81 9.47 20.12 34.90
N ALA B 82 10.01 20.87 35.88
CA ALA B 82 9.36 22.12 36.25
C ALA B 82 9.84 23.24 35.31
N TYR B 83 9.25 23.29 34.13
CA TYR B 83 9.69 24.19 33.09
C TYR B 83 9.68 25.64 33.54
N ASN B 84 10.80 26.33 33.31
CA ASN B 84 10.95 27.71 33.74
C ASN B 84 12.11 28.33 32.96
N LEU B 85 11.86 29.48 32.36
CA LEU B 85 12.91 30.18 31.60
C LEU B 85 14.06 30.66 32.47
N GLU B 86 13.85 30.64 33.79
CA GLU B 86 14.89 31.03 34.75
C GLU B 86 15.75 29.86 35.21
N ASN B 87 15.34 28.62 34.92
CA ASN B 87 16.14 27.44 35.24
C ASN B 87 17.50 27.47 34.54
N ALA B 88 18.52 26.99 35.26
CA ALA B 88 19.83 26.67 34.67
C ALA B 88 19.67 25.67 33.53
N PHE B 89 18.81 24.69 33.72
CA PHE B 89 18.62 23.65 32.69
C PHE B 89 17.14 23.30 32.59
N ASN B 90 16.62 23.23 31.35
CA ASN B 90 15.28 22.65 31.12
C ASN B 90 15.43 21.37 30.33
N SER B 91 14.76 20.30 30.79
CA SER B 91 14.85 19.02 30.11
C SER B 91 14.04 19.04 28.80
N PHE B 92 13.15 20.02 28.67
CA PHE B 92 12.28 20.14 27.49
C PHE B 92 12.69 21.29 26.58
N GLY B 93 12.59 21.08 25.27
CA GLY B 93 12.77 22.21 24.36
C GLY B 93 12.04 21.97 23.04
N ARG B 94 12.04 23.01 22.22
CA ARG B 94 11.47 22.97 20.87
C ARG B 94 12.44 23.54 19.86
N THR B 95 12.35 23.04 18.62
CA THR B 95 13.07 23.62 17.51
C THR B 95 12.32 23.35 16.19
N ALA B 96 12.83 23.87 15.09
CA ALA B 96 12.14 23.76 13.81
C ALA B 96 13.18 23.91 12.74
N THR B 97 12.90 23.37 11.56
CA THR B 97 13.91 23.52 10.50
C THR B 97 13.80 24.89 9.83
N THR B 98 14.96 25.50 9.51
CA THR B 98 14.93 26.72 8.70
C THR B 98 14.35 26.40 7.32
N PHE B 99 13.63 27.34 6.74
CA PHE B 99 12.95 27.08 5.47
C PHE B 99 13.93 27.07 4.30
N ASP B 100 14.96 27.91 4.40
CA ASP B 100 16.06 27.97 3.42
C ASP B 100 16.95 26.72 3.41
N ALA B 101 17.61 26.43 4.53
CA ALA B 101 18.58 25.34 4.61
C ALA B 101 17.97 24.02 5.11
N GLY B 102 16.79 24.12 5.72
CA GLY B 102 16.15 22.95 6.31
C GLY B 102 16.84 22.43 7.56
N GLU B 103 17.57 23.28 8.29
CA GLU B 103 18.40 22.78 9.42
C GLU B 103 17.83 23.23 10.77
N TRP B 104 17.65 22.29 11.70
CA TRP B 104 17.29 22.69 13.06
C TRP B 104 18.52 22.68 13.97
N THR B 105 18.47 23.44 15.07
CA THR B 105 19.55 23.46 16.06
C THR B 105 18.96 23.45 17.47
N LEU B 106 19.74 22.94 18.42
CA LEU B 106 19.34 22.89 19.82
C LEU B 106 20.62 23.13 20.61
N HIS B 107 20.53 23.94 21.66
CA HIS B 107 21.69 24.18 22.53
C HIS B 107 21.40 23.53 23.88
N THR B 108 22.26 22.61 24.29
CA THR B 108 21.95 21.77 25.46
C THR B 108 23.22 21.30 26.14
N VAL B 109 23.08 20.32 27.04
CA VAL B 109 24.22 19.62 27.60
C VAL B 109 24.07 18.14 27.27
N LYS B 110 25.17 17.38 27.29
CA LYS B 110 25.05 15.95 27.08
C LYS B 110 24.32 15.28 28.26
N PRO B 111 23.26 14.50 27.95
CA PRO B 111 22.49 13.92 29.06
C PRO B 111 23.26 12.83 29.81
N GLY B 112 23.02 12.77 31.13
CA GLY B 112 23.55 11.69 31.95
C GLY B 112 22.73 10.42 31.75
N VAL B 113 23.27 9.29 32.23
CA VAL B 113 22.63 7.96 32.10
C VAL B 113 21.42 7.85 33.06
N VAL B 114 20.32 7.32 32.54
CA VAL B 114 19.16 6.95 33.36
C VAL B 114 18.83 5.45 33.18
N ASN B 115 18.29 4.82 34.22
CA ASN B 115 17.92 3.43 34.13
C ASN B 115 16.53 3.25 33.56
N ASN B 116 16.34 2.14 32.85
CA ASN B 116 14.99 1.72 32.43
C ASN B 116 14.20 1.17 33.65
N ALA B 117 12.97 0.72 33.42
CA ALA B 117 12.11 0.38 34.55
C ALA B 117 12.60 -0.86 35.28
N ALA B 118 13.39 -1.70 34.60
CA ALA B 118 14.00 -2.91 35.19
C ALA B 118 15.33 -2.61 35.92
N GLY B 119 15.73 -1.35 35.94
CA GLY B 119 16.98 -0.92 36.56
C GLY B 119 18.22 -1.06 35.70
N VAL B 120 18.04 -1.26 34.40
CA VAL B 120 19.18 -1.44 33.48
C VAL B 120 19.52 -0.07 32.89
N PRO B 121 20.81 0.34 32.97
CA PRO B 121 21.16 1.66 32.41
C PRO B 121 20.92 1.76 30.91
N MET B 122 20.31 2.88 30.50
CA MET B 122 20.18 3.24 29.09
C MET B 122 21.36 4.11 28.70
N ALA B 123 21.76 4.03 27.44
CA ALA B 123 22.85 4.87 26.95
C ALA B 123 22.34 6.32 26.91
N PRO B 124 23.23 7.31 27.04
CA PRO B 124 22.77 8.71 26.99
C PRO B 124 21.95 8.96 25.73
N HIS B 125 20.80 9.60 25.90
CA HIS B 125 19.91 9.80 24.74
C HIS B 125 19.04 11.06 24.92
N ILE B 126 18.57 11.57 23.79
CA ILE B 126 17.58 12.65 23.78
C ILE B 126 16.33 12.03 23.14
N ASN B 127 15.17 12.19 23.77
CA ASN B 127 13.88 11.75 23.15
C ASN B 127 13.40 12.84 22.23
N ILE B 128 12.98 12.47 21.01
CA ILE B 128 12.58 13.44 20.01
C ILE B 128 11.20 13.08 19.52
N SER B 129 10.35 14.09 19.36
CA SER B 129 9.07 13.91 18.65
C SER B 129 9.04 14.85 17.45
N LEU B 130 8.74 14.30 16.27
CA LEU B 130 8.77 15.03 15.01
C LEU B 130 7.34 15.24 14.46
N PHE B 131 7.03 16.50 14.11
CA PHE B 131 5.72 16.95 13.60
C PHE B 131 5.96 17.71 12.30
N ALA B 132 5.02 17.60 11.36
CA ALA B 132 5.09 18.36 10.12
C ALA B 132 3.86 18.13 9.28
N ARG B 133 3.65 19.05 8.34
CA ARG B 133 2.77 18.77 7.20
C ARG B 133 3.09 17.39 6.64
N GLY B 134 2.04 16.61 6.38
CA GLY B 134 2.23 15.26 5.84
C GLY B 134 2.41 14.20 6.89
N ILE B 135 2.63 14.59 8.15
CA ILE B 135 2.81 13.64 9.25
C ILE B 135 1.52 13.66 10.09
N ASN B 136 0.73 12.59 9.99
CA ASN B 136 -0.60 12.57 10.60
C ASN B 136 -0.57 12.39 12.12
N ILE B 137 0.41 11.61 12.57
CA ILE B 137 0.66 11.44 14.02
C ILE B 137 2.18 11.54 14.19
N HIS B 138 2.61 12.29 15.21
CA HIS B 138 4.02 12.56 15.33
C HIS B 138 4.86 11.29 15.45
N LEU B 139 6.11 11.40 15.02
CA LEU B 139 7.05 10.26 15.03
C LEU B 139 7.99 10.39 16.21
N HIS B 140 8.11 9.32 16.99
CA HIS B 140 9.04 9.30 18.15
C HIS B 140 10.37 8.70 17.73
N THR B 141 11.47 9.33 18.13
CA THR B 141 12.76 8.67 17.94
C THR B 141 13.70 9.00 19.11
N ARG B 142 14.92 8.50 19.09
CA ARG B 142 15.91 8.87 20.12
C ARG B 142 17.19 9.20 19.39
N LEU B 143 17.90 10.19 19.92
CA LEU B 143 19.23 10.55 19.43
C LEU B 143 20.24 10.04 20.48
N TYR B 144 21.10 9.12 20.07
CA TYR B 144 22.22 8.65 20.89
C TYR B 144 23.53 9.23 20.31
N PHE B 145 24.66 8.99 20.97
CA PHE B 145 25.90 9.71 20.65
C PHE B 145 27.01 8.75 20.19
N ASP B 146 27.72 9.09 19.11
CA ASP B 146 28.69 8.12 18.55
C ASP B 146 29.92 7.93 19.42
N ASP B 147 30.11 8.80 20.42
CA ASP B 147 31.24 8.64 21.35
C ASP B 147 30.84 7.94 22.65
N GLU B 148 29.69 7.27 22.61
CA GLU B 148 29.22 6.45 23.72
C GLU B 148 29.05 5.02 23.26
N ALA B 149 29.95 4.56 22.38
CA ALA B 149 29.82 3.22 21.76
C ALA B 149 29.64 2.10 22.78
N GLN B 150 30.39 2.13 23.88
CA GLN B 150 30.28 1.06 24.88
C GLN B 150 28.90 1.00 25.48
N ALA B 151 28.38 2.17 25.86
CA ALA B 151 27.05 2.27 26.45
C ALA B 151 25.98 1.89 25.43
N ASN B 152 26.15 2.37 24.19
CA ASN B 152 25.15 2.13 23.14
C ASN B 152 24.98 0.63 22.89
N ALA B 153 26.10 -0.10 22.90
CA ALA B 153 26.09 -1.53 22.61
C ALA B 153 25.32 -2.33 23.65
N LYS B 154 25.21 -1.78 24.85
CA LYS B 154 24.52 -2.42 26.00
C LYS B 154 23.14 -1.83 26.28
N CYS B 155 22.71 -0.83 25.51
CA CYS B 155 21.44 -0.15 25.83
C CYS B 155 20.25 -1.09 25.60
N PRO B 156 19.40 -1.28 26.62
CA PRO B 156 18.26 -2.20 26.48
C PRO B 156 17.19 -1.68 25.51
N VAL B 157 17.21 -0.39 25.17
CA VAL B 157 16.27 0.12 24.14
C VAL B 157 16.84 -0.10 22.74
N LEU B 158 18.10 0.27 22.53
CA LEU B 158 18.72 0.00 21.21
C LEU B 158 18.69 -1.50 20.89
N ASN B 159 18.84 -2.34 21.91
CA ASN B 159 18.84 -3.79 21.69
C ASN B 159 17.48 -4.35 21.29
N LEU B 160 16.41 -3.57 21.43
CA LEU B 160 15.10 -3.99 20.95
C LEU B 160 14.91 -3.81 19.44
N ILE B 161 15.86 -3.11 18.80
CA ILE B 161 15.86 -2.98 17.35
C ILE B 161 16.57 -4.22 16.81
N GLU B 162 15.84 -5.04 16.05
CA GLU B 162 16.30 -6.38 15.71
C GLU B 162 17.59 -6.36 14.86
N GLN B 163 17.68 -5.41 13.93
CA GLN B 163 18.83 -5.31 13.03
C GLN B 163 19.85 -4.24 13.43
N PRO B 164 21.12 -4.65 13.66
CA PRO B 164 22.20 -3.70 13.93
C PRO B 164 22.29 -2.53 12.96
N GLN B 165 22.06 -2.79 11.68
CA GLN B 165 22.12 -1.72 10.69
C GLN B 165 21.10 -0.62 11.02
N ARG B 166 19.92 -1.01 11.50
CA ARG B 166 18.92 -0.03 11.88
C ARG B 166 19.29 0.73 13.16
N ARG B 167 19.97 0.08 14.10
CA ARG B 167 20.43 0.80 15.29
C ARG B 167 21.30 1.99 14.92
N GLU B 168 22.09 1.85 13.84
CA GLU B 168 22.99 2.92 13.40
C GLU B 168 22.28 4.22 13.04
N THR B 169 21.01 4.13 12.63
CA THR B 169 20.25 5.32 12.26
C THR B 169 20.01 6.26 13.48
N LEU B 170 20.21 5.77 14.70
CA LEU B 170 19.91 6.60 15.89
C LEU B 170 21.17 7.18 16.49
N ILE B 171 22.31 6.98 15.84
CA ILE B 171 23.59 7.40 16.43
C ILE B 171 24.05 8.70 15.78
N ALA B 172 24.01 9.80 16.56
CA ALA B 172 24.40 11.12 16.08
C ALA B 172 25.92 11.18 15.93
N LYS B 173 26.39 11.99 14.97
CA LYS B 173 27.81 12.03 14.62
C LYS B 173 28.47 13.25 15.24
N ARG B 174 29.52 13.00 16.02
CA ARG B 174 30.26 14.11 16.66
C ARG B 174 30.98 14.92 15.59
N CYS B 175 30.90 16.23 15.73
CA CYS B 175 31.47 17.19 14.79
C CYS B 175 31.73 18.50 15.51
N GLU B 176 32.06 19.54 14.74
CA GLU B 176 32.31 20.86 15.30
C GLU B 176 31.64 21.92 14.46
N VAL B 177 30.90 22.79 15.12
CA VAL B 177 30.21 23.90 14.47
C VAL B 177 30.77 25.17 15.10
N ASP B 178 31.34 26.04 14.26
CA ASP B 178 32.11 27.21 14.73
C ASP B 178 33.12 26.87 15.85
N GLY B 179 33.75 25.71 15.75
CA GLY B 179 34.78 25.31 16.69
C GLY B 179 34.27 24.63 17.95
N LYS B 180 32.95 24.54 18.09
CA LYS B 180 32.32 24.02 19.30
C LYS B 180 31.80 22.60 19.11
N THR B 181 31.82 21.83 20.20
CA THR B 181 31.40 20.45 20.14
C THR B 181 29.94 20.41 19.70
N ALA B 182 29.67 19.56 18.72
CA ALA B 182 28.30 19.40 18.21
C ALA B 182 28.06 17.93 17.84
N TYR B 183 26.78 17.56 17.68
CA TYR B 183 26.47 16.27 17.13
C TYR B 183 25.40 16.50 16.09
N ARG B 184 25.58 15.88 14.92
CA ARG B 184 24.60 15.96 13.85
C ARG B 184 23.72 14.74 13.87
N PHE B 185 22.40 14.97 13.81
CA PHE B 185 21.42 13.89 13.83
C PHE B 185 20.44 14.12 12.68
N ASP B 186 20.74 13.59 11.50
CA ASP B 186 19.78 13.69 10.40
C ASP B 186 18.70 12.61 10.54
N ILE B 187 17.47 12.92 10.14
CA ILE B 187 16.35 11.98 10.21
C ILE B 187 15.89 11.72 8.78
N ARG B 188 15.72 10.45 8.44
CA ARG B 188 15.19 10.07 7.11
C ARG B 188 13.86 9.39 7.41
N ILE B 189 12.78 10.05 7.00
CA ILE B 189 11.44 9.58 7.36
C ILE B 189 11.15 8.25 6.66
N GLN B 190 11.67 8.09 5.44
CA GLN B 190 11.22 7.00 4.56
C GLN B 190 12.32 6.57 3.62
N GLY B 191 12.48 5.27 3.46
CA GLY B 191 13.32 4.73 2.39
C GLY B 191 14.70 4.30 2.84
N GLU B 192 15.69 4.56 2.00
CA GLU B 192 17.06 4.16 2.31
C GLU B 192 17.54 4.92 3.56
N GLY B 193 18.05 4.16 4.53
CA GLY B 193 18.55 4.72 5.79
C GLY B 193 17.43 5.23 6.69
N GLU B 194 16.21 4.73 6.48
CA GLU B 194 15.06 5.17 7.26
C GLU B 194 15.35 5.12 8.76
N THR B 195 15.12 6.24 9.44
CA THR B 195 15.33 6.35 10.89
C THR B 195 14.36 5.47 11.66
N VAL B 196 14.84 4.78 12.68
CA VAL B 196 13.97 4.00 13.56
C VAL B 196 13.00 4.93 14.30
N PHE B 197 11.72 4.59 14.25
CA PHE B 197 10.72 5.34 15.02
C PHE B 197 10.07 4.38 15.98
N PHE B 198 9.73 4.89 17.16
CA PHE B 198 9.24 4.07 18.28
C PHE B 198 7.75 4.23 18.53
N ASP B 199 7.18 3.17 19.11
CA ASP B 199 5.86 3.23 19.73
C ASP B 199 6.03 2.91 21.20
N PHE B 200 5.34 3.64 22.07
CA PHE B 200 5.34 3.34 23.49
C PHE B 200 4.11 3.97 24.10
N PRO C 1 -24.65 18.61 0.34
CA PRO C 1 -24.13 19.50 -0.72
C PRO C 1 -24.73 19.10 -2.05
N ILE C 2 -24.48 19.93 -3.06
CA ILE C 2 -24.94 19.66 -4.42
C ILE C 2 -24.13 18.52 -5.03
N GLU C 3 -24.83 17.46 -5.44
CA GLU C 3 -24.18 16.31 -6.08
C GLU C 3 -24.73 16.17 -7.49
N LEU C 4 -23.84 16.26 -8.46
CA LEU C 4 -24.23 16.12 -9.87
C LEU C 4 -24.30 14.65 -10.28
N LEU C 5 -24.72 14.36 -11.51
CA LEU C 5 -24.59 12.98 -12.00
C LEU C 5 -23.12 12.58 -11.90
N PRO C 6 -22.82 11.37 -11.42
CA PRO C 6 -21.44 10.92 -11.38
C PRO C 6 -20.88 10.69 -12.79
N GLU C 7 -19.60 11.01 -12.99
CA GLU C 7 -18.94 10.74 -14.28
C GLU C 7 -18.84 9.21 -14.46
N THR C 8 -18.96 8.76 -15.69
CA THR C 8 -18.71 7.35 -16.01
C THR C 8 -17.28 6.98 -15.58
N PRO C 9 -17.10 5.89 -14.81
CA PRO C 9 -15.73 5.60 -14.33
C PRO C 9 -14.84 5.04 -15.43
N SER C 10 -13.55 5.37 -15.34
CA SER C 10 -12.55 4.90 -16.26
C SER C 10 -12.29 3.40 -16.10
N GLN C 11 -11.74 2.81 -17.16
CA GLN C 11 -11.17 1.46 -17.05
C GLN C 11 -9.96 1.45 -17.94
N THR C 12 -9.12 0.45 -17.73
CA THR C 12 -7.90 0.32 -18.53
C THR C 12 -8.27 0.18 -20.00
N ALA C 13 -7.42 0.71 -20.88
CA ALA C 13 -7.61 0.47 -22.32
C ALA C 13 -7.30 -1.00 -22.71
N GLY C 14 -6.51 -1.68 -21.88
CA GLY C 14 -6.13 -3.07 -22.13
C GLY C 14 -5.10 -3.23 -23.25
N PRO C 15 -4.58 -4.44 -23.41
CA PRO C 15 -3.47 -4.68 -24.34
C PRO C 15 -3.87 -4.70 -25.81
N TYR C 16 -5.17 -4.73 -26.09
CA TYR C 16 -5.62 -4.73 -27.49
C TYR C 16 -6.20 -3.41 -27.93
N VAL C 17 -5.92 -2.33 -27.19
CA VAL C 17 -6.34 -0.97 -27.53
C VAL C 17 -6.09 -0.60 -29.00
N HIS C 18 -5.02 -1.17 -29.57
CA HIS C 18 -4.66 -0.79 -30.92
CA HIS C 18 -4.63 -0.89 -30.95
C HIS C 18 -5.71 -1.24 -31.95
N ILE C 19 -6.47 -2.30 -31.69
CA ILE C 19 -7.62 -2.78 -32.53
CA ILE C 19 -7.46 -2.69 -32.67
C ILE C 19 -8.52 -1.60 -32.85
N GLY C 20 -8.81 -0.84 -31.80
CA GLY C 20 -9.77 0.24 -31.90
C GLY C 20 -9.18 1.61 -32.24
N LEU C 21 -7.94 1.86 -31.82
CA LEU C 21 -7.41 3.22 -31.86
C LEU C 21 -6.07 3.36 -32.57
N ALA C 22 -5.49 2.25 -33.00
CA ALA C 22 -4.17 2.25 -33.68
C ALA C 22 -4.10 1.06 -34.63
N LEU C 23 -4.89 1.12 -35.70
CA LEU C 23 -5.29 -0.06 -36.45
C LEU C 23 -4.13 -0.89 -37.06
N GLU C 24 -3.20 -0.18 -37.66
CA GLU C 24 -1.97 -0.76 -38.20
C GLU C 24 -1.30 -1.68 -37.15
N ALA C 25 -1.10 -1.13 -35.94
CA ALA C 25 -0.33 -1.78 -34.90
C ALA C 25 -0.95 -3.11 -34.45
N ALA C 26 -2.27 -3.23 -34.51
CA ALA C 26 -2.95 -4.48 -34.15
C ALA C 26 -2.67 -5.61 -35.16
N GLY C 27 -2.14 -5.21 -36.31
CA GLY C 27 -1.96 -6.11 -37.44
C GLY C 27 -3.13 -6.07 -38.41
N ASN C 28 -3.86 -4.95 -38.38
CA ASN C 28 -5.15 -4.83 -39.06
C ASN C 28 -5.21 -3.76 -40.17
N PRO C 29 -6.11 -3.96 -41.15
CA PRO C 29 -6.33 -2.95 -42.20
C PRO C 29 -6.85 -1.62 -41.67
N THR C 30 -6.43 -0.54 -42.29
CA THR C 30 -6.94 0.78 -41.93
C THR C 30 -8.14 1.22 -42.74
N ARG C 31 -8.89 2.17 -42.18
CA ARG C 31 -10.01 2.77 -42.88
C ARG C 31 -9.46 3.93 -43.71
N ASP C 32 -10.31 4.56 -44.51
CA ASP C 32 -9.86 5.66 -45.37
C ASP C 32 -9.21 6.80 -44.57
N GLN C 33 -9.81 7.17 -43.43
CA GLN C 33 -9.28 8.27 -42.63
C GLN C 33 -8.98 7.80 -41.22
N GLU C 34 -7.72 7.97 -40.80
CA GLU C 34 -7.30 7.60 -39.45
C GLU C 34 -6.66 8.78 -38.76
N ILE C 35 -6.84 8.83 -37.44
CA ILE C 35 -6.21 9.82 -36.58
C ILE C 35 -4.88 9.26 -36.13
N TRP C 36 -3.79 9.83 -36.61
CA TRP C 36 -2.49 9.23 -36.30
C TRP C 36 -1.43 10.26 -35.90
N ASN C 37 -0.17 9.97 -36.22
CA ASN C 37 0.96 10.64 -35.54
C ASN C 37 1.64 11.74 -36.33
N ARG C 38 1.02 12.14 -37.44
CA ARG C 38 1.54 13.25 -38.25
C ARG C 38 0.66 14.47 -38.08
N LEU C 39 1.06 15.36 -37.18
CA LEU C 39 0.27 16.55 -36.89
C LEU C 39 0.46 17.60 -37.96
N ALA C 40 1.65 17.60 -38.58
CA ALA C 40 1.98 18.63 -39.56
C ALA C 40 2.36 18.03 -40.91
N LYS C 41 1.74 18.55 -41.95
CA LYS C 41 2.19 18.33 -43.33
C LYS C 41 3.46 19.17 -43.53
N PRO C 42 4.29 18.82 -44.54
CA PRO C 42 5.55 19.56 -44.78
C PRO C 42 5.43 21.07 -44.85
N ASP C 43 4.32 21.56 -45.42
CA ASP C 43 4.12 22.99 -45.68
C ASP C 43 3.58 23.80 -44.49
N ALA C 44 3.37 23.14 -43.35
CA ALA C 44 2.89 23.84 -42.16
C ALA C 44 3.96 24.81 -41.67
N PRO C 45 3.54 26.04 -41.29
CA PRO C 45 4.45 27.01 -40.67
C PRO C 45 5.02 26.48 -39.34
N GLY C 46 6.24 26.91 -39.03
CA GLY C 46 6.87 26.55 -37.76
C GLY C 46 8.08 25.67 -37.94
N GLU C 47 8.74 25.35 -36.82
CA GLU C 47 9.91 24.50 -36.84
C GLU C 47 9.47 23.05 -36.82
N HIS C 48 9.72 22.33 -37.92
CA HIS C 48 9.32 20.93 -37.98
C HIS C 48 10.22 20.07 -37.11
N ILE C 49 9.59 19.26 -36.26
CA ILE C 49 10.31 18.42 -35.31
C ILE C 49 9.80 16.99 -35.28
N LEU C 50 10.72 16.08 -34.98
CA LEU C 50 10.37 14.71 -34.70
C LEU C 50 10.43 14.53 -33.20
N LEU C 51 9.36 13.97 -32.63
CA LEU C 51 9.38 13.56 -31.22
C LEU C 51 9.38 12.05 -31.12
N LEU C 52 10.12 11.53 -30.15
CA LEU C 52 10.15 10.11 -29.92
C LEU C 52 10.39 9.81 -28.45
N GLY C 53 10.02 8.60 -28.04
CA GLY C 53 10.18 8.20 -26.66
C GLY C 53 9.85 6.76 -26.37
N GLN C 54 10.28 6.33 -25.20
CA GLN C 54 9.99 5.01 -24.66
C GLN C 54 9.34 5.18 -23.31
N VAL C 55 8.58 4.16 -22.90
CA VAL C 55 7.79 4.19 -21.66
C VAL C 55 8.25 3.05 -20.77
N TYR C 56 8.54 3.36 -19.51
CA TYR C 56 9.09 2.36 -18.59
C TYR C 56 8.17 2.15 -17.41
N ASP C 57 8.06 0.90 -16.98
CA ASP C 57 7.33 0.58 -15.74
C ASP C 57 8.23 0.72 -14.50
N GLY C 58 7.69 0.37 -13.33
CA GLY C 58 8.41 0.51 -12.05
C GLY C 58 9.62 -0.38 -11.83
N ASN C 59 9.76 -1.39 -12.68
CA ASN C 59 10.91 -2.29 -12.68
C ASN C 59 11.95 -1.93 -13.74
N GLY C 60 11.73 -0.79 -14.40
CA GLY C 60 12.59 -0.30 -15.46
C GLY C 60 12.45 -1.02 -16.80
N HIS C 61 11.36 -1.75 -16.98
CA HIS C 61 11.14 -2.49 -18.22
C HIS C 61 10.21 -1.75 -19.15
N LEU C 62 10.45 -1.90 -20.45
CA LEU C 62 9.67 -1.20 -21.47
C LEU C 62 8.19 -1.59 -21.44
N VAL C 63 7.37 -0.55 -21.62
CA VAL C 63 5.92 -0.74 -21.76
C VAL C 63 5.68 -0.74 -23.25
N ARG C 64 5.49 -1.93 -23.79
CA ARG C 64 5.45 -2.11 -25.23
C ARG C 64 4.08 -1.96 -25.83
N ASP C 65 3.06 -1.78 -24.99
CA ASP C 65 1.68 -1.68 -25.46
C ASP C 65 1.03 -0.33 -25.10
N SER C 66 1.86 0.71 -24.96
CA SER C 66 1.41 2.09 -24.68
C SER C 66 0.61 2.71 -25.83
N PHE C 67 -0.41 3.48 -25.47
CA PHE C 67 -1.16 4.30 -26.41
C PHE C 67 -1.14 5.74 -25.89
N LEU C 68 -0.71 6.67 -26.74
CA LEU C 68 -0.60 8.08 -26.37
C LEU C 68 -1.42 9.00 -27.24
N GLU C 69 -2.09 9.98 -26.60
CA GLU C 69 -2.78 11.04 -27.28
C GLU C 69 -2.13 12.36 -26.94
N VAL C 70 -1.99 13.23 -27.95
CA VAL C 70 -1.29 14.49 -27.75
C VAL C 70 -2.13 15.66 -28.22
N TRP C 71 -1.92 16.81 -27.60
CA TRP C 71 -2.70 18.01 -27.88
C TRP C 71 -1.74 19.16 -27.70
N GLN C 72 -1.54 19.96 -28.75
CA GLN C 72 -0.58 21.06 -28.67
C GLN C 72 -0.99 22.25 -29.52
N ALA C 73 -0.49 23.44 -29.19
CA ALA C 73 -0.74 24.61 -30.01
C ALA C 73 0.05 24.52 -31.33
N ASP C 74 -0.41 25.26 -32.35
CA ASP C 74 0.38 25.40 -33.59
C ASP C 74 1.57 26.34 -33.30
N ALA C 75 2.38 26.61 -34.30
CA ALA C 75 3.60 27.42 -34.08
C ALA C 75 3.30 28.84 -33.60
N ASN C 76 2.08 29.32 -33.87
CA ASN C 76 1.64 30.65 -33.47
CA ASN C 76 1.62 30.66 -33.49
C ASN C 76 0.93 30.65 -32.10
N GLY C 77 1.00 29.53 -31.39
CA GLY C 77 0.40 29.45 -30.04
C GLY C 77 -1.12 29.39 -30.02
N GLU C 78 -1.73 28.90 -31.10
CA GLU C 78 -3.18 28.72 -31.22
C GLU C 78 -3.55 27.22 -31.28
N TYR C 79 -4.54 26.81 -30.48
CA TYR C 79 -5.06 25.44 -30.57
C TYR C 79 -6.05 25.33 -31.71
N GLN C 80 -5.84 24.32 -32.54
CA GLN C 80 -6.68 24.13 -33.71
C GLN C 80 -7.58 22.92 -33.50
N ASP C 81 -8.82 23.18 -33.11
CA ASP C 81 -9.75 22.09 -32.77
C ASP C 81 -10.50 21.48 -33.94
N ALA C 82 -10.53 22.16 -35.09
CA ALA C 82 -11.27 21.65 -36.23
C ALA C 82 -10.46 20.57 -36.96
N TYR C 83 -10.55 19.33 -36.45
CA TYR C 83 -9.72 18.25 -36.95
C TYR C 83 -10.12 17.87 -38.37
N ASN C 84 -9.13 17.83 -39.26
CA ASN C 84 -9.38 17.54 -40.67
C ASN C 84 -8.07 17.06 -41.31
N LEU C 85 -8.08 15.92 -41.98
CA LEU C 85 -6.83 15.40 -42.57
C LEU C 85 -6.37 16.22 -43.78
N GLU C 86 -7.20 17.16 -44.20
CA GLU C 86 -6.83 18.13 -45.24
C GLU C 86 -5.98 19.29 -44.70
N ASN C 87 -6.08 19.56 -43.39
CA ASN C 87 -5.33 20.64 -42.76
C ASN C 87 -3.83 20.47 -42.86
N ALA C 88 -3.10 21.58 -43.00
CA ALA C 88 -1.65 21.51 -42.96
C ALA C 88 -1.18 21.17 -41.54
N PHE C 89 -2.01 21.54 -40.56
CA PHE C 89 -1.71 21.27 -39.16
C PHE C 89 -2.96 20.87 -38.36
N ASN C 90 -2.84 19.81 -37.57
CA ASN C 90 -3.85 19.50 -36.54
C ASN C 90 -3.18 19.54 -35.18
N SER C 91 -3.89 20.07 -34.18
CA SER C 91 -3.38 20.17 -32.80
C SER C 91 -3.41 18.83 -32.06
N PHE C 92 -4.14 17.86 -32.61
CA PHE C 92 -4.35 16.57 -31.96
C PHE C 92 -3.71 15.47 -32.76
N GLY C 93 -3.12 14.49 -32.06
CA GLY C 93 -2.62 13.28 -32.70
C GLY C 93 -2.58 12.09 -31.76
N ARG C 94 -2.24 10.94 -32.32
CA ARG C 94 -2.17 9.69 -31.59
C ARG C 94 -0.91 8.96 -32.00
N THR C 95 -0.31 8.26 -31.06
CA THR C 95 0.80 7.36 -31.35
C THR C 95 0.79 6.17 -30.40
N ALA C 96 1.74 5.25 -30.54
CA ALA C 96 1.72 4.01 -29.79
C ALA C 96 3.14 3.46 -29.80
N THR C 97 3.49 2.66 -28.80
CA THR C 97 4.84 2.07 -28.79
C THR C 97 4.98 0.80 -29.65
N THR C 98 6.07 0.67 -30.43
CA THR C 98 6.31 -0.60 -31.14
C THR C 98 6.39 -1.77 -30.14
N PHE C 99 5.78 -2.90 -30.47
CA PHE C 99 5.87 -4.11 -29.62
C PHE C 99 7.29 -4.67 -29.48
N ASP C 100 8.08 -4.54 -30.53
CA ASP C 100 9.50 -4.94 -30.56
C ASP C 100 10.43 -4.00 -29.76
N ALA C 101 10.61 -2.78 -30.27
CA ALA C 101 11.54 -1.80 -29.73
C ALA C 101 10.99 -0.96 -28.56
N GLY C 102 9.66 -0.85 -28.52
CA GLY C 102 8.96 -0.01 -27.56
C GLY C 102 9.04 1.49 -27.75
N GLU C 103 9.29 1.98 -28.97
CA GLU C 103 9.47 3.42 -29.18
C GLU C 103 8.23 3.96 -29.92
N TRP C 104 7.72 5.13 -29.48
CA TRP C 104 6.72 5.88 -30.23
C TRP C 104 7.37 7.06 -30.96
N THR C 105 6.72 7.52 -32.02
CA THR C 105 7.14 8.73 -32.75
C THR C 105 5.95 9.64 -33.08
N LEU C 106 6.23 10.93 -33.20
CA LEU C 106 5.29 11.99 -33.59
C LEU C 106 6.00 12.91 -34.57
N HIS C 107 5.27 13.38 -35.56
CA HIS C 107 5.80 14.36 -36.52
C HIS C 107 4.97 15.61 -36.41
N THR C 108 5.59 16.70 -35.98
CA THR C 108 4.86 17.90 -35.61
C THR C 108 5.69 19.16 -35.82
N VAL C 109 5.20 20.28 -35.32
CA VAL C 109 5.98 21.51 -35.24
C VAL C 109 6.11 21.88 -33.78
N LYS C 110 7.15 22.62 -33.41
CA LYS C 110 7.28 23.12 -32.06
C LYS C 110 6.15 24.10 -31.74
N PRO C 111 5.41 23.87 -30.64
CA PRO C 111 4.29 24.73 -30.32
C PRO C 111 4.72 26.11 -29.88
N GLY C 112 3.94 27.14 -30.25
CA GLY C 112 4.12 28.48 -29.73
C GLY C 112 3.69 28.64 -28.28
N VAL C 113 4.04 29.76 -27.69
CA VAL C 113 3.67 30.09 -26.30
C VAL C 113 2.18 30.39 -26.14
N VAL C 114 1.59 29.84 -25.08
CA VAL C 114 0.20 30.01 -24.72
C VAL C 114 0.09 30.55 -23.28
N ASN C 115 -0.77 31.56 -23.05
CA ASN C 115 -0.96 32.07 -21.69
C ASN C 115 -1.90 31.17 -20.88
N ASN C 116 -1.66 31.09 -19.58
CA ASN C 116 -2.61 30.43 -18.66
C ASN C 116 -3.84 31.33 -18.43
N ALA C 117 -4.75 30.90 -17.56
CA ALA C 117 -6.02 31.61 -17.38
C ALA C 117 -5.83 32.98 -16.73
N ALA C 118 -4.72 33.16 -16.01
CA ALA C 118 -4.37 34.45 -15.37
C ALA C 118 -3.56 35.37 -16.29
N GLY C 119 -3.29 34.92 -17.50
CA GLY C 119 -2.57 35.71 -18.49
C GLY C 119 -1.06 35.57 -18.42
N VAL C 120 -0.58 34.57 -17.67
CA VAL C 120 0.87 34.35 -17.52
C VAL C 120 1.31 33.36 -18.59
N PRO C 121 2.35 33.71 -19.37
CA PRO C 121 2.83 32.81 -20.43
C PRO C 121 3.31 31.44 -19.89
N MET C 122 2.88 30.36 -20.55
CA MET C 122 3.42 29.03 -20.23
C MET C 122 4.53 28.72 -21.22
N ALA C 123 5.49 27.90 -20.79
CA ALA C 123 6.58 27.53 -21.70
C ALA C 123 6.01 26.61 -22.78
N PRO C 124 6.63 26.57 -23.99
CA PRO C 124 6.09 25.68 -25.03
C PRO C 124 5.94 24.24 -24.53
N HIS C 125 4.78 23.64 -24.75
CA HIS C 125 4.53 22.29 -24.23
C HIS C 125 3.58 21.52 -25.13
N ILE C 126 3.69 20.20 -25.08
CA ILE C 126 2.70 19.31 -25.68
C ILE C 126 1.99 18.58 -24.52
N ASN C 127 0.67 18.60 -24.53
CA ASN C 127 -0.09 17.82 -23.55
C ASN C 127 -0.17 16.36 -24.00
N ILE C 128 0.07 15.43 -23.06
CA ILE C 128 0.10 14.01 -23.36
C ILE C 128 -0.83 13.28 -22.40
N SER C 129 -1.65 12.39 -22.94
CA SER C 129 -2.41 11.43 -22.13
C SER C 129 -1.91 10.03 -22.45
N LEU C 130 -1.57 9.25 -21.42
CA LEU C 130 -0.97 7.94 -21.59
C LEU C 130 -1.95 6.83 -21.13
N PHE C 131 -2.22 5.89 -22.03
CA PHE C 131 -3.12 4.75 -21.77
C PHE C 131 -2.37 3.43 -21.99
N ALA C 132 -2.73 2.37 -21.25
CA ALA C 132 -2.14 1.05 -21.45
C ALA C 132 -2.79 0.02 -20.54
N ARG C 133 -2.61 -1.26 -20.90
CA ARG C 133 -2.75 -2.36 -19.97
C ARG C 133 -2.11 -1.97 -18.63
N GLY C 134 -2.84 -2.20 -17.53
CA GLY C 134 -2.32 -1.90 -16.19
C GLY C 134 -2.53 -0.46 -15.74
N ILE C 135 -2.95 0.42 -16.63
CA ILE C 135 -3.22 1.83 -16.29
C ILE C 135 -4.76 2.00 -16.24
N ASN C 136 -5.29 2.17 -15.04
CA ASN C 136 -6.76 2.14 -14.86
C ASN C 136 -7.44 3.42 -15.30
N ILE C 137 -6.77 4.54 -15.07
CA ILE C 137 -7.21 5.83 -15.59
C ILE C 137 -5.97 6.48 -16.21
N HIS C 138 -6.14 7.08 -17.39
CA HIS C 138 -4.99 7.61 -18.12
C HIS C 138 -4.20 8.66 -17.34
N LEU C 139 -2.91 8.71 -17.65
CA LEU C 139 -1.98 9.62 -16.97
C LEU C 139 -1.76 10.83 -17.83
N HIS C 140 -1.93 12.01 -17.25
CA HIS C 140 -1.68 13.29 -17.93
C HIS C 140 -0.26 13.75 -17.67
N THR C 141 0.43 14.16 -18.72
CA THR C 141 1.72 14.83 -18.50
C THR C 141 1.94 15.92 -19.53
N ARG C 142 3.08 16.61 -19.45
CA ARG C 142 3.45 17.61 -20.44
C ARG C 142 4.87 17.36 -20.87
N LEU C 143 5.12 17.55 -22.15
CA LEU C 143 6.45 17.50 -22.71
C LEU C 143 6.88 18.95 -22.95
N TYR C 144 7.95 19.36 -22.27
CA TYR C 144 8.59 20.66 -22.50
C TYR C 144 9.92 20.41 -23.21
N PHE C 145 10.62 21.48 -23.61
CA PHE C 145 11.78 21.37 -24.49
C PHE C 145 13.05 21.89 -23.81
N ASP C 146 14.16 21.15 -23.88
CA ASP C 146 15.41 21.57 -23.18
C ASP C 146 16.08 22.81 -23.75
N ASP C 147 15.64 23.24 -24.94
CA ASP C 147 16.17 24.49 -25.51
C ASP C 147 15.28 25.71 -25.23
N GLU C 148 14.37 25.54 -24.27
CA GLU C 148 13.53 26.65 -23.78
C GLU C 148 13.78 26.90 -22.29
N ALA C 149 15.04 26.79 -21.85
CA ALA C 149 15.33 26.88 -20.41
C ALA C 149 14.80 28.15 -19.75
N GLN C 150 14.93 29.30 -20.42
CA GLN C 150 14.45 30.57 -19.83
C GLN C 150 12.95 30.55 -19.60
N ALA C 151 12.19 30.16 -20.61
CA ALA C 151 10.74 30.01 -20.49
C ALA C 151 10.36 28.94 -19.47
N ASN C 152 11.02 27.78 -19.52
CA ASN C 152 10.72 26.69 -18.58
C ASN C 152 10.84 27.15 -17.11
N ALA C 153 11.89 27.92 -16.83
CA ALA C 153 12.11 28.41 -15.47
C ALA C 153 10.99 29.33 -14.97
N LYS C 154 10.31 29.99 -15.90
CA LYS C 154 9.23 30.92 -15.57
C LYS C 154 7.81 30.33 -15.74
N CYS C 155 7.71 29.06 -16.15
CA CYS C 155 6.40 28.48 -16.44
C CYS C 155 5.57 28.30 -15.16
N PRO C 156 4.36 28.89 -15.11
CA PRO C 156 3.53 28.81 -13.91
C PRO C 156 3.04 27.39 -13.65
N VAL C 157 3.07 26.51 -14.66
CA VAL C 157 2.69 25.10 -14.44
C VAL C 157 3.89 24.32 -13.90
N LEU C 158 5.06 24.49 -14.52
CA LEU C 158 6.26 23.84 -13.98
C LEU C 158 6.50 24.24 -12.53
N ASN C 159 6.21 25.51 -12.22
CA ASN C 159 6.44 26.06 -10.88
C ASN C 159 5.50 25.53 -9.80
N LEU C 160 4.43 24.85 -10.21
CA LEU C 160 3.57 24.17 -9.27
C LEU C 160 4.12 22.81 -8.80
N ILE C 161 5.16 22.33 -9.48
CA ILE C 161 5.85 21.13 -9.02
C ILE C 161 6.82 21.59 -7.93
N GLU C 162 6.59 21.14 -6.68
CA GLU C 162 7.34 21.65 -5.50
C GLU C 162 8.85 21.44 -5.57
N GLN C 163 9.29 20.25 -6.03
CA GLN C 163 10.71 19.93 -6.15
C GLN C 163 11.31 20.16 -7.54
N PRO C 164 12.36 20.99 -7.62
CA PRO C 164 12.97 21.28 -8.92
C PRO C 164 13.42 20.03 -9.69
N GLN C 165 13.87 19.02 -8.94
CA GLN C 165 14.35 17.79 -9.53
C GLN C 165 13.25 17.07 -10.30
N ARG C 166 12.00 17.20 -9.83
CA ARG C 166 10.90 16.52 -10.53
C ARG C 166 10.53 17.29 -11.79
N ARG C 167 10.75 18.61 -11.79
CA ARG C 167 10.49 19.40 -13.00
C ARG C 167 11.31 18.88 -14.17
N GLU C 168 12.52 18.38 -13.88
CA GLU C 168 13.44 17.88 -14.91
C GLU C 168 12.81 16.70 -15.68
N THR C 169 11.91 15.97 -15.03
CA THR C 169 11.30 14.81 -15.69
C THR C 169 10.44 15.19 -16.88
N LEU C 170 10.06 16.47 -17.00
CA LEU C 170 9.18 16.91 -18.09
C LEU C 170 9.91 17.58 -19.25
N ILE C 171 11.24 17.55 -19.22
CA ILE C 171 12.04 18.27 -20.20
C ILE C 171 12.62 17.30 -21.24
N ALA C 172 12.14 17.40 -22.48
CA ALA C 172 12.59 16.51 -23.57
C ALA C 172 13.98 16.96 -24.04
N LYS C 173 14.78 16.00 -24.48
CA LYS C 173 16.19 16.23 -24.87
C LYS C 173 16.36 16.37 -26.38
N ARG C 174 16.82 17.55 -26.81
CA ARG C 174 17.06 17.84 -28.23
C ARG C 174 18.20 16.98 -28.76
N CYS C 175 17.98 16.43 -29.95
CA CYS C 175 18.97 15.63 -30.67
C CYS C 175 18.76 15.85 -32.17
N GLU C 176 19.48 15.07 -32.97
CA GLU C 176 19.26 15.05 -34.40
C GLU C 176 19.08 13.59 -34.83
N VAL C 177 18.04 13.34 -35.63
CA VAL C 177 17.78 12.01 -36.21
C VAL C 177 17.86 12.15 -37.73
N ASP C 178 18.81 11.44 -38.33
CA ASP C 178 19.36 11.75 -39.67
C ASP C 178 19.11 13.17 -40.21
N GLY C 179 19.85 14.13 -39.65
CA GLY C 179 19.82 15.52 -40.11
C GLY C 179 18.68 16.40 -39.65
N LYS C 180 17.64 15.80 -39.05
CA LYS C 180 16.40 16.51 -38.68
C LYS C 180 16.32 16.74 -37.16
N THR C 181 15.84 17.91 -36.76
CA THR C 181 15.68 18.23 -35.34
C THR C 181 14.71 17.25 -34.68
N ALA C 182 15.11 16.69 -33.53
CA ALA C 182 14.28 15.74 -32.78
C ALA C 182 14.39 16.02 -31.29
N TYR C 183 13.37 15.56 -30.53
CA TYR C 183 13.48 15.53 -29.06
C TYR C 183 13.05 14.16 -28.54
N ARG C 184 13.78 13.64 -27.57
CA ARG C 184 13.43 12.39 -26.90
C ARG C 184 12.69 12.77 -25.63
N PHE C 185 11.54 12.12 -25.42
CA PHE C 185 10.81 12.29 -24.18
C PHE C 185 10.42 10.92 -23.63
N ASP C 186 11.24 10.38 -22.72
CA ASP C 186 10.94 9.09 -22.08
C ASP C 186 10.04 9.34 -20.88
N ILE C 187 9.12 8.41 -20.64
CA ILE C 187 8.23 8.50 -19.49
C ILE C 187 8.56 7.34 -18.57
N ARG C 188 8.69 7.62 -17.27
CA ARG C 188 8.90 6.57 -16.24
C ARG C 188 7.65 6.60 -15.37
N ILE C 189 6.84 5.55 -15.45
CA ILE C 189 5.53 5.58 -14.76
C ILE C 189 5.72 5.53 -13.26
N GLN C 190 6.78 4.88 -12.81
CA GLN C 190 6.94 4.53 -11.41
C GLN C 190 8.41 4.40 -10.99
N GLY C 191 8.73 4.96 -9.83
CA GLY C 191 10.01 4.70 -9.17
C GLY C 191 11.04 5.76 -9.44
N GLU C 192 12.28 5.34 -9.63
CA GLU C 192 13.37 6.28 -9.85
C GLU C 192 13.12 7.09 -11.12
N GLY C 193 13.22 8.42 -11.00
CA GLY C 193 12.96 9.33 -12.13
C GLY C 193 11.51 9.38 -12.58
N GLU C 194 10.61 9.02 -11.68
CA GLU C 194 9.19 8.98 -12.02
C GLU C 194 8.73 10.29 -12.63
N THR C 195 8.09 10.19 -13.79
CA THR C 195 7.57 11.35 -14.51
C THR C 195 6.45 12.01 -13.74
N VAL C 196 6.46 13.35 -13.68
CA VAL C 196 5.33 14.08 -13.07
C VAL C 196 4.06 13.82 -13.88
N PHE C 197 2.96 13.47 -13.19
CA PHE C 197 1.64 13.34 -13.80
C PHE C 197 0.72 14.36 -13.15
N PHE C 198 -0.17 14.94 -13.94
CA PHE C 198 -1.04 16.02 -13.47
C PHE C 198 -2.49 15.59 -13.22
N ASP C 199 -3.16 16.33 -12.35
CA ASP C 199 -4.62 16.25 -12.23
C ASP C 199 -5.17 17.64 -12.53
N PHE C 200 -6.22 17.69 -13.33
CA PHE C 200 -6.87 18.96 -13.59
C PHE C 200 -8.32 18.69 -13.98
N PRO D 1 4.91 -44.53 -9.33
CA PRO D 1 5.09 -43.09 -9.11
C PRO D 1 3.74 -42.35 -9.20
N ALA D 2 3.76 -41.05 -8.89
CA ALA D 2 2.54 -40.24 -8.94
C ALA D 2 2.14 -39.90 -10.38
N GLN D 3 0.85 -39.63 -10.59
CA GLN D 3 0.32 -39.26 -11.90
C GLN D 3 -0.42 -37.94 -11.83
N ASP D 4 -0.44 -37.24 -12.97
CA ASP D 4 -1.24 -36.03 -13.14
C ASP D 4 -2.69 -36.36 -13.57
N ASN D 5 -3.55 -36.65 -12.62
CA ASN D 5 -4.94 -36.93 -13.01
C ASN D 5 -5.96 -36.10 -12.27
N SER D 6 -5.51 -35.15 -11.47
CA SER D 6 -6.45 -34.28 -10.80
C SER D 6 -6.10 -32.80 -10.92
N ARG D 7 -7.11 -31.97 -10.69
CA ARG D 7 -6.93 -30.53 -10.67
C ARG D 7 -7.49 -30.04 -9.35
N PHE D 8 -6.95 -28.94 -8.87
CA PHE D 8 -7.36 -28.37 -7.60
C PHE D 8 -7.96 -26.99 -7.77
N VAL D 9 -9.10 -26.77 -7.11
CA VAL D 9 -9.81 -25.49 -7.23
C VAL D 9 -8.87 -24.34 -6.91
N ILE D 10 -8.90 -23.29 -7.72
CA ILE D 10 -7.96 -22.16 -7.51
C ILE D 10 -8.20 -21.47 -6.14
N ARG D 11 -7.11 -21.06 -5.47
CA ARG D 11 -7.24 -20.43 -4.14
C ARG D 11 -7.85 -19.06 -4.26
N ASP D 12 -8.65 -18.69 -3.26
CA ASP D 12 -9.14 -17.33 -3.14
C ASP D 12 -8.20 -16.58 -2.22
N ARG D 13 -7.32 -15.79 -2.84
CA ARG D 13 -6.31 -15.05 -2.09
C ARG D 13 -6.81 -13.74 -1.46
N ASN D 14 -8.12 -13.53 -1.51
CA ASN D 14 -8.78 -12.55 -0.63
C ASN D 14 -9.51 -13.20 0.54
N TRP D 15 -9.56 -14.53 0.55
CA TRP D 15 -10.11 -15.28 1.68
C TRP D 15 -8.99 -15.59 2.64
N HIS D 16 -7.92 -16.17 2.09
CA HIS D 16 -6.64 -16.18 2.81
C HIS D 16 -6.17 -14.76 3.14
N PRO D 17 -5.26 -14.65 4.13
CA PRO D 17 -4.61 -13.37 4.42
C PRO D 17 -3.75 -12.97 3.21
N LYS D 18 -3.77 -11.69 2.86
CA LYS D 18 -2.81 -11.16 1.89
C LYS D 18 -1.39 -11.17 2.47
N ALA D 19 -0.40 -11.00 1.60
CA ALA D 19 1.00 -10.99 2.08
C ALA D 19 1.29 -9.76 2.95
N LEU D 20 0.87 -8.59 2.48
CA LEU D 20 1.20 -7.35 3.19
C LEU D 20 0.01 -6.94 4.10
N THR D 21 0.22 -7.15 5.39
CA THR D 21 -0.78 -6.81 6.42
C THR D 21 -0.05 -6.03 7.53
N PRO D 22 0.18 -4.72 7.32
CA PRO D 22 1.17 -3.99 8.14
C PRO D 22 0.99 -4.01 9.67
N ASP D 23 -0.23 -4.20 10.17
CA ASP D 23 -0.39 -4.24 11.62
C ASP D 23 0.35 -5.44 12.21
N TYR D 24 0.51 -6.50 11.39
CA TYR D 24 1.41 -7.61 11.73
C TYR D 24 2.80 -7.20 11.17
N LYS D 25 3.61 -6.64 12.07
CA LYS D 25 4.76 -5.84 11.64
C LYS D 25 5.79 -6.58 10.80
N THR D 26 6.04 -7.84 11.10
CA THR D 26 7.07 -8.61 10.39
CA THR D 26 7.07 -8.55 10.35
C THR D 26 6.63 -8.87 8.93
N SER D 27 5.34 -8.72 8.64
CA SER D 27 4.89 -8.95 7.26
C SER D 27 5.36 -7.84 6.32
N ILE D 28 5.73 -6.67 6.86
CA ILE D 28 6.05 -5.55 5.99
C ILE D 28 7.28 -5.86 5.12
N ALA D 29 8.35 -6.40 5.73
CA ALA D 29 9.57 -6.63 4.96
C ALA D 29 9.62 -8.06 4.41
N ARG D 30 8.60 -8.86 4.72
CA ARG D 30 8.60 -10.27 4.29
C ARG D 30 7.43 -10.60 3.33
N SER D 31 6.94 -9.58 2.63
CA SER D 31 5.89 -9.74 1.63
C SER D 31 6.43 -9.34 0.25
N PRO D 32 6.15 -10.15 -0.79
CA PRO D 32 6.61 -9.76 -2.12
C PRO D 32 5.91 -8.49 -2.57
N ARG D 33 6.60 -7.63 -3.29
CA ARG D 33 5.94 -6.45 -3.86
C ARG D 33 5.49 -6.68 -5.30
N GLN D 34 6.07 -7.65 -5.99
CA GLN D 34 5.62 -8.01 -7.34
C GLN D 34 4.45 -8.98 -7.26
N ALA D 35 3.62 -8.97 -8.30
CA ALA D 35 2.52 -9.92 -8.37
C ALA D 35 3.03 -11.34 -8.46
N LEU D 36 2.28 -12.27 -7.85
CA LEU D 36 2.51 -13.70 -8.09
C LEU D 36 2.30 -14.01 -9.58
N VAL D 37 3.10 -14.92 -10.11
CA VAL D 37 2.93 -15.36 -11.50
C VAL D 37 2.08 -16.60 -11.51
N SER D 38 0.91 -16.52 -12.16
CA SER D 38 0.06 -17.71 -12.27
C SER D 38 0.63 -18.71 -13.26
N ILE D 39 0.64 -19.98 -12.89
CA ILE D 39 1.03 -21.05 -13.81
C ILE D 39 -0.03 -22.15 -13.83
N PRO D 40 -0.19 -22.83 -14.98
CA PRO D 40 -1.18 -23.90 -15.06
C PRO D 40 -0.75 -25.08 -14.21
N GLN D 41 -1.71 -25.85 -13.71
CA GLN D 41 -1.35 -27.05 -12.95
C GLN D 41 -0.70 -28.07 -13.89
N SER D 42 0.43 -28.62 -13.43
CA SER D 42 1.11 -29.76 -14.07
C SER D 42 1.29 -30.81 -13.02
N ILE D 43 1.86 -31.94 -13.40
CA ILE D 43 2.19 -32.98 -12.42
C ILE D 43 3.07 -32.46 -11.26
N SER D 44 3.90 -31.43 -11.49
CA SER D 44 4.71 -30.88 -10.39
C SER D 44 3.85 -30.34 -9.24
N GLU D 45 2.69 -29.79 -9.56
CA GLU D 45 1.84 -29.11 -8.56
C GLU D 45 0.72 -29.99 -8.05
N THR D 46 0.32 -30.97 -8.85
CA THR D 46 -0.89 -31.73 -8.49
C THR D 46 -0.62 -33.05 -7.79
N THR D 47 0.66 -33.29 -7.52
CA THR D 47 1.11 -34.45 -6.76
C THR D 47 1.81 -33.98 -5.48
N GLY D 48 2.07 -34.91 -4.58
CA GLY D 48 2.68 -34.58 -3.30
C GLY D 48 2.91 -35.86 -2.54
N PRO D 49 3.63 -35.77 -1.43
CA PRO D 49 3.97 -36.95 -0.63
C PRO D 49 2.74 -37.51 0.11
N ASN D 50 2.75 -38.86 0.24
CA ASN D 50 1.78 -39.61 0.98
C ASN D 50 2.58 -40.24 2.11
N PHE D 51 2.11 -40.04 3.34
CA PHE D 51 2.87 -40.40 4.53
C PHE D 51 2.32 -41.64 5.22
N SER D 52 1.54 -42.44 4.49
CA SER D 52 0.99 -43.70 5.00
C SER D 52 2.04 -44.56 5.69
N HIS D 53 3.27 -44.55 5.15
CA HIS D 53 4.32 -45.41 5.70
C HIS D 53 5.43 -44.70 6.48
N LEU D 54 5.18 -43.45 6.89
CA LEU D 54 6.01 -42.82 7.90
C LEU D 54 5.77 -43.57 9.22
N GLY D 55 6.82 -43.81 9.99
CA GLY D 55 6.67 -44.56 11.23
C GLY D 55 6.34 -43.61 12.36
N PHE D 56 5.16 -43.75 12.93
CA PHE D 56 4.77 -42.92 14.07
C PHE D 56 5.03 -43.65 15.36
N GLY D 57 5.56 -42.93 16.35
CA GLY D 57 5.65 -43.44 17.71
C GLY D 57 4.28 -43.51 18.38
N ALA D 58 4.17 -44.39 19.38
CA ALA D 58 2.88 -44.67 20.00
C ALA D 58 2.23 -43.44 20.64
N HIS D 59 3.05 -42.49 21.08
CA HIS D 59 2.53 -41.25 21.71
C HIS D 59 2.62 -40.00 20.85
N ASP D 60 2.83 -40.15 19.55
CA ASP D 60 3.12 -38.96 18.72
C ASP D 60 1.98 -37.96 18.72
N HIS D 61 0.76 -38.47 18.92
CA HIS D 61 -0.43 -37.63 18.90
C HIS D 61 -0.84 -37.21 20.30
N ASP D 62 -0.05 -37.61 21.29
CA ASP D 62 -0.51 -37.48 22.70
C ASP D 62 0.49 -36.66 23.50
N LEU D 63 0.23 -35.35 23.58
CA LEU D 63 1.18 -34.43 24.20
C LEU D 63 1.18 -34.54 25.73
N LEU D 64 0.25 -35.30 26.29
CA LEU D 64 0.30 -35.54 27.73
C LEU D 64 1.33 -36.60 28.10
N LEU D 65 1.75 -37.39 27.12
CA LEU D 65 2.66 -38.50 27.40
C LEU D 65 3.96 -38.44 26.60
N ASN D 66 4.01 -37.59 25.57
CA ASN D 66 5.15 -37.64 24.63
C ASN D 66 6.38 -36.80 25.03
N PHE D 67 6.31 -36.11 26.17
CA PHE D 67 7.46 -35.48 26.82
C PHE D 67 7.45 -35.86 28.31
N ASN D 68 7.42 -37.14 28.59
CA ASN D 68 7.26 -37.60 29.97
C ASN D 68 8.59 -37.57 30.72
N ASN D 69 8.65 -36.72 31.73
CA ASN D 69 9.85 -36.61 32.56
C ASN D 69 9.55 -36.82 34.03
N GLY D 70 8.57 -37.69 34.30
CA GLY D 70 8.23 -38.09 35.66
C GLY D 70 6.82 -37.74 36.10
N GLY D 71 6.09 -37.02 35.24
CA GLY D 71 4.73 -36.67 35.59
C GLY D 71 3.90 -36.17 34.43
N LEU D 72 2.68 -35.75 34.77
CA LEU D 72 1.76 -35.16 33.81
C LEU D 72 2.00 -33.66 33.69
N PRO D 73 1.77 -33.10 32.48
CA PRO D 73 1.87 -31.64 32.36
C PRO D 73 0.77 -30.94 33.16
N ILE D 74 1.04 -29.71 33.57
CA ILE D 74 0.05 -28.89 34.24
C ILE D 74 -0.78 -28.17 33.19
N GLY D 75 -2.09 -28.14 33.38
CA GLY D 75 -2.95 -27.39 32.49
C GLY D 75 -4.25 -28.10 32.13
N GLU D 76 -5.06 -27.42 31.33
CA GLU D 76 -6.40 -27.90 30.97
C GLU D 76 -6.31 -29.06 29.98
N ARG D 77 -6.60 -30.26 30.46
CA ARG D 77 -6.56 -31.45 29.60
C ARG D 77 -7.65 -31.38 28.55
N ILE D 78 -7.26 -31.51 27.29
CA ILE D 78 -8.22 -31.47 26.17
C ILE D 78 -7.85 -32.42 25.06
N ILE D 79 -8.89 -32.95 24.41
CA ILE D 79 -8.75 -33.60 23.11
C ILE D 79 -9.00 -32.52 22.03
N VAL D 80 -8.20 -32.53 20.97
CA VAL D 80 -8.46 -31.67 19.82
C VAL D 80 -8.65 -32.62 18.65
N ALA D 81 -9.86 -32.62 18.09
CA ALA D 81 -10.18 -33.59 17.04
C ALA D 81 -10.97 -32.93 15.94
N GLY D 82 -11.04 -33.56 14.78
CA GLY D 82 -11.82 -32.98 13.70
C GLY D 82 -11.64 -33.81 12.45
N ARG D 83 -12.17 -33.29 11.35
CA ARG D 83 -12.11 -34.02 10.07
C ARG D 83 -11.43 -33.11 9.07
N VAL D 84 -10.63 -33.71 8.19
CA VAL D 84 -10.08 -33.01 7.04
C VAL D 84 -10.90 -33.42 5.83
N VAL D 85 -11.50 -32.44 5.17
CA VAL D 85 -12.25 -32.66 3.93
C VAL D 85 -11.75 -31.69 2.89
N ASP D 86 -12.14 -31.91 1.64
CA ASP D 86 -11.87 -30.92 0.60
C ASP D 86 -13.08 -30.05 0.34
N GLN D 87 -12.97 -29.10 -0.60
CA GLN D 87 -14.04 -28.12 -0.77
C GLN D 87 -15.35 -28.72 -1.29
N TYR D 88 -15.24 -29.92 -1.87
CA TYR D 88 -16.41 -30.64 -2.37
C TYR D 88 -17.01 -31.49 -1.27
N GLY D 89 -16.42 -31.43 -0.08
CA GLY D 89 -16.90 -32.19 1.07
C GLY D 89 -16.35 -33.59 1.18
N LYS D 90 -15.43 -33.96 0.30
CA LYS D 90 -14.83 -35.29 0.29
CA LYS D 90 -14.85 -35.31 0.31
C LYS D 90 -13.79 -35.46 1.41
N PRO D 91 -13.91 -36.51 2.23
CA PRO D 91 -12.87 -36.71 3.25
C PRO D 91 -11.47 -36.88 2.65
N VAL D 92 -10.46 -36.48 3.42
CA VAL D 92 -9.06 -36.60 2.99
C VAL D 92 -8.41 -37.59 3.94
N PRO D 93 -8.40 -38.88 3.55
CA PRO D 93 -7.89 -39.94 4.42
C PRO D 93 -6.36 -40.07 4.36
N ASN D 94 -5.78 -40.65 5.42
CA ASN D 94 -4.35 -40.96 5.44
CA ASN D 94 -4.33 -40.94 5.45
C ASN D 94 -3.46 -39.74 5.12
N THR D 95 -3.86 -38.57 5.63
CA THR D 95 -3.12 -37.32 5.41
C THR D 95 -2.39 -36.89 6.67
N LEU D 96 -1.26 -36.24 6.51
CA LEU D 96 -0.45 -35.88 7.67
C LEU D 96 -0.90 -34.56 8.31
N VAL D 97 -1.21 -34.62 9.61
CA VAL D 97 -1.58 -33.44 10.41
C VAL D 97 -0.53 -33.28 11.51
N GLU D 98 0.15 -32.14 11.52
CA GLU D 98 1.17 -31.85 12.51
C GLU D 98 0.75 -30.63 13.28
N MET D 99 1.13 -30.55 14.55
CA MET D 99 0.73 -29.40 15.35
C MET D 99 1.81 -29.09 16.35
N TRP D 100 1.89 -27.81 16.73
CA TRP D 100 2.77 -27.41 17.83
C TRP D 100 2.16 -26.24 18.60
N GLN D 101 2.58 -26.04 19.85
CA GLN D 101 1.93 -25.04 20.70
C GLN D 101 2.80 -24.72 21.90
N ALA D 102 2.40 -23.67 22.60
CA ALA D 102 3.00 -23.31 23.90
C ALA D 102 2.39 -24.16 25.01
N ASN D 103 2.96 -24.06 26.20
CA ASN D 103 2.39 -24.75 27.35
C ASN D 103 1.27 -23.95 27.98
N ALA D 104 0.80 -24.38 29.16
CA ALA D 104 -0.37 -23.76 29.79
C ALA D 104 -0.19 -22.26 30.08
N GLY D 105 1.07 -21.85 30.23
CA GLY D 105 1.41 -20.48 30.55
C GLY D 105 1.81 -19.62 29.39
N GLY D 106 1.72 -20.16 28.19
CA GLY D 106 2.16 -19.40 27.02
C GLY D 106 3.65 -19.44 26.70
N ARG D 107 4.37 -20.37 27.33
CA ARG D 107 5.81 -20.56 27.06
C ARG D 107 6.05 -21.71 26.05
N TYR D 108 6.81 -21.40 24.99
CA TYR D 108 7.23 -22.38 24.02
C TYR D 108 8.57 -23.02 24.38
N ARG D 109 8.69 -24.30 24.08
CA ARG D 109 9.94 -25.02 24.27
C ARG D 109 10.82 -24.82 23.01
N HIS D 110 11.37 -23.61 22.89
CA HIS D 110 12.19 -23.23 21.76
C HIS D 110 13.25 -22.30 22.32
N LYS D 111 14.48 -22.52 21.91
CA LYS D 111 15.61 -21.69 22.34
C LYS D 111 15.39 -20.18 22.22
N ASN D 112 14.56 -19.74 21.27
CA ASN D 112 14.37 -18.31 21.00
C ASN D 112 13.22 -17.66 21.78
N ASP D 113 12.49 -18.47 22.56
CA ASP D 113 11.43 -17.93 23.43
C ASP D 113 11.93 -17.60 24.84
N ARG D 114 12.02 -16.31 25.14
CA ARG D 114 12.48 -15.89 26.47
C ARG D 114 11.41 -15.29 27.33
N TYR D 115 10.13 -15.56 27.00
CA TYR D 115 9.03 -15.14 27.85
C TYR D 115 9.26 -15.63 29.27
N LEU D 116 8.96 -14.78 30.26
CA LEU D 116 9.26 -15.12 31.65
C LEU D 116 8.45 -16.28 32.25
N ALA D 117 7.33 -16.70 31.63
CA ALA D 117 6.56 -17.83 32.18
C ALA D 117 7.37 -19.12 32.07
N PRO D 118 7.30 -19.99 33.09
CA PRO D 118 8.21 -21.13 33.10
C PRO D 118 7.85 -22.24 32.12
N LEU D 119 8.87 -23.00 31.73
CA LEU D 119 8.67 -24.25 31.03
C LEU D 119 8.02 -25.24 31.99
N ASP D 120 7.29 -26.19 31.41
CA ASP D 120 6.70 -27.29 32.15
C ASP D 120 7.57 -28.52 31.82
N PRO D 121 8.17 -29.14 32.86
CA PRO D 121 9.13 -30.23 32.63
C PRO D 121 8.50 -31.46 31.99
N ASN D 122 7.18 -31.55 31.98
CA ASN D 122 6.51 -32.68 31.35
C ASN D 122 5.71 -32.34 30.10
N PHE D 123 6.05 -31.20 29.48
CA PHE D 123 5.37 -30.78 28.24
C PHE D 123 6.37 -30.31 27.22
N GLY D 124 6.22 -30.83 26.00
CA GLY D 124 7.11 -30.47 24.88
C GLY D 124 6.36 -29.62 23.85
N GLY D 125 5.11 -29.94 23.56
CA GLY D 125 4.30 -29.10 22.68
C GLY D 125 4.22 -29.47 21.20
N VAL D 126 4.62 -30.69 20.85
CA VAL D 126 4.56 -31.13 19.44
C VAL D 126 3.79 -32.44 19.28
N GLY D 127 2.91 -32.47 18.29
CA GLY D 127 2.15 -33.67 17.94
C GLY D 127 2.07 -33.92 16.44
N ARG D 128 1.87 -35.17 16.07
CA ARG D 128 1.52 -35.46 14.68
C ARG D 128 0.66 -36.69 14.62
N CYS D 129 -0.15 -36.78 13.58
CA CYS D 129 -0.88 -37.99 13.30
C CYS D 129 -1.31 -38.04 11.84
N LEU D 130 -1.80 -39.19 11.43
CA LEU D 130 -2.35 -39.34 10.09
C LEU D 130 -3.86 -39.41 10.26
N THR D 131 -4.62 -38.77 9.37
CA THR D 131 -6.07 -38.94 9.41
C THR D 131 -6.40 -40.39 9.10
N ASP D 132 -7.51 -40.86 9.66
CA ASP D 132 -7.98 -42.21 9.41
C ASP D 132 -8.64 -42.34 8.04
N SER D 133 -9.19 -43.53 7.77
CA SER D 133 -9.77 -43.80 6.45
C SER D 133 -10.98 -42.93 6.14
N ASP D 134 -11.53 -42.27 7.16
CA ASP D 134 -12.70 -41.42 7.00
C ASP D 134 -12.37 -39.94 7.15
N GLY D 135 -11.07 -39.61 7.23
CA GLY D 135 -10.61 -38.22 7.30
C GLY D 135 -10.46 -37.64 8.70
N TYR D 136 -10.65 -38.45 9.74
CA TYR D 136 -10.61 -37.89 11.11
C TYR D 136 -9.22 -37.96 11.75
N TYR D 137 -8.90 -36.94 12.56
CA TYR D 137 -7.63 -36.92 13.32
C TYR D 137 -7.97 -36.66 14.79
N SER D 138 -7.05 -36.96 15.69
CA SER D 138 -7.22 -36.66 17.11
C SER D 138 -5.87 -36.46 17.79
N PHE D 139 -5.81 -35.47 18.67
CA PHE D 139 -4.68 -35.22 19.56
C PHE D 139 -5.20 -35.11 20.98
N ARG D 140 -4.34 -35.44 21.94
CA ARG D 140 -4.61 -35.09 23.35
C ARG D 140 -3.52 -34.13 23.79
N THR D 141 -3.91 -33.06 24.48
CA THR D 141 -2.94 -32.04 24.83
C THR D 141 -3.43 -31.24 26.04
N ILE D 142 -2.71 -30.16 26.33
CA ILE D 142 -3.09 -29.16 27.31
C ILE D 142 -3.52 -27.90 26.56
N LYS D 143 -4.51 -27.16 27.04
CA LYS D 143 -4.89 -25.92 26.32
C LYS D 143 -3.74 -24.91 26.49
N PRO D 144 -3.22 -24.35 25.37
CA PRO D 144 -2.08 -23.42 25.49
C PRO D 144 -2.55 -22.09 26.06
N GLY D 145 -1.66 -21.38 26.75
CA GLY D 145 -1.98 -20.03 27.22
C GLY D 145 -1.63 -18.97 26.18
N PRO D 146 -2.26 -17.79 26.31
CA PRO D 146 -1.91 -16.64 25.50
C PRO D 146 -0.47 -16.27 25.74
N TYR D 147 0.08 -15.53 24.81
CA TYR D 147 1.40 -15.03 25.07
CA TYR D 147 1.53 -15.25 24.73
C TYR D 147 1.75 -13.75 24.37
N PRO D 148 2.51 -12.97 25.14
CA PRO D 148 2.80 -11.62 24.72
C PRO D 148 3.92 -11.68 23.70
N TRP D 149 3.94 -10.72 22.78
CA TRP D 149 4.94 -10.71 21.72
C TRP D 149 5.22 -9.29 21.28
N ARG D 150 6.41 -9.12 20.72
CA ARG D 150 6.90 -7.76 20.42
C ARG D 150 6.42 -7.23 19.06
N ASN D 151 5.10 -7.04 18.96
CA ASN D 151 4.51 -6.43 17.77
C ASN D 151 4.20 -5.00 18.19
N GLY D 152 2.94 -4.70 18.52
CA GLY D 152 2.63 -3.47 19.22
C GLY D 152 3.09 -3.54 20.67
N PRO D 153 2.94 -2.43 21.41
CA PRO D 153 3.48 -2.40 22.78
C PRO D 153 2.73 -3.23 23.83
N ASN D 154 1.52 -3.69 23.50
CA ASN D 154 0.78 -4.59 24.42
C ASN D 154 -0.04 -5.59 23.62
N ASP D 155 0.62 -6.34 22.76
CA ASP D 155 -0.05 -7.36 21.95
C ASP D 155 0.12 -8.75 22.54
N TRP D 156 -0.93 -9.55 22.45
CA TRP D 156 -0.95 -10.89 23.04
C TRP D 156 -1.60 -11.83 22.05
N ARG D 157 -0.95 -12.94 21.74
CA ARG D 157 -1.64 -13.93 20.91
C ARG D 157 -2.79 -14.54 21.73
N PRO D 158 -3.96 -14.75 21.09
CA PRO D 158 -4.93 -15.63 21.75
C PRO D 158 -4.32 -17.02 21.95
N ALA D 159 -4.87 -17.80 22.89
CA ALA D 159 -4.51 -19.23 22.99
C ALA D 159 -4.67 -19.82 21.60
N HIS D 160 -3.67 -20.54 21.11
CA HIS D 160 -3.72 -21.10 19.76
C HIS D 160 -2.81 -22.31 19.59
N ILE D 161 -3.18 -23.16 18.65
CA ILE D 161 -2.34 -24.32 18.29
C ILE D 161 -2.03 -24.20 16.81
N HIS D 162 -0.74 -24.33 16.48
CA HIS D 162 -0.36 -24.25 15.07
C HIS D 162 -0.63 -25.61 14.42
N PHE D 163 -1.12 -25.60 13.17
CA PHE D 163 -1.42 -26.83 12.43
C PHE D 163 -0.76 -26.80 11.08
N GLY D 164 -0.25 -27.96 10.67
CA GLY D 164 0.19 -28.14 9.28
C GLY D 164 -0.53 -29.36 8.73
N ILE D 165 -1.03 -29.25 7.50
CA ILE D 165 -1.77 -30.36 6.87
C ILE D 165 -1.22 -30.59 5.47
N SER D 166 -0.84 -31.82 5.12
CA SER D 166 -0.28 -32.09 3.79
C SER D 166 -1.33 -32.10 2.69
N GLY D 167 -2.38 -32.91 2.85
CA GLY D 167 -3.32 -33.16 1.79
C GLY D 167 -2.72 -33.96 0.62
N PRO D 168 -3.49 -34.07 -0.46
CA PRO D 168 -3.12 -34.94 -1.58
C PRO D 168 -1.99 -34.43 -2.45
N SER D 169 -1.66 -33.14 -2.36
CA SER D 169 -0.65 -32.58 -3.25
C SER D 169 0.05 -31.38 -2.63
N ILE D 170 1.17 -30.95 -3.21
CA ILE D 170 1.81 -29.76 -2.71
C ILE D 170 0.93 -28.50 -2.92
N ALA D 171 -0.03 -28.58 -3.85
CA ALA D 171 -1.01 -27.51 -4.02
C ALA D 171 -2.00 -27.39 -2.87
N THR D 172 -2.25 -28.49 -2.13
CA THR D 172 -3.19 -28.45 -1.01
C THR D 172 -2.54 -28.17 0.34
N LYS D 173 -1.22 -28.32 0.43
CA LYS D 173 -0.53 -28.17 1.71
C LYS D 173 -0.86 -26.82 2.35
N LEU D 174 -1.07 -26.84 3.66
CA LEU D 174 -1.53 -25.65 4.37
C LEU D 174 -0.94 -25.60 5.75
N ILE D 175 -0.49 -24.40 6.17
CA ILE D 175 -0.20 -24.12 7.57
C ILE D 175 -1.21 -23.07 8.04
N THR D 176 -1.74 -23.31 9.22
CA THR D 176 -2.72 -22.39 9.81
C THR D 176 -2.60 -22.36 11.35
N GLN D 177 -3.54 -21.66 12.01
CA GLN D 177 -3.62 -21.68 13.48
C GLN D 177 -5.08 -21.89 13.90
N LEU D 178 -5.24 -22.69 14.96
CA LEU D 178 -6.52 -22.95 15.62
C LEU D 178 -6.62 -22.01 16.81
N TYR D 179 -7.78 -21.37 16.95
CA TYR D 179 -8.12 -20.54 18.14
C TYR D 179 -9.27 -21.18 18.87
N PHE D 180 -9.58 -20.68 20.07
CA PHE D 180 -10.58 -21.36 20.91
C PHE D 180 -11.84 -20.53 21.10
N GLU D 181 -13.00 -21.20 20.95
CA GLU D 181 -14.33 -20.58 21.10
C GLU D 181 -14.41 -19.57 22.25
N GLY D 182 -14.78 -18.33 21.89
CA GLY D 182 -15.10 -17.31 22.88
C GLY D 182 -13.93 -16.49 23.38
N ASP D 183 -12.71 -16.83 22.95
CA ASP D 183 -11.50 -16.15 23.42
C ASP D 183 -11.55 -14.64 23.08
N PRO D 184 -11.60 -13.76 24.11
CA PRO D 184 -11.73 -12.33 23.81
C PRO D 184 -10.48 -11.72 23.17
N LEU D 185 -9.38 -12.45 23.17
CA LEU D 185 -8.16 -11.95 22.48
C LEU D 185 -8.26 -12.05 20.96
N ILE D 186 -9.13 -12.92 20.46
CA ILE D 186 -9.19 -13.17 19.00
C ILE D 186 -9.42 -11.90 18.15
N PRO D 187 -10.38 -11.05 18.51
CA PRO D 187 -10.66 -9.89 17.64
C PRO D 187 -9.57 -8.82 17.69
N MET D 188 -8.68 -8.94 18.68
CA MET D 188 -7.64 -7.94 18.94
C MET D 188 -6.30 -8.28 18.29
N CYS D 189 -6.18 -9.47 17.72
CA CYS D 189 -4.89 -9.99 17.31
C CYS D 189 -4.57 -9.62 15.86
N PRO D 190 -3.43 -8.94 15.60
CA PRO D 190 -3.08 -8.56 14.23
C PRO D 190 -2.73 -9.75 13.33
N ILE D 191 -2.37 -10.89 13.89
CA ILE D 191 -2.18 -12.10 13.08
C ILE D 191 -3.54 -12.68 12.66
N VAL D 192 -4.46 -12.87 13.61
CA VAL D 192 -5.85 -13.17 13.22
C VAL D 192 -6.36 -12.20 12.15
N LYS D 193 -6.15 -10.90 12.36
CA LYS D 193 -6.77 -9.91 11.50
C LYS D 193 -6.02 -9.68 10.18
N SER D 194 -4.95 -10.44 9.97
CA SER D 194 -4.34 -10.53 8.64
C SER D 194 -5.36 -11.09 7.65
N ILE D 195 -6.30 -11.89 8.17
CA ILE D 195 -7.45 -12.34 7.40
C ILE D 195 -8.51 -11.22 7.36
N ALA D 196 -8.86 -10.75 6.16
CA ALA D 196 -9.68 -9.54 6.02
C ALA D 196 -11.14 -9.82 6.26
N ASN D 197 -11.58 -11.02 5.88
CA ASN D 197 -12.99 -11.37 5.93
C ASN D 197 -13.35 -12.03 7.30
N PRO D 198 -14.23 -11.41 8.10
CA PRO D 198 -14.60 -12.00 9.39
C PRO D 198 -15.13 -13.42 9.33
N GLU D 199 -15.76 -13.79 8.21
CA GLU D 199 -16.27 -15.17 8.09
C GLU D 199 -15.14 -16.18 7.97
N ALA D 200 -14.03 -15.75 7.36
CA ALA D 200 -12.86 -16.61 7.24
C ALA D 200 -12.21 -16.79 8.60
N VAL D 201 -12.15 -15.71 9.39
CA VAL D 201 -11.64 -15.83 10.77
C VAL D 201 -12.43 -16.87 11.56
N GLN D 202 -13.76 -16.88 11.40
CA GLN D 202 -14.59 -17.85 12.12
C GLN D 202 -14.23 -19.31 11.83
N GLN D 203 -13.68 -19.56 10.64
CA GLN D 203 -13.32 -20.89 10.22
C GLN D 203 -12.11 -21.44 11.01
N LEU D 204 -11.39 -20.56 11.71
CA LEU D 204 -10.23 -20.98 12.50
C LEU D 204 -10.56 -21.18 13.97
N ILE D 205 -11.82 -20.97 14.35
CA ILE D 205 -12.17 -21.04 15.77
C ILE D 205 -12.74 -22.44 16.09
N ALA D 206 -12.00 -23.17 16.93
CA ALA D 206 -12.41 -24.52 17.35
C ALA D 206 -13.56 -24.39 18.33
N LYS D 207 -14.52 -25.29 18.24
CA LYS D 207 -15.71 -25.24 19.12
C LYS D 207 -15.60 -26.24 20.24
N LEU D 208 -16.00 -25.81 21.44
CA LEU D 208 -16.07 -26.74 22.58
C LEU D 208 -16.98 -27.90 22.19
N ASP D 209 -16.53 -29.12 22.47
CA ASP D 209 -17.23 -30.31 21.98
C ASP D 209 -17.48 -31.27 23.14
N MET D 210 -18.54 -31.02 23.92
CA MET D 210 -18.77 -31.78 25.15
C MET D 210 -19.05 -33.25 24.85
N ASN D 211 -19.59 -33.49 23.66
CA ASN D 211 -19.89 -34.84 23.21
C ASN D 211 -18.66 -35.73 23.10
N ASN D 212 -17.48 -35.12 22.91
CA ASN D 212 -16.24 -35.86 22.70
C ASN D 212 -15.33 -35.88 23.94
N ALA D 213 -15.80 -35.23 25.01
CA ALA D 213 -15.07 -35.17 26.27
C ALA D 213 -15.06 -36.54 26.97
N ASN D 214 -14.03 -36.75 27.79
CA ASN D 214 -14.00 -37.87 28.73
C ASN D 214 -14.39 -37.35 30.11
N PRO D 215 -15.59 -37.70 30.59
CA PRO D 215 -16.01 -37.21 31.90
C PRO D 215 -14.95 -37.45 32.98
N MET D 216 -14.83 -36.49 33.89
CA MET D 216 -13.88 -36.58 35.02
C MET D 216 -12.43 -36.67 34.58
N ASP D 217 -12.14 -36.21 33.35
CA ASP D 217 -10.82 -36.46 32.77
C ASP D 217 -10.37 -35.32 31.86
N CYS D 218 -11.01 -35.17 30.72
CA CYS D 218 -10.59 -34.11 29.79
C CYS D 218 -11.74 -33.54 28.97
N LEU D 219 -11.65 -32.26 28.65
CA LEU D 219 -12.63 -31.65 27.73
C LEU D 219 -12.21 -31.94 26.27
N ALA D 220 -12.92 -31.38 25.30
CA ALA D 220 -12.59 -31.63 23.88
C ALA D 220 -13.01 -30.42 23.05
N TYR D 221 -12.22 -30.15 22.03
CA TYR D 221 -12.53 -29.11 21.04
C TYR D 221 -12.59 -29.77 19.68
N ARG D 222 -13.44 -29.24 18.81
CA ARG D 222 -13.55 -29.73 17.43
C ARG D 222 -13.05 -28.68 16.42
N PHE D 223 -12.17 -29.12 15.51
CA PHE D 223 -11.58 -28.22 14.51
C PHE D 223 -11.54 -28.98 13.18
N ASP D 224 -12.46 -28.62 12.28
CA ASP D 224 -12.48 -29.23 10.94
C ASP D 224 -11.66 -28.38 9.99
N ILE D 225 -11.02 -29.04 9.03
CA ILE D 225 -10.11 -28.39 8.12
C ILE D 225 -10.60 -28.65 6.71
N VAL D 226 -10.68 -27.59 5.91
CA VAL D 226 -11.09 -27.74 4.51
C VAL D 226 -9.93 -27.43 3.58
N LEU D 227 -9.51 -28.44 2.79
CA LEU D 227 -8.44 -28.23 1.78
C LEU D 227 -9.06 -27.97 0.39
N ARG D 228 -8.25 -27.48 -0.56
CA ARG D 228 -8.72 -27.19 -1.91
C ARG D 228 -9.47 -28.36 -2.51
N GLY D 229 -10.56 -28.05 -3.19
CA GLY D 229 -11.35 -29.12 -3.83
C GLY D 229 -10.53 -29.80 -4.93
N GLN D 230 -10.66 -31.12 -5.01
CA GLN D 230 -9.95 -31.92 -6.00
C GLN D 230 -10.97 -32.49 -7.01
N ARG D 231 -10.68 -32.34 -8.30
CA ARG D 231 -11.52 -32.92 -9.34
C ARG D 231 -10.67 -33.66 -10.36
N LYS D 232 -11.31 -34.51 -11.14
CA LYS D 232 -10.62 -35.13 -12.28
C LYS D 232 -10.37 -34.09 -13.38
N THR D 233 -9.31 -34.25 -14.14
CA THR D 233 -9.15 -33.49 -15.39
C THR D 233 -10.33 -33.76 -16.34
N HIS D 234 -10.71 -32.77 -17.15
CA HIS D 234 -11.69 -33.01 -18.20
C HIS D 234 -11.42 -32.14 -19.41
N PHE D 235 -11.62 -32.71 -20.61
CA PHE D 235 -11.52 -31.97 -21.87
C PHE D 235 -10.21 -31.19 -22.06
N GLU D 236 -9.09 -31.75 -21.61
CA GLU D 236 -7.80 -31.09 -21.78
C GLU D 236 -7.09 -31.59 -23.04
N ASN D 237 -6.35 -30.69 -23.70
CA ASN D 237 -5.58 -31.02 -24.93
C ASN D 237 -6.45 -31.49 -26.12
N CYS D 238 -7.69 -31.03 -26.15
CA CYS D 238 -8.65 -31.36 -27.22
C CYS D 238 -9.64 -30.20 -27.46
N PRO E 1 13.12 16.70 40.85
CA PRO E 1 13.07 16.24 39.46
C PRO E 1 12.02 15.15 39.28
N ALA E 2 11.74 14.79 38.03
CA ALA E 2 10.65 13.89 37.71
C ALA E 2 10.95 12.43 38.07
N GLN E 3 9.90 11.68 38.38
CA GLN E 3 10.02 10.28 38.73
C GLN E 3 9.12 9.42 37.85
N ASP E 4 9.52 8.17 37.66
CA ASP E 4 8.74 7.19 36.93
C ASP E 4 7.74 6.59 37.92
N ASN E 5 6.49 7.02 37.89
CA ASN E 5 5.54 6.50 38.85
C ASN E 5 4.21 6.10 38.21
N SER E 6 4.17 6.08 36.88
CA SER E 6 2.90 5.77 36.24
C SER E 6 3.09 5.15 34.87
N ARG E 7 2.04 4.53 34.37
CA ARG E 7 2.05 3.93 33.03
C ARG E 7 0.88 4.49 32.24
N PHE E 8 1.03 4.54 30.93
CA PHE E 8 0.02 5.12 30.05
C PHE E 8 -0.53 4.06 29.12
N VAL E 9 -1.84 4.05 28.99
CA VAL E 9 -2.52 3.05 28.15
C VAL E 9 -1.98 3.14 26.73
N ILE E 10 -1.69 1.98 26.14
CA ILE E 10 -1.13 1.96 24.79
C ILE E 10 -2.08 2.62 23.77
N ARG E 11 -1.53 3.37 22.83
CA ARG E 11 -2.35 4.00 21.80
C ARG E 11 -2.96 3.01 20.86
N ASP E 12 -4.16 3.32 20.40
CA ASP E 12 -4.79 2.56 19.33
C ASP E 12 -4.47 3.25 18.03
N ARG E 13 -3.51 2.70 17.28
CA ARG E 13 -3.05 3.37 16.06
C ARG E 13 -3.92 3.05 14.84
N ASN E 14 -5.06 2.38 15.09
CA ASN E 14 -6.13 2.33 14.07
C ASN E 14 -7.26 3.31 14.39
N TRP E 15 -7.18 3.95 15.55
CA TRP E 15 -8.14 5.00 15.93
C TRP E 15 -7.58 6.35 15.47
N HIS E 16 -6.33 6.61 15.85
CA HIS E 16 -5.53 7.64 15.20
C HIS E 16 -5.42 7.40 13.69
N PRO E 17 -5.16 8.46 12.94
CA PRO E 17 -4.90 8.26 11.51
C PRO E 17 -3.59 7.46 11.35
N LYS E 18 -3.54 6.59 10.34
CA LYS E 18 -2.27 5.95 9.96
C LYS E 18 -1.33 6.95 9.30
N ALA E 19 -0.06 6.56 9.18
CA ALA E 19 0.94 7.43 8.55
C ALA E 19 0.65 7.62 7.06
N LEU E 20 0.39 6.51 6.34
CA LEU E 20 0.20 6.55 4.90
C LEU E 20 -1.29 6.65 4.55
N THR E 21 -1.69 7.84 4.11
CA THR E 21 -3.08 8.13 3.74
C THR E 21 -3.03 8.91 2.42
N PRO E 22 -2.92 8.21 1.27
CA PRO E 22 -2.46 8.86 0.05
C PRO E 22 -3.35 9.96 -0.52
N ASP E 23 -4.63 9.99 -0.14
CA ASP E 23 -5.49 11.10 -0.59
C ASP E 23 -4.99 12.43 -0.02
N TYR E 24 -4.28 12.37 1.11
CA TYR E 24 -3.61 13.54 1.69
C TYR E 24 -2.19 13.41 1.15
N LYS E 25 -1.94 14.14 0.07
CA LYS E 25 -0.80 13.82 -0.83
C LYS E 25 0.57 13.90 -0.17
N THR E 26 0.76 14.87 0.71
CA THR E 26 2.06 15.06 1.35
C THR E 26 2.39 13.88 2.28
N SER E 27 1.39 13.08 2.68
CA SER E 27 1.68 11.93 3.55
C SER E 27 2.41 10.82 2.80
N ILE E 28 2.35 10.83 1.48
CA ILE E 28 2.95 9.72 0.73
C ILE E 28 4.46 9.63 0.96
N ALA E 29 5.17 10.77 0.86
CA ALA E 29 6.63 10.75 1.00
C ALA E 29 7.10 11.02 2.43
N ARG E 30 6.15 11.28 3.34
CA ARG E 30 6.50 11.65 4.74
C ARG E 30 5.97 10.62 5.75
N SER E 31 5.73 9.40 5.27
CA SER E 31 5.29 8.29 6.11
C SER E 31 6.37 7.19 6.14
N PRO E 32 6.72 6.68 7.34
CA PRO E 32 7.72 5.59 7.38
C PRO E 32 7.20 4.37 6.67
N ARG E 33 8.09 3.66 6.00
CA ARG E 33 7.70 2.39 5.40
C ARG E 33 8.03 1.20 6.29
N GLN E 34 8.92 1.38 7.27
CA GLN E 34 9.21 0.32 8.25
C GLN E 34 8.26 0.39 9.43
N ALA E 35 8.03 -0.74 10.09
CA ALA E 35 7.16 -0.72 11.25
C ALA E 35 7.81 0.09 12.38
N LEU E 36 6.96 0.73 13.18
CA LEU E 36 7.42 1.31 14.45
C LEU E 36 8.00 0.22 15.33
N VAL E 37 9.01 0.55 16.11
CA VAL E 37 9.57 -0.40 17.09
C VAL E 37 8.97 -0.14 18.47
N SER E 38 8.27 -1.13 19.04
CA SER E 38 7.66 -0.97 20.35
C SER E 38 8.73 -1.06 21.42
N ILE E 39 8.66 -0.15 22.39
CA ILE E 39 9.57 -0.17 23.53
C ILE E 39 8.77 -0.03 24.82
N PRO E 40 9.26 -0.62 25.94
CA PRO E 40 8.55 -0.51 27.21
C PRO E 40 8.64 0.90 27.77
N GLN E 41 7.66 1.29 28.59
CA GLN E 41 7.73 2.61 29.22
C GLN E 41 8.84 2.66 30.27
N SER E 42 9.65 3.72 30.19
CA SER E 42 10.65 4.03 31.22
C SER E 42 10.43 5.47 31.65
N ILE E 43 11.24 5.93 32.59
CA ILE E 43 11.21 7.33 33.01
C ILE E 43 11.29 8.33 31.84
N SER E 44 12.00 7.95 30.76
CA SER E 44 12.11 8.78 29.59
C SER E 44 10.76 9.09 28.93
N GLU E 45 9.85 8.11 28.93
CA GLU E 45 8.55 8.24 28.26
C GLU E 45 7.41 8.64 29.19
N THR E 46 7.56 8.34 30.47
CA THR E 46 6.42 8.53 31.40
C THR E 46 6.49 9.85 32.17
N THR E 47 7.49 10.67 31.85
CA THR E 47 7.65 12.02 32.41
C THR E 47 7.58 13.03 31.25
N GLY E 48 7.42 14.30 31.58
CA GLY E 48 7.42 15.33 30.58
C GLY E 48 7.31 16.68 31.29
N PRO E 49 7.38 17.76 30.52
CA PRO E 49 7.41 19.07 31.14
C PRO E 49 6.06 19.44 31.76
N ASN E 50 6.12 20.12 32.89
CA ASN E 50 4.98 20.82 33.43
C ASN E 50 5.21 22.32 33.28
N PHE E 51 4.16 23.03 32.86
CA PHE E 51 4.26 24.43 32.49
C PHE E 51 3.65 25.41 33.50
N SER E 52 3.46 24.96 34.74
CA SER E 52 2.87 25.83 35.77
C SER E 52 3.69 27.10 35.99
N HIS E 53 4.99 27.03 35.75
CA HIS E 53 5.86 28.17 36.02
C HIS E 53 6.23 28.99 34.78
N LEU E 54 5.58 28.67 33.65
CA LEU E 54 5.73 29.48 32.46
C LEU E 54 4.95 30.78 32.66
N GLY E 55 5.53 31.90 32.24
CA GLY E 55 4.88 33.19 32.46
C GLY E 55 3.96 33.50 31.29
N PHE E 56 2.66 33.50 31.56
CA PHE E 56 1.68 33.78 30.53
C PHE E 56 1.30 35.24 30.61
N GLY E 57 1.22 35.90 29.46
CA GLY E 57 0.63 37.23 29.36
C GLY E 57 -0.86 37.21 29.60
N ALA E 58 -1.36 38.38 29.99
CA ALA E 58 -2.75 38.55 30.37
C ALA E 58 -3.73 38.19 29.26
N HIS E 59 -3.34 38.42 28.00
CA HIS E 59 -4.22 38.12 26.86
C HIS E 59 -3.78 36.88 26.07
N ASP E 60 -2.97 36.02 26.64
CA ASP E 60 -2.41 34.90 25.83
C ASP E 60 -3.49 33.97 25.29
N HIS E 61 -4.62 33.91 26.01
CA HIS E 61 -5.73 33.02 25.64
C HIS E 61 -6.82 33.79 24.89
N ASP E 62 -6.61 35.09 24.64
CA ASP E 62 -7.67 35.94 24.06
C ASP E 62 -7.24 36.54 22.73
N LEU E 63 -7.65 35.89 21.62
CA LEU E 63 -7.19 36.29 20.30
C LEU E 63 -7.89 37.56 19.81
N LEU E 64 -8.91 38.00 20.54
CA LEU E 64 -9.56 39.28 20.20
C LEU E 64 -8.73 40.47 20.68
N LEU E 65 -7.80 40.21 21.58
CA LEU E 65 -7.03 41.29 22.17
C LEU E 65 -5.53 41.14 22.05
N ASN E 66 -5.06 39.95 21.71
CA ASN E 66 -3.62 39.68 21.79
C ASN E 66 -2.80 40.03 20.56
N PHE E 67 -3.46 40.56 19.53
CA PHE E 67 -2.83 41.16 18.36
C PHE E 67 -3.50 42.50 18.07
N ASN E 68 -3.53 43.38 19.06
CA ASN E 68 -4.34 44.60 18.98
C ASN E 68 -3.57 45.68 18.27
N ASN E 69 -4.08 46.06 17.11
CA ASN E 69 -3.47 47.14 16.33
C ASN E 69 -4.41 48.29 16.02
N GLY E 70 -5.27 48.60 16.99
CA GLY E 70 -6.19 49.73 16.90
C GLY E 70 -7.66 49.34 16.85
N GLY E 71 -7.95 48.04 16.77
CA GLY E 71 -9.32 47.61 16.72
C GLY E 71 -9.57 46.14 17.02
N LEU E 72 -10.82 45.76 16.86
CA LEU E 72 -11.23 44.38 17.01
C LEU E 72 -11.08 43.63 15.69
N PRO E 73 -10.78 42.32 15.77
CA PRO E 73 -10.80 41.54 14.54
C PRO E 73 -12.22 41.40 13.97
N ILE E 74 -12.31 41.31 12.65
CA ILE E 74 -13.56 41.10 11.97
C ILE E 74 -13.88 39.60 12.02
N GLY E 75 -15.11 39.23 12.28
CA GLY E 75 -15.43 37.79 12.31
C GLY E 75 -16.34 37.35 13.42
N GLU E 76 -16.74 36.07 13.38
CA GLU E 76 -17.70 35.52 14.33
C GLU E 76 -17.06 35.35 15.70
N ARG E 77 -17.42 36.19 16.67
CA ARG E 77 -16.83 36.14 18.01
C ARG E 77 -17.27 34.86 18.70
N ILE E 78 -16.31 34.09 19.19
CA ILE E 78 -16.60 32.80 19.85
C ILE E 78 -15.68 32.54 21.03
N ILE E 79 -16.25 31.91 22.04
CA ILE E 79 -15.43 31.28 23.11
C ILE E 79 -15.26 29.83 22.66
N VAL E 80 -14.03 29.30 22.79
CA VAL E 80 -13.80 27.87 22.59
C VAL E 80 -13.32 27.34 23.93
N ALA E 81 -14.09 26.45 24.53
CA ALA E 81 -13.78 25.97 25.89
C ALA E 81 -14.01 24.49 25.98
N GLY E 82 -13.43 23.88 27.01
CA GLY E 82 -13.62 22.45 27.21
C GLY E 82 -12.80 21.97 28.37
N ARG E 83 -12.74 20.64 28.47
CA ARG E 83 -12.06 19.98 29.57
C ARG E 83 -11.09 19.00 28.96
N VAL E 84 -9.91 18.90 29.57
CA VAL E 84 -8.95 17.85 29.20
C VAL E 84 -9.02 16.80 30.29
N VAL E 85 -9.34 15.58 29.89
CA VAL E 85 -9.40 14.41 30.81
C VAL E 85 -8.54 13.32 30.23
N ASP E 86 -8.21 12.30 31.02
CA ASP E 86 -7.60 11.10 30.45
C ASP E 86 -8.64 10.02 30.17
N GLN E 87 -8.20 8.87 29.68
CA GLN E 87 -9.15 7.85 29.25
C GLN E 87 -9.94 7.20 30.39
N TYR E 88 -9.47 7.38 31.63
CA TYR E 88 -10.18 6.91 32.82
C TYR E 88 -11.18 7.97 33.29
N GLY E 89 -11.23 9.08 32.59
CA GLY E 89 -12.11 10.20 32.93
C GLY E 89 -11.55 11.19 33.96
N LYS E 90 -10.28 11.04 34.33
CA LYS E 90 -9.67 11.90 35.34
C LYS E 90 -9.25 13.22 34.72
N PRO E 91 -9.62 14.35 35.35
CA PRO E 91 -9.19 15.64 34.78
C PRO E 91 -7.67 15.76 34.73
N VAL E 92 -7.17 16.54 33.77
CA VAL E 92 -5.75 16.79 33.60
C VAL E 92 -5.51 18.27 33.90
N PRO E 93 -5.18 18.58 35.17
CA PRO E 93 -5.06 19.98 35.57
C PRO E 93 -3.68 20.56 35.24
N ASN E 94 -3.62 21.89 35.14
CA ASN E 94 -2.36 22.60 34.96
C ASN E 94 -1.57 22.11 33.75
N THR E 95 -2.28 21.80 32.67
CA THR E 95 -1.65 21.31 31.45
C THR E 95 -1.70 22.35 30.34
N LEU E 96 -0.70 22.33 29.47
CA LEU E 96 -0.55 23.36 28.45
C LEU E 96 -1.40 23.04 27.22
N VAL E 97 -2.31 23.96 26.90
CA VAL E 97 -3.10 23.88 25.67
C VAL E 97 -2.71 25.05 24.77
N GLU E 98 -2.26 24.74 23.56
CA GLU E 98 -1.87 25.81 22.60
C GLU E 98 -2.75 25.68 21.37
N MET E 99 -3.06 26.79 20.71
CA MET E 99 -3.88 26.70 19.52
C MET E 99 -3.45 27.74 18.50
N TRP E 100 -3.66 27.42 17.22
CA TRP E 100 -3.43 28.44 16.17
C TRP E 100 -4.43 28.25 15.04
N GLN E 101 -4.68 29.30 14.27
CA GLN E 101 -5.77 29.25 13.28
C GLN E 101 -5.62 30.37 12.27
N ALA E 102 -6.34 30.24 11.16
CA ALA E 102 -6.50 31.32 10.19
C ALA E 102 -7.49 32.37 10.69
N ASN E 103 -7.59 33.47 9.96
CA ASN E 103 -8.57 34.49 10.30
C ASN E 103 -9.93 34.15 9.73
N ALA E 104 -10.88 35.09 9.80
CA ALA E 104 -12.27 34.83 9.41
C ALA E 104 -12.43 34.47 7.93
N GLY E 105 -11.43 34.81 7.12
CA GLY E 105 -11.45 34.57 5.66
C GLY E 105 -10.62 33.37 5.23
N GLY E 106 -10.02 32.67 6.18
CA GLY E 106 -9.18 31.52 5.89
C GLY E 106 -7.73 31.87 5.57
N ARG E 107 -7.31 33.07 5.95
CA ARG E 107 -5.92 33.48 5.70
C ARG E 107 -5.10 33.34 6.99
N TYR E 108 -3.96 32.66 6.88
CA TYR E 108 -3.01 32.52 7.98
C TYR E 108 -1.98 33.63 7.99
N ARG E 109 -1.64 34.06 9.19
CA ARG E 109 -0.56 35.04 9.37
C ARG E 109 0.78 34.27 9.44
N HIS E 110 1.20 33.79 8.27
CA HIS E 110 2.43 33.01 8.12
C HIS E 110 3.02 33.41 6.77
N LYS E 111 4.34 33.59 6.73
CA LYS E 111 4.93 34.12 5.50
C LYS E 111 4.81 33.16 4.32
N ASN E 112 4.53 31.88 4.58
CA ASN E 112 4.34 30.92 3.48
C ASN E 112 2.89 30.79 2.97
N ASP E 113 1.95 31.52 3.57
CA ASP E 113 0.55 31.49 3.08
C ASP E 113 0.31 32.59 2.06
N ARG E 114 0.07 32.17 0.82
CA ARG E 114 -0.14 33.11 -0.29
C ARG E 114 -1.60 33.18 -0.78
N TYR E 115 -2.54 32.59 -0.03
CA TYR E 115 -3.96 32.73 -0.36
C TYR E 115 -4.37 34.19 -0.49
N LEU E 116 -5.19 34.48 -1.50
CA LEU E 116 -5.55 35.85 -1.85
C LEU E 116 -6.47 36.57 -0.85
N ALA E 117 -7.09 35.82 0.08
CA ALA E 117 -7.95 36.42 1.12
C ALA E 117 -7.09 37.31 2.02
N PRO E 118 -7.62 38.51 2.41
CA PRO E 118 -6.69 39.40 3.11
C PRO E 118 -6.42 39.04 4.56
N LEU E 119 -5.25 39.45 5.05
CA LEU E 119 -4.98 39.47 6.49
C LEU E 119 -5.91 40.48 7.19
N ASP E 120 -6.13 40.25 8.48
CA ASP E 120 -6.93 41.12 9.32
C ASP E 120 -5.92 41.80 10.24
N PRO E 121 -5.80 43.14 10.15
CA PRO E 121 -4.73 43.84 10.91
C PRO E 121 -4.84 43.70 12.42
N ASN E 122 -5.97 43.22 12.93
CA ASN E 122 -6.15 43.03 14.36
C ASN E 122 -6.24 41.58 14.78
N PHE E 123 -5.79 40.67 13.91
CA PHE E 123 -5.85 39.25 14.22
C PHE E 123 -4.54 38.55 13.92
N GLY E 124 -4.03 37.84 14.93
CA GLY E 124 -2.77 37.11 14.84
C GLY E 124 -2.97 35.62 14.64
N GLY E 125 -3.88 35.04 15.42
CA GLY E 125 -4.22 33.62 15.25
C GLY E 125 -3.56 32.63 16.19
N VAL E 126 -2.93 33.08 17.28
CA VAL E 126 -2.31 32.16 18.25
C VAL E 126 -2.77 32.39 19.69
N GLY E 127 -3.04 31.29 20.38
CA GLY E 127 -3.44 31.32 21.77
C GLY E 127 -2.75 30.24 22.59
N ARG E 128 -2.65 30.48 23.90
CA ARG E 128 -2.27 29.40 24.83
C ARG E 128 -2.88 29.67 26.18
N CYS E 129 -3.04 28.58 26.93
CA CYS E 129 -3.44 28.67 28.31
C CYS E 129 -3.15 27.39 29.04
N LEU E 130 -3.22 27.43 30.36
CA LEU E 130 -3.05 26.25 31.17
C LEU E 130 -4.43 25.84 31.64
N THR E 131 -4.73 24.54 31.62
CA THR E 131 -6.01 24.09 32.22
C THR E 131 -6.00 24.45 33.70
N ASP E 132 -7.20 24.70 34.23
CA ASP E 132 -7.35 24.95 35.65
C ASP E 132 -7.28 23.67 36.49
N SER E 133 -7.49 23.81 37.80
CA SER E 133 -7.34 22.69 38.72
C SER E 133 -8.37 21.57 38.49
N ASP E 134 -9.41 21.86 37.71
CA ASP E 134 -10.45 20.90 37.34
CA ASP E 134 -10.38 20.80 37.37
C ASP E 134 -10.33 20.45 35.88
N GLY E 135 -9.25 20.85 35.21
CA GLY E 135 -9.01 20.43 33.83
C GLY E 135 -9.62 21.26 32.73
N TYR E 136 -10.21 22.41 33.08
CA TYR E 136 -10.87 23.25 32.05
C TYR E 136 -9.95 24.30 31.45
N TYR E 137 -10.16 24.58 30.15
CA TYR E 137 -9.46 25.63 29.46
C TYR E 137 -10.50 26.50 28.75
N SER E 138 -10.10 27.71 28.35
CA SER E 138 -10.95 28.53 27.47
C SER E 138 -10.12 29.55 26.70
N PHE E 139 -10.54 29.76 25.47
CA PHE E 139 -9.98 30.79 24.62
C PHE E 139 -11.12 31.66 24.13
N ARG E 140 -10.80 32.89 23.72
CA ARG E 140 -11.75 33.72 23.00
C ARG E 140 -11.12 34.04 21.66
N THR E 141 -11.90 33.92 20.60
CA THR E 141 -11.33 34.07 19.26
C THR E 141 -12.43 34.44 18.24
N ILE E 142 -12.08 34.45 16.97
CA ILE E 142 -13.11 34.52 15.93
C ILE E 142 -13.12 33.19 15.20
N LYS E 143 -14.25 32.80 14.63
CA LYS E 143 -14.33 31.52 13.94
C LYS E 143 -13.50 31.59 12.65
N PRO E 144 -12.54 30.65 12.47
CA PRO E 144 -11.73 30.72 11.23
C PRO E 144 -12.57 30.33 9.98
N GLY E 145 -12.19 30.87 8.83
CA GLY E 145 -12.81 30.45 7.58
C GLY E 145 -12.10 29.24 6.97
N PRO E 146 -12.81 28.53 6.07
CA PRO E 146 -12.22 27.43 5.31
C PRO E 146 -11.14 27.98 4.43
N TYR E 147 -10.27 27.11 3.97
CA TYR E 147 -9.31 27.62 3.03
CA TYR E 147 -9.00 27.50 3.31
C TYR E 147 -8.79 26.58 2.10
N PRO E 148 -8.54 27.09 0.89
CA PRO E 148 -8.23 26.18 -0.20
C PRO E 148 -6.76 25.81 -0.15
N TRP E 149 -6.43 24.62 -0.63
CA TRP E 149 -5.04 24.18 -0.52
C TRP E 149 -4.70 23.23 -1.67
N ARG E 150 -3.41 23.18 -1.99
CA ARG E 150 -2.95 22.48 -3.17
C ARG E 150 -2.78 20.98 -2.95
N ASN E 151 -3.92 20.32 -2.71
CA ASN E 151 -3.94 18.87 -2.61
C ASN E 151 -4.54 18.37 -3.92
N GLY E 152 -5.82 17.99 -3.93
CA GLY E 152 -6.55 17.82 -5.18
C GLY E 152 -6.83 19.17 -5.84
N PRO E 153 -7.44 19.17 -7.05
CA PRO E 153 -7.64 20.45 -7.74
C PRO E 153 -8.72 21.36 -7.15
N ASN E 154 -9.58 20.86 -6.27
CA ASN E 154 -10.58 21.72 -5.62
C ASN E 154 -10.81 21.32 -4.17
N ASP E 155 -9.71 21.29 -3.41
CA ASP E 155 -9.78 20.89 -2.01
C ASP E 155 -9.76 22.11 -1.08
N TRP E 156 -10.56 22.01 -0.03
CA TRP E 156 -10.76 23.10 0.93
C TRP E 156 -10.79 22.52 2.33
N ARG E 157 -9.97 23.03 3.23
CA ARG E 157 -10.08 22.60 4.62
C ARG E 157 -11.39 23.12 5.20
N PRO E 158 -12.09 22.31 6.02
CA PRO E 158 -13.19 22.89 6.78
C PRO E 158 -12.63 23.94 7.72
N ALA E 159 -13.48 24.83 8.23
CA ALA E 159 -13.06 25.73 9.30
C ALA E 159 -12.45 24.88 10.43
N HIS E 160 -11.28 25.27 10.92
CA HIS E 160 -10.64 24.46 11.98
C HIS E 160 -9.65 25.27 12.81
N ILE E 161 -9.45 24.82 14.03
CA ILE E 161 -8.43 25.40 14.92
C ILE E 161 -7.46 24.27 15.28
N HIS E 162 -6.17 24.52 15.07
CA HIS E 162 -5.12 23.58 15.44
C HIS E 162 -4.92 23.60 16.95
N PHE E 163 -4.75 22.43 17.57
CA PHE E 163 -4.55 22.29 19.04
C PHE E 163 -3.31 21.46 19.33
N GLY E 164 -2.58 21.87 20.37
CA GLY E 164 -1.54 21.00 20.93
C GLY E 164 -1.78 20.93 22.43
N ILE E 165 -1.70 19.73 23.00
CA ILE E 165 -1.93 19.54 24.44
C ILE E 165 -0.74 18.75 24.98
N SER E 166 -0.14 19.23 26.08
CA SER E 166 1.06 18.54 26.63
C SER E 166 0.70 17.30 27.42
N GLY E 167 -0.19 17.45 28.41
CA GLY E 167 -0.51 16.33 29.31
C GLY E 167 0.65 16.01 30.24
N PRO E 168 0.50 14.94 31.02
CA PRO E 168 1.47 14.64 32.09
C PRO E 168 2.80 14.09 31.63
N SER E 169 2.92 13.68 30.36
CA SER E 169 4.19 13.08 29.90
C SER E 169 4.37 13.27 28.41
N ILE E 170 5.60 13.05 27.90
CA ILE E 170 5.79 13.04 26.45
C ILE E 170 4.97 11.95 25.75
N ALA E 171 4.56 10.91 26.51
CA ALA E 171 3.73 9.85 25.96
C ALA E 171 2.31 10.34 25.71
N THR E 172 1.88 11.36 26.45
CA THR E 172 0.51 11.89 26.28
C THR E 172 0.41 13.04 25.26
N LYS E 173 1.53 13.68 24.94
CA LYS E 173 1.49 14.89 24.12
C LYS E 173 0.75 14.62 22.79
N LEU E 174 -0.08 15.57 22.38
CA LEU E 174 -0.91 15.36 21.18
C LEU E 174 -1.07 16.66 20.42
N ILE E 175 -1.02 16.56 19.08
CA ILE E 175 -1.46 17.66 18.22
C ILE E 175 -2.66 17.15 17.43
N THR E 176 -3.67 17.99 17.36
CA THR E 176 -4.90 17.61 16.66
C THR E 176 -5.54 18.86 16.01
N GLN E 177 -6.75 18.70 15.47
CA GLN E 177 -7.48 19.84 14.89
C GLN E 177 -8.93 19.74 15.33
N LEU E 178 -9.49 20.88 15.70
CA LEU E 178 -10.90 21.04 16.08
C LEU E 178 -11.68 21.48 14.83
N TYR E 179 -12.82 20.83 14.57
CA TYR E 179 -13.75 21.23 13.49
C TYR E 179 -15.07 21.68 14.12
N PHE E 180 -15.96 22.26 13.32
CA PHE E 180 -17.16 22.88 13.88
C PHE E 180 -18.42 22.15 13.47
N GLU E 181 -19.30 21.96 14.44
CA GLU E 181 -20.57 21.25 14.26
C GLU E 181 -21.31 21.63 12.97
N GLY E 182 -21.58 20.62 12.14
CA GLY E 182 -22.43 20.80 10.96
C GLY E 182 -21.72 21.20 9.70
N ASP E 183 -20.42 21.50 9.77
CA ASP E 183 -19.71 22.03 8.61
C ASP E 183 -19.70 21.02 7.46
N PRO E 184 -20.30 21.38 6.30
CA PRO E 184 -20.42 20.39 5.22
C PRO E 184 -19.08 20.03 4.55
N LEU E 185 -18.02 20.78 4.84
CA LEU E 185 -16.70 20.43 4.30
C LEU E 185 -16.05 19.28 5.04
N ILE E 186 -16.52 18.96 6.23
CA ILE E 186 -15.83 17.92 7.04
C ILE E 186 -15.75 16.55 6.34
N PRO E 187 -16.88 16.05 5.79
CA PRO E 187 -16.81 14.70 5.19
C PRO E 187 -15.98 14.65 3.90
N MET E 188 -15.66 15.82 3.34
CA MET E 188 -14.94 15.93 2.07
C MET E 188 -13.42 16.07 2.22
N CYS E 189 -12.94 16.28 3.44
CA CYS E 189 -11.54 16.68 3.61
C CYS E 189 -10.61 15.47 3.75
N PRO E 190 -9.57 15.37 2.89
CA PRO E 190 -8.65 14.23 3.00
C PRO E 190 -7.80 14.21 4.27
N ILE E 191 -7.67 15.35 4.94
CA ILE E 191 -6.98 15.36 6.23
C ILE E 191 -7.90 14.80 7.32
N VAL E 192 -9.14 15.27 7.37
CA VAL E 192 -10.13 14.63 8.26
C VAL E 192 -10.17 13.13 7.98
N LYS E 193 -10.26 12.77 6.70
CA LYS E 193 -10.41 11.36 6.32
C LYS E 193 -9.12 10.52 6.45
N SER E 194 -8.01 11.12 6.89
CA SER E 194 -6.84 10.33 7.31
C SER E 194 -7.22 9.43 8.49
N ILE E 195 -8.24 9.84 9.23
CA ILE E 195 -8.84 9.04 10.31
C ILE E 195 -9.87 8.08 9.69
N ALA E 196 -9.60 6.77 9.79
CA ALA E 196 -10.41 5.78 9.09
C ALA E 196 -11.78 5.55 9.72
N ASN E 197 -11.85 5.67 11.05
CA ASN E 197 -13.08 5.38 11.80
C ASN E 197 -13.96 6.62 11.91
N PRO E 198 -15.19 6.58 11.36
CA PRO E 198 -16.06 7.77 11.44
C PRO E 198 -16.34 8.24 12.88
N GLU E 199 -16.36 7.31 13.84
CA GLU E 199 -16.58 7.67 15.25
C GLU E 199 -15.41 8.49 15.80
N ALA E 200 -14.21 8.21 15.30
CA ALA E 200 -13.03 8.98 15.74
C ALA E 200 -13.11 10.39 15.19
N VAL E 201 -13.51 10.52 13.94
CA VAL E 201 -13.74 11.85 13.35
C VAL E 201 -14.72 12.67 14.21
N GLN E 202 -15.80 12.04 14.68
CA GLN E 202 -16.77 12.76 15.48
C GLN E 202 -16.17 13.38 16.74
N GLN E 203 -15.11 12.78 17.25
CA GLN E 203 -14.47 13.23 18.48
C GLN E 203 -13.73 14.57 18.27
N LEU E 204 -13.53 14.93 17.02
CA LEU E 204 -12.87 16.20 16.68
C LEU E 204 -13.82 17.32 16.36
N ILE E 205 -15.13 17.07 16.48
CA ILE E 205 -16.10 18.10 16.10
C ILE E 205 -16.62 18.82 17.34
N ALA E 206 -16.29 20.10 17.45
CA ALA E 206 -16.76 20.91 18.56
C ALA E 206 -18.24 21.19 18.41
N LYS E 207 -18.94 21.17 19.53
CA LYS E 207 -20.40 21.45 19.49
C LYS E 207 -20.74 22.88 19.91
N LEU E 208 -21.71 23.46 19.23
CA LEU E 208 -22.24 24.75 19.63
C LEU E 208 -22.73 24.66 21.09
N ASP E 209 -22.35 25.64 21.91
CA ASP E 209 -22.59 25.57 23.35
C ASP E 209 -23.28 26.88 23.78
N MET E 210 -24.59 26.96 23.59
CA MET E 210 -25.29 28.22 23.88
C MET E 210 -25.25 28.59 25.36
N ASN E 211 -25.11 27.57 26.22
CA ASN E 211 -25.07 27.75 27.66
C ASN E 211 -23.86 28.58 28.08
N ASN E 212 -22.82 28.55 27.25
CA ASN E 212 -21.57 29.23 27.58
C ASN E 212 -21.39 30.54 26.82
N ALA E 213 -22.37 30.90 26.01
CA ALA E 213 -22.30 32.10 25.20
C ALA E 213 -22.48 33.33 26.08
N ASN E 214 -21.94 34.46 25.63
CA ASN E 214 -22.23 35.75 26.25
C ASN E 214 -23.28 36.43 25.39
N PRO E 215 -24.51 36.53 25.91
CA PRO E 215 -25.55 37.19 25.11
C PRO E 215 -25.15 38.57 24.57
N MET E 216 -25.57 38.87 23.35
CA MET E 216 -25.28 40.16 22.68
C MET E 216 -23.79 40.39 22.49
N ASP E 217 -23.00 39.32 22.48
CA ASP E 217 -21.55 39.46 22.52
C ASP E 217 -20.84 38.37 21.71
N CYS E 218 -20.87 37.14 22.22
CA CYS E 218 -20.15 36.06 21.52
C CYS E 218 -20.84 34.73 21.71
N LEU E 219 -20.76 33.86 20.70
CA LEU E 219 -21.21 32.49 20.84
C LEU E 219 -20.10 31.67 21.50
N ALA E 220 -20.32 30.37 21.65
CA ALA E 220 -19.36 29.47 22.32
C ALA E 220 -19.45 28.09 21.71
N TYR E 221 -18.31 27.41 21.64
CA TYR E 221 -18.22 26.03 21.20
C TYR E 221 -17.52 25.25 22.29
N ARG E 222 -17.89 23.99 22.45
CA ARG E 222 -17.28 23.13 23.45
C ARG E 222 -16.45 22.03 22.76
N PHE E 223 -15.20 21.87 23.19
CA PHE E 223 -14.31 20.85 22.63
C PHE E 223 -13.54 20.19 23.78
N ASP E 224 -13.94 18.97 24.13
CA ASP E 224 -13.28 18.22 25.19
C ASP E 224 -12.20 17.33 24.57
N ILE E 225 -11.11 17.14 25.32
CA ILE E 225 -9.93 16.44 24.82
C ILE E 225 -9.65 15.29 25.75
N VAL E 226 -9.39 14.11 25.19
CA VAL E 226 -9.12 12.93 25.99
C VAL E 226 -7.69 12.48 25.72
N LEU E 227 -6.83 12.51 26.73
CA LEU E 227 -5.45 12.00 26.61
C LEU E 227 -5.34 10.58 27.13
N ARG E 228 -4.21 9.92 26.84
CA ARG E 228 -4.07 8.51 27.24
C ARG E 228 -4.29 8.32 28.73
N GLY E 229 -4.97 7.22 29.07
CA GLY E 229 -5.21 6.89 30.47
C GLY E 229 -3.92 6.66 31.24
N GLN E 230 -3.87 7.23 32.44
CA GLN E 230 -2.69 7.10 33.32
C GLN E 230 -3.04 6.22 34.52
N ARG E 231 -2.20 5.21 34.79
CA ARG E 231 -2.41 4.37 35.97
C ARG E 231 -1.11 4.22 36.76
N LYS E 232 -1.23 3.84 38.02
CA LYS E 232 -0.05 3.46 38.78
C LYS E 232 0.57 2.19 38.22
N THR E 233 1.88 2.04 38.44
CA THR E 233 2.55 0.77 38.13
C THR E 233 2.02 -0.30 39.08
N HIS E 234 2.03 -1.56 38.65
CA HIS E 234 1.69 -2.64 39.56
C HIS E 234 2.41 -3.92 39.19
N PHE E 235 2.86 -4.65 40.22
CA PHE E 235 3.50 -5.95 40.01
C PHE E 235 4.65 -5.94 39.02
N GLU E 236 5.45 -4.87 39.02
CA GLU E 236 6.62 -4.80 38.13
C GLU E 236 7.89 -5.25 38.84
N ASN E 237 8.73 -5.98 38.11
CA ASN E 237 10.03 -6.49 38.61
C ASN E 237 9.91 -7.64 39.63
N CYS E 238 8.75 -8.30 39.63
CA CYS E 238 8.43 -9.37 40.60
C CYS E 238 7.50 -10.41 39.97
N PRO F 1 -9.59 29.34 -34.18
CA PRO F 1 -8.97 28.46 -33.20
C PRO F 1 -9.81 28.31 -31.92
N ALA F 2 -9.45 27.36 -31.07
CA ALA F 2 -10.19 27.09 -29.86
C ALA F 2 -10.00 28.21 -28.84
N GLN F 3 -10.98 28.44 -28.00
CA GLN F 3 -10.82 29.40 -26.91
C GLN F 3 -11.14 28.79 -25.54
N ASP F 4 -10.57 29.40 -24.50
CA ASP F 4 -10.81 29.02 -23.12
C ASP F 4 -12.06 29.73 -22.59
N ASN F 5 -13.20 29.07 -22.68
CA ASN F 5 -14.42 29.70 -22.20
C ASN F 5 -15.20 28.85 -21.19
N SER F 6 -14.62 27.74 -20.77
CA SER F 6 -15.36 26.85 -19.89
C SER F 6 -14.45 26.15 -18.91
N ARG F 7 -15.05 25.68 -17.82
CA ARG F 7 -14.37 24.92 -16.80
C ARG F 7 -15.10 23.59 -16.65
N PHE F 8 -14.33 22.58 -16.24
CA PHE F 8 -14.86 21.23 -16.09
C PHE F 8 -14.79 20.80 -14.66
N VAL F 9 -15.89 20.27 -14.14
CA VAL F 9 -15.98 19.83 -12.74
C VAL F 9 -14.81 18.86 -12.46
N ILE F 10 -14.14 19.07 -11.34
CA ILE F 10 -12.99 18.23 -10.97
C ILE F 10 -13.40 16.76 -10.84
N ARG F 11 -12.52 15.86 -11.30
CA ARG F 11 -12.79 14.41 -11.21
C ARG F 11 -12.80 13.90 -9.77
N ASP F 12 -13.68 12.93 -9.50
CA ASP F 12 -13.65 12.23 -8.24
C ASP F 12 -12.80 10.97 -8.41
N ARG F 13 -11.55 11.05 -7.96
CA ARG F 13 -10.63 9.93 -8.16
C ARG F 13 -10.79 8.80 -7.14
N ASN F 14 -11.82 8.88 -6.30
CA ASN F 14 -12.25 7.70 -5.54
C ASN F 14 -13.49 7.06 -6.15
N TRP F 15 -14.07 7.70 -7.17
CA TRP F 15 -15.18 7.15 -7.97
C TRP F 15 -14.59 6.35 -9.12
N HIS F 16 -13.70 6.98 -9.88
CA HIS F 16 -12.84 6.25 -10.80
C HIS F 16 -11.99 5.22 -10.05
N PRO F 17 -11.46 4.21 -10.78
CA PRO F 17 -10.51 3.30 -10.14
C PRO F 17 -9.23 4.05 -9.77
N LYS F 18 -8.64 3.72 -8.62
CA LYS F 18 -7.32 4.24 -8.29
C LYS F 18 -6.25 3.59 -9.19
N ALA F 19 -5.04 4.15 -9.20
CA ALA F 19 -3.95 3.62 -10.04
C ALA F 19 -3.48 2.25 -9.55
N LEU F 20 -3.26 2.15 -8.24
CA LEU F 20 -2.76 0.91 -7.67
C LEU F 20 -3.89 0.02 -7.14
N THR F 21 -4.15 -1.05 -7.88
CA THR F 21 -5.25 -1.98 -7.54
C THR F 21 -4.66 -3.40 -7.72
N PRO F 22 -3.90 -3.90 -6.73
CA PRO F 22 -2.98 -5.04 -6.95
C PRO F 22 -3.61 -6.35 -7.44
N ASP F 23 -4.91 -6.57 -7.20
CA ASP F 23 -5.53 -7.80 -7.71
C ASP F 23 -5.53 -7.81 -9.24
N TYR F 24 -5.48 -6.61 -9.83
CA TYR F 24 -5.26 -6.45 -11.27
C TYR F 24 -3.74 -6.31 -11.37
N LYS F 25 -3.07 -7.42 -11.67
CA LYS F 25 -1.62 -7.54 -11.39
C LYS F 25 -0.76 -6.53 -12.13
N THR F 26 -1.08 -6.27 -13.39
CA THR F 26 -0.27 -5.34 -14.20
CA THR F 26 -0.23 -5.34 -14.16
C THR F 26 -0.30 -3.90 -13.65
N SER F 27 -1.31 -3.56 -12.83
CA SER F 27 -1.35 -2.21 -12.26
C SER F 27 -0.25 -2.00 -11.21
N ILE F 28 0.32 -3.09 -10.68
CA ILE F 28 1.33 -2.93 -9.62
C ILE F 28 2.55 -2.15 -10.10
N ALA F 29 3.08 -2.53 -11.27
CA ALA F 29 4.27 -1.87 -11.80
C ALA F 29 3.95 -0.67 -12.72
N ARG F 30 2.67 -0.43 -12.97
CA ARG F 30 2.27 0.62 -13.94
C ARG F 30 1.42 1.71 -13.29
N SER F 31 1.62 1.88 -11.98
CA SER F 31 0.94 2.94 -11.20
C SER F 31 1.95 3.88 -10.61
N PRO F 32 1.72 5.19 -10.74
CA PRO F 32 2.71 6.10 -10.14
C PRO F 32 2.70 5.97 -8.63
N ARG F 33 3.86 6.11 -8.01
CA ARG F 33 3.92 6.10 -6.54
C ARG F 33 3.93 7.49 -5.96
N GLN F 34 4.21 8.51 -6.77
CA GLN F 34 4.07 9.90 -6.31
C GLN F 34 2.66 10.44 -6.54
N ALA F 35 2.26 11.40 -5.70
CA ALA F 35 0.95 12.02 -5.90
C ALA F 35 0.91 12.74 -7.24
N LEU F 36 -0.27 12.72 -7.88
CA LEU F 36 -0.54 13.60 -9.01
C LEU F 36 -0.38 15.05 -8.57
N VAL F 37 0.12 15.88 -9.48
CA VAL F 37 0.24 17.30 -9.20
C VAL F 37 -0.98 18.05 -9.75
N SER F 38 -1.78 18.68 -8.88
CA SER F 38 -2.95 19.42 -9.36
C SER F 38 -2.53 20.71 -10.03
N ILE F 39 -3.14 21.01 -11.17
CA ILE F 39 -2.90 22.29 -11.83
C ILE F 39 -4.23 22.93 -12.23
N PRO F 40 -4.26 24.29 -12.29
CA PRO F 40 -5.51 24.96 -12.68
C PRO F 40 -5.82 24.74 -14.14
N GLN F 41 -7.10 24.80 -14.48
CA GLN F 41 -7.45 24.65 -15.88
C GLN F 41 -6.99 25.88 -16.68
N SER F 42 -6.39 25.61 -17.85
CA SER F 42 -6.05 26.67 -18.81
C SER F 42 -6.59 26.26 -20.16
N ILE F 43 -6.34 27.08 -21.17
CA ILE F 43 -6.75 26.73 -22.52
C ILE F 43 -6.17 25.38 -23.01
N SER F 44 -5.01 24.98 -22.47
CA SER F 44 -4.42 23.69 -22.81
C SER F 44 -5.32 22.51 -22.41
N GLU F 45 -6.01 22.65 -21.29
CA GLU F 45 -6.80 21.54 -20.73
C GLU F 45 -8.28 21.64 -21.10
N THR F 46 -8.75 22.85 -21.39
CA THR F 46 -10.20 23.06 -21.53
C THR F 46 -10.68 23.06 -22.98
N THR F 47 -9.75 22.76 -23.89
CA THR F 47 -10.04 22.61 -25.30
C THR F 47 -9.66 21.20 -25.76
N GLY F 48 -10.08 20.84 -26.97
CA GLY F 48 -9.74 19.54 -27.51
C GLY F 48 -10.29 19.44 -28.90
N PRO F 49 -9.96 18.33 -29.57
CA PRO F 49 -10.34 18.15 -30.96
C PRO F 49 -11.83 17.95 -31.13
N ASN F 50 -12.35 18.56 -32.19
CA ASN F 50 -13.68 18.25 -32.67
C ASN F 50 -13.57 17.47 -33.99
N PHE F 51 -14.31 16.38 -34.10
CA PHE F 51 -14.15 15.46 -35.20
C PHE F 51 -15.30 15.51 -36.20
N SER F 52 -16.00 16.63 -36.22
CA SER F 52 -17.14 16.82 -37.12
C SER F 52 -16.78 16.55 -38.57
N HIS F 53 -15.55 16.90 -38.95
CA HIS F 53 -15.13 16.73 -40.35
C HIS F 53 -14.16 15.59 -40.59
N LEU F 54 -14.07 14.67 -39.64
CA LEU F 54 -13.42 13.39 -39.91
C LEU F 54 -14.35 12.62 -40.85
N GLY F 55 -13.78 11.98 -41.85
CA GLY F 55 -14.57 11.31 -42.85
C GLY F 55 -14.81 9.89 -42.40
N PHE F 56 -16.05 9.59 -42.05
CA PHE F 56 -16.42 8.24 -41.63
C PHE F 56 -16.91 7.44 -42.84
N GLY F 57 -16.51 6.17 -42.93
CA GLY F 57 -17.06 5.25 -43.93
C GLY F 57 -18.46 4.81 -43.59
N ALA F 58 -19.19 4.35 -44.60
CA ALA F 58 -20.61 4.01 -44.47
C ALA F 58 -20.94 3.04 -43.33
N HIS F 59 -20.02 2.11 -43.09
CA HIS F 59 -20.28 1.04 -42.14
C HIS F 59 -19.39 1.17 -40.93
N ASP F 60 -18.86 2.36 -40.66
CA ASP F 60 -17.88 2.44 -39.57
C ASP F 60 -18.49 2.10 -38.20
N HIS F 61 -19.82 2.22 -38.10
CA HIS F 61 -20.53 1.98 -36.85
C HIS F 61 -21.20 0.60 -36.86
N ASP F 62 -20.98 -0.15 -37.94
CA ASP F 62 -21.73 -1.40 -38.15
C ASP F 62 -20.76 -2.56 -38.32
N LEU F 63 -20.50 -3.25 -37.20
CA LEU F 63 -19.50 -4.32 -37.17
C LEU F 63 -20.01 -5.59 -37.83
N LEU F 64 -21.31 -5.64 -38.18
CA LEU F 64 -21.80 -6.80 -38.94
C LEU F 64 -21.41 -6.70 -40.41
N LEU F 65 -21.07 -5.49 -40.85
CA LEU F 65 -20.77 -5.23 -42.26
C LEU F 65 -19.38 -4.66 -42.55
N ASN F 66 -18.71 -4.17 -41.51
CA ASN F 66 -17.43 -3.48 -41.73
C ASN F 66 -16.17 -4.36 -41.85
N PHE F 67 -16.35 -5.69 -41.71
CA PHE F 67 -15.30 -6.67 -41.98
C PHE F 67 -15.87 -7.81 -42.81
N ASN F 68 -16.49 -7.45 -43.94
CA ASN F 68 -17.24 -8.41 -44.76
C ASN F 68 -16.28 -9.20 -45.64
N ASN F 69 -16.22 -10.50 -45.41
CA ASN F 69 -15.40 -11.40 -46.23
C ASN F 69 -16.22 -12.55 -46.80
N GLY F 70 -17.46 -12.24 -47.17
CA GLY F 70 -18.33 -13.21 -47.83
C GLY F 70 -19.55 -13.60 -47.02
N GLY F 71 -19.61 -13.16 -45.76
CA GLY F 71 -20.79 -13.43 -44.96
C GLY F 71 -20.97 -12.61 -43.70
N LEU F 72 -21.97 -13.01 -42.92
CA LEU F 72 -22.27 -12.35 -41.65
C LEU F 72 -21.44 -12.98 -40.54
N PRO F 73 -21.05 -12.19 -39.53
CA PRO F 73 -20.40 -12.82 -38.37
C PRO F 73 -21.36 -13.72 -37.60
N ILE F 74 -20.80 -14.71 -36.91
CA ILE F 74 -21.56 -15.62 -36.09
C ILE F 74 -21.67 -14.99 -34.70
N GLY F 75 -22.85 -15.03 -34.11
CA GLY F 75 -22.98 -14.42 -32.79
C GLY F 75 -24.29 -13.70 -32.61
N GLU F 76 -24.49 -13.27 -31.37
CA GLU F 76 -25.75 -12.59 -30.97
C GLU F 76 -25.79 -11.19 -31.53
N ARG F 77 -26.68 -10.99 -32.51
CA ARG F 77 -26.82 -9.70 -33.14
C ARG F 77 -27.41 -8.71 -32.15
N ILE F 78 -26.74 -7.58 -31.99
CA ILE F 78 -27.18 -6.53 -31.07
C ILE F 78 -26.90 -5.13 -31.57
N ILE F 79 -27.80 -4.21 -31.22
CA ILE F 79 -27.55 -2.79 -31.30
C ILE F 79 -27.05 -2.34 -29.93
N VAL F 80 -26.00 -1.51 -29.91
CA VAL F 80 -25.53 -0.89 -28.67
C VAL F 80 -25.72 0.60 -28.87
N ALA F 81 -26.57 1.23 -28.05
CA ALA F 81 -26.92 2.63 -28.28
C ALA F 81 -27.02 3.34 -26.95
N GLY F 82 -26.95 4.65 -26.97
CA GLY F 82 -27.05 5.40 -25.73
C GLY F 82 -26.87 6.88 -26.00
N ARG F 83 -26.78 7.66 -24.93
CA ARG F 83 -26.65 9.09 -25.03
C ARG F 83 -25.38 9.46 -24.28
N VAL F 84 -24.64 10.44 -24.81
CA VAL F 84 -23.51 11.03 -24.06
C VAL F 84 -24.00 12.37 -23.53
N VAL F 85 -23.93 12.54 -22.21
CA VAL F 85 -24.31 13.79 -21.54
C VAL F 85 -23.16 14.18 -20.60
N ASP F 86 -23.19 15.41 -20.11
CA ASP F 86 -22.25 15.78 -19.05
C ASP F 86 -22.93 15.69 -17.68
N GLN F 87 -22.20 16.03 -16.62
CA GLN F 87 -22.73 15.77 -15.29
C GLN F 87 -23.92 16.68 -14.93
N TYR F 88 -24.08 17.76 -15.70
CA TYR F 88 -25.23 18.66 -15.52
C TYR F 88 -26.43 18.17 -16.30
N GLY F 89 -26.24 17.06 -17.00
CA GLY F 89 -27.30 16.48 -17.83
C GLY F 89 -27.37 17.02 -19.25
N LYS F 90 -26.41 17.85 -19.65
CA LYS F 90 -26.46 18.45 -21.00
C LYS F 90 -25.94 17.46 -22.04
N PRO F 91 -26.65 17.30 -23.17
CA PRO F 91 -26.12 16.37 -24.17
C PRO F 91 -24.81 16.84 -24.75
N VAL F 92 -24.04 15.87 -25.25
CA VAL F 92 -22.72 16.13 -25.82
C VAL F 92 -22.80 15.74 -27.28
N PRO F 93 -23.17 16.72 -28.13
CA PRO F 93 -23.40 16.41 -29.54
C PRO F 93 -22.10 16.39 -30.35
N ASN F 94 -22.11 15.68 -31.48
CA ASN F 94 -21.00 15.69 -32.43
C ASN F 94 -19.69 15.30 -31.77
N THR F 95 -19.76 14.31 -30.87
CA THR F 95 -18.57 13.86 -30.17
C THR F 95 -18.15 12.46 -30.66
N LEU F 96 -16.85 12.16 -30.63
CA LEU F 96 -16.34 10.89 -31.16
C LEU F 96 -16.41 9.74 -30.14
N VAL F 97 -17.10 8.67 -30.53
CA VAL F 97 -17.24 7.46 -29.72
C VAL F 97 -16.61 6.33 -30.53
N GLU F 98 -15.60 5.70 -29.94
CA GLU F 98 -14.89 4.61 -30.58
C GLU F 98 -15.04 3.39 -29.70
N MET F 99 -15.06 2.20 -30.31
CA MET F 99 -15.27 0.97 -29.54
C MET F 99 -14.51 -0.17 -30.19
N TRP F 100 -14.09 -1.13 -29.37
CA TRP F 100 -13.50 -2.36 -29.88
C TRP F 100 -13.83 -3.52 -28.96
N GLN F 101 -13.79 -4.73 -29.49
CA GLN F 101 -14.22 -5.89 -28.74
C GLN F 101 -13.72 -7.16 -29.39
N ALA F 102 -13.81 -8.26 -28.64
CA ALA F 102 -13.58 -9.59 -29.15
C ALA F 102 -14.81 -10.06 -29.94
N ASN F 103 -14.66 -11.21 -30.60
CA ASN F 103 -15.75 -11.84 -31.31
C ASN F 103 -16.63 -12.66 -30.38
N ALA F 104 -17.57 -13.41 -30.94
CA ALA F 104 -18.54 -14.14 -30.11
C ALA F 104 -17.93 -15.16 -29.17
N GLY F 105 -16.72 -15.60 -29.48
CA GLY F 105 -16.03 -16.60 -28.66
C GLY F 105 -14.96 -16.05 -27.74
N GLY F 106 -14.87 -14.72 -27.64
CA GLY F 106 -13.83 -14.13 -26.83
C GLY F 106 -12.48 -13.96 -27.49
N ARG F 107 -12.40 -14.14 -28.80
CA ARG F 107 -11.13 -13.96 -29.53
C ARG F 107 -11.00 -12.57 -30.15
N TYR F 108 -9.88 -11.88 -29.88
CA TYR F 108 -9.59 -10.58 -30.47
C TYR F 108 -8.80 -10.73 -31.75
N ARG F 109 -9.08 -9.86 -32.71
CA ARG F 109 -8.31 -9.82 -33.93
C ARG F 109 -7.12 -8.91 -33.69
N HIS F 110 -6.16 -9.44 -32.95
CA HIS F 110 -4.94 -8.72 -32.63
C HIS F 110 -3.84 -9.77 -32.60
N LYS F 111 -2.67 -9.41 -33.15
CA LYS F 111 -1.56 -10.34 -33.25
C LYS F 111 -1.14 -10.95 -31.91
N ASN F 112 -1.35 -10.21 -30.83
CA ASN F 112 -0.90 -10.65 -29.50
C ASN F 112 -1.90 -11.56 -28.77
N ASP F 113 -3.09 -11.76 -29.35
CA ASP F 113 -4.08 -12.66 -28.73
C ASP F 113 -3.92 -14.08 -29.25
N ARG F 114 -3.48 -14.97 -28.37
CA ARG F 114 -3.31 -16.35 -28.77
C ARG F 114 -4.28 -17.31 -28.10
N TYR F 115 -5.41 -16.79 -27.63
CA TYR F 115 -6.46 -17.64 -27.09
C TYR F 115 -6.94 -18.61 -28.16
N LEU F 116 -7.17 -19.84 -27.76
CA LEU F 116 -7.43 -20.93 -28.70
C LEU F 116 -8.78 -20.85 -29.43
N ALA F 117 -9.71 -20.01 -28.95
CA ALA F 117 -11.01 -19.78 -29.64
C ALA F 117 -10.76 -19.16 -31.00
N PRO F 118 -11.48 -19.63 -32.03
CA PRO F 118 -11.10 -19.16 -33.37
C PRO F 118 -11.53 -17.74 -33.71
N LEU F 119 -10.80 -17.13 -34.64
CA LEU F 119 -11.27 -15.90 -35.28
C LEU F 119 -12.51 -16.20 -36.14
N ASP F 120 -13.31 -15.17 -36.33
CA ASP F 120 -14.47 -15.24 -37.19
C ASP F 120 -14.10 -14.46 -38.47
N PRO F 121 -14.11 -15.14 -39.64
CA PRO F 121 -13.63 -14.50 -40.86
C PRO F 121 -14.40 -13.26 -41.29
N ASN F 122 -15.61 -13.06 -40.74
CA ASN F 122 -16.42 -11.88 -41.05
C ASN F 122 -16.57 -10.90 -39.88
N PHE F 123 -15.68 -11.00 -38.92
CA PHE F 123 -15.72 -10.06 -37.80
C PHE F 123 -14.38 -9.46 -37.51
N GLY F 124 -14.35 -8.12 -37.43
CA GLY F 124 -13.13 -7.37 -37.12
C GLY F 124 -13.09 -6.82 -35.70
N GLY F 125 -14.19 -6.30 -35.21
CA GLY F 125 -14.29 -5.90 -33.80
C GLY F 125 -14.03 -4.43 -33.51
N VAL F 126 -14.02 -3.57 -34.53
CA VAL F 126 -13.84 -2.13 -34.33
C VAL F 126 -14.97 -1.29 -34.92
N GLY F 127 -15.41 -0.30 -34.15
CA GLY F 127 -16.39 0.67 -34.62
C GLY F 127 -16.09 2.10 -34.19
N ARG F 128 -16.67 3.06 -34.92
CA ARG F 128 -16.63 4.47 -34.48
C ARG F 128 -17.85 5.18 -34.99
N CYS F 129 -18.25 6.22 -34.30
CA CYS F 129 -19.32 7.08 -34.80
C CYS F 129 -19.29 8.40 -34.07
N LEU F 130 -20.01 9.37 -34.59
CA LEU F 130 -20.09 10.67 -33.95
C LEU F 130 -21.47 10.72 -33.32
N THR F 131 -21.58 11.18 -32.07
CA THR F 131 -22.93 11.41 -31.54
C THR F 131 -23.70 12.42 -32.41
N ASP F 132 -25.02 12.27 -32.44
CA ASP F 132 -25.85 13.19 -33.22
C ASP F 132 -26.07 14.51 -32.49
N SER F 133 -26.89 15.38 -33.06
CA SER F 133 -27.10 16.70 -32.46
C SER F 133 -27.79 16.65 -31.07
N ASP F 134 -28.39 15.51 -30.71
CA ASP F 134 -29.01 15.35 -29.39
C ASP F 134 -28.17 14.49 -28.43
N GLY F 135 -26.96 14.13 -28.87
CA GLY F 135 -26.00 13.36 -28.06
C GLY F 135 -26.09 11.85 -28.15
N TYR F 136 -26.90 11.34 -29.08
CA TYR F 136 -27.08 9.89 -29.23
C TYR F 136 -26.09 9.23 -30.18
N TYR F 137 -25.68 8.01 -29.85
CA TYR F 137 -24.82 7.21 -30.70
C TYR F 137 -25.48 5.84 -30.87
N SER F 138 -25.05 5.09 -31.88
CA SER F 138 -25.45 3.69 -31.98
C SER F 138 -24.50 2.89 -32.84
N PHE F 139 -24.27 1.66 -32.42
CA PHE F 139 -23.47 0.67 -33.13
C PHE F 139 -24.31 -0.57 -33.34
N ARG F 140 -23.99 -1.35 -34.37
CA ARG F 140 -24.56 -2.68 -34.51
C ARG F 140 -23.39 -3.64 -34.47
N THR F 141 -23.52 -4.74 -33.72
CA THR F 141 -22.41 -5.65 -33.54
C THR F 141 -22.90 -7.04 -33.12
N ILE F 142 -21.98 -7.93 -32.75
CA ILE F 142 -22.38 -9.15 -32.06
C ILE F 142 -21.91 -9.07 -30.60
N LYS F 143 -22.65 -9.73 -29.71
CA LYS F 143 -22.24 -9.72 -28.31
C LYS F 143 -20.90 -10.46 -28.15
N PRO F 144 -19.88 -9.79 -27.54
CA PRO F 144 -18.58 -10.44 -27.38
C PRO F 144 -18.61 -11.53 -26.29
N GLY F 145 -17.82 -12.59 -26.48
CA GLY F 145 -17.71 -13.62 -25.47
C GLY F 145 -16.72 -13.27 -24.35
N PRO F 146 -16.88 -13.89 -23.17
CA PRO F 146 -15.88 -13.70 -22.12
C PRO F 146 -14.57 -14.24 -22.60
N TYR F 147 -13.50 -13.84 -21.93
CA TYR F 147 -12.25 -14.47 -22.26
CA TYR F 147 -12.11 -14.09 -22.36
C TYR F 147 -11.24 -14.52 -21.14
N PRO F 148 -10.48 -15.61 -21.19
CA PRO F 148 -9.60 -15.90 -20.08
C PRO F 148 -8.35 -15.09 -20.27
N TRP F 149 -7.71 -14.77 -19.15
CA TRP F 149 -6.51 -13.97 -19.21
C TRP F 149 -5.56 -14.29 -18.06
N ARG F 150 -4.28 -14.01 -18.28
CA ARG F 150 -3.25 -14.44 -17.34
C ARG F 150 -3.04 -13.46 -16.18
N ASN F 151 -4.07 -13.37 -15.35
CA ASN F 151 -4.00 -12.57 -14.14
C ASN F 151 -3.86 -13.57 -13.00
N GLY F 152 -4.94 -13.84 -12.27
CA GLY F 152 -4.98 -15.02 -11.41
C GLY F 152 -5.02 -16.31 -12.24
N PRO F 153 -4.97 -17.48 -11.60
CA PRO F 153 -4.96 -18.73 -12.36
C PRO F 153 -6.25 -19.16 -13.07
N ASN F 154 -7.38 -18.56 -12.74
CA ASN F 154 -8.64 -18.85 -13.44
C ASN F 154 -9.47 -17.60 -13.54
N ASP F 155 -8.89 -16.56 -14.15
CA ASP F 155 -9.58 -15.29 -14.33
C ASP F 155 -10.12 -15.15 -15.74
N TRP F 156 -11.34 -14.59 -15.80
CA TRP F 156 -12.07 -14.44 -17.07
C TRP F 156 -12.71 -13.05 -17.11
N ARG F 157 -12.46 -12.29 -18.17
CA ARG F 157 -13.16 -11.02 -18.32
C ARG F 157 -14.64 -11.33 -18.60
N PRO F 158 -15.56 -10.58 -17.97
CA PRO F 158 -16.96 -10.66 -18.41
C PRO F 158 -17.01 -10.22 -19.88
N ALA F 159 -18.10 -10.58 -20.58
CA ALA F 159 -18.32 -10.03 -21.91
C ALA F 159 -18.21 -8.51 -21.80
N HIS F 160 -17.46 -7.89 -22.69
CA HIS F 160 -17.32 -6.42 -22.59
C HIS F 160 -16.95 -5.78 -23.93
N ILE F 161 -17.32 -4.50 -24.05
CA ILE F 161 -16.93 -3.72 -25.22
C ILE F 161 -16.13 -2.54 -24.70
N HIS F 162 -14.93 -2.34 -25.25
CA HIS F 162 -14.13 -1.16 -24.87
C HIS F 162 -14.68 0.10 -25.53
N PHE F 163 -14.73 1.23 -24.79
CA PHE F 163 -15.22 2.49 -25.32
C PHE F 163 -14.20 3.61 -25.14
N GLY F 164 -14.08 4.49 -26.13
CA GLY F 164 -13.35 5.74 -25.93
C GLY F 164 -14.27 6.87 -26.35
N ILE F 165 -14.31 7.95 -25.57
CA ILE F 165 -15.17 9.11 -25.90
C ILE F 165 -14.32 10.35 -25.75
N SER F 166 -14.31 11.19 -26.78
CA SER F 166 -13.53 12.45 -26.76
C SER F 166 -14.14 13.54 -25.88
N GLY F 167 -15.42 13.86 -26.11
CA GLY F 167 -16.04 14.99 -25.43
C GLY F 167 -15.45 16.32 -25.87
N PRO F 168 -15.88 17.40 -25.20
CA PRO F 168 -15.52 18.77 -25.65
C PRO F 168 -14.05 19.19 -25.40
N SER F 169 -13.33 18.47 -24.56
CA SER F 169 -11.93 18.87 -24.26
C SER F 169 -11.08 17.68 -23.90
N ILE F 170 -9.76 17.87 -23.87
CA ILE F 170 -8.89 16.78 -23.43
C ILE F 170 -9.13 16.43 -21.94
N ALA F 171 -9.70 17.38 -21.20
CA ALA F 171 -10.06 17.12 -19.81
C ALA F 171 -11.24 16.15 -19.67
N THR F 172 -12.09 16.07 -20.70
CA THR F 172 -13.26 15.18 -20.66
C THR F 172 -13.00 13.80 -21.27
N LYS F 173 -11.92 13.66 -22.05
CA LYS F 173 -11.61 12.41 -22.74
C LYS F 173 -11.61 11.24 -21.77
N LEU F 174 -12.27 10.14 -22.16
CA LEU F 174 -12.40 8.98 -21.27
C LEU F 174 -12.26 7.67 -22.04
N ILE F 175 -11.57 6.69 -21.46
CA ILE F 175 -11.66 5.32 -21.94
C ILE F 175 -12.29 4.49 -20.83
N THR F 176 -13.22 3.61 -21.23
CA THR F 176 -13.92 2.79 -20.23
C THR F 176 -14.31 1.43 -20.86
N GLN F 177 -15.07 0.62 -20.11
CA GLN F 177 -15.56 -0.65 -20.66
C GLN F 177 -17.02 -0.82 -20.30
N LEU F 178 -17.78 -1.32 -21.28
CA LEU F 178 -19.20 -1.62 -21.13
C LEU F 178 -19.34 -3.10 -20.79
N TYR F 179 -20.15 -3.40 -19.78
CA TYR F 179 -20.49 -4.79 -19.40
C TYR F 179 -21.99 -5.02 -19.64
N PHE F 180 -22.44 -6.28 -19.55
CA PHE F 180 -23.83 -6.62 -19.92
C PHE F 180 -24.65 -7.07 -18.76
N GLU F 181 -25.86 -6.51 -18.66
CA GLU F 181 -26.79 -6.81 -17.58
C GLU F 181 -26.86 -8.29 -17.20
N GLY F 182 -26.62 -8.57 -15.93
CA GLY F 182 -26.81 -9.92 -15.43
C GLY F 182 -25.59 -10.81 -15.45
N ASP F 183 -24.54 -10.40 -16.16
CA ASP F 183 -23.36 -11.27 -16.33
C ASP F 183 -22.74 -11.69 -14.98
N PRO F 184 -22.76 -13.01 -14.67
CA PRO F 184 -22.29 -13.44 -13.36
C PRO F 184 -20.76 -13.29 -13.22
N LEU F 185 -20.06 -13.00 -14.30
CA LEU F 185 -18.60 -12.78 -14.22
C LEU F 185 -18.25 -11.38 -13.70
N ILE F 186 -19.20 -10.45 -13.78
CA ILE F 186 -18.91 -9.05 -13.39
C ILE F 186 -18.36 -8.89 -11.96
N PRO F 187 -19.04 -9.49 -10.95
CA PRO F 187 -18.57 -9.32 -9.55
C PRO F 187 -17.20 -9.97 -9.26
N MET F 188 -16.74 -10.81 -10.17
CA MET F 188 -15.55 -11.64 -9.97
C MET F 188 -14.31 -11.04 -10.63
N CYS F 189 -14.49 -10.00 -11.46
CA CYS F 189 -13.39 -9.53 -12.29
C CYS F 189 -12.53 -8.48 -11.57
N PRO F 190 -11.20 -8.71 -11.47
CA PRO F 190 -10.32 -7.71 -10.83
C PRO F 190 -10.19 -6.40 -11.60
N ILE F 191 -10.51 -6.37 -12.89
CA ILE F 191 -10.56 -5.10 -13.62
C ILE F 191 -11.84 -4.33 -13.27
N VAL F 192 -12.98 -5.01 -13.27
CA VAL F 192 -14.20 -4.33 -12.77
C VAL F 192 -13.94 -3.79 -11.36
N LYS F 193 -13.37 -4.62 -10.52
CA LYS F 193 -13.21 -4.30 -9.11
C LYS F 193 -12.07 -3.36 -8.79
N SER F 194 -11.35 -2.91 -9.83
CA SER F 194 -10.48 -1.75 -9.69
C SER F 194 -11.28 -0.52 -9.26
N ILE F 195 -12.57 -0.51 -9.61
CA ILE F 195 -13.50 0.48 -9.11
C ILE F 195 -13.98 0.05 -7.72
N ALA F 196 -13.68 0.87 -6.71
CA ALA F 196 -13.95 0.50 -5.32
C ALA F 196 -15.43 0.60 -4.94
N ASN F 197 -16.13 1.58 -5.52
CA ASN F 197 -17.51 1.87 -5.15
C ASN F 197 -18.49 1.04 -5.99
N PRO F 198 -19.28 0.16 -5.36
CA PRO F 198 -20.17 -0.70 -6.15
C PRO F 198 -21.20 0.05 -7.02
N GLU F 199 -21.58 1.25 -6.60
CA GLU F 199 -22.47 2.09 -7.38
C GLU F 199 -21.81 2.59 -8.66
N ALA F 200 -20.50 2.82 -8.62
CA ALA F 200 -19.78 3.19 -9.85
C ALA F 200 -19.71 2.01 -10.83
N VAL F 201 -19.48 0.81 -10.31
CA VAL F 201 -19.51 -0.38 -11.17
C VAL F 201 -20.84 -0.46 -11.91
N GLN F 202 -21.95 -0.19 -11.21
CA GLN F 202 -23.27 -0.27 -11.88
C GLN F 202 -23.41 0.67 -13.07
N GLN F 203 -22.65 1.75 -13.07
CA GLN F 203 -22.70 2.72 -14.16
C GLN F 203 -22.10 2.17 -15.48
N LEU F 204 -21.35 1.08 -15.39
CA LEU F 204 -20.75 0.47 -16.58
C LEU F 204 -21.55 -0.69 -17.11
N ILE F 205 -22.71 -0.98 -16.50
CA ILE F 205 -23.46 -2.16 -16.93
C ILE F 205 -24.58 -1.71 -17.87
N ALA F 206 -24.46 -2.07 -19.16
CA ALA F 206 -25.50 -1.78 -20.16
C ALA F 206 -26.74 -2.59 -19.86
N LYS F 207 -27.91 -1.99 -20.09
CA LYS F 207 -29.16 -2.66 -19.84
C LYS F 207 -29.82 -3.18 -21.11
N LEU F 208 -30.38 -4.39 -21.02
CA LEU F 208 -31.17 -4.93 -22.15
C LEU F 208 -32.28 -3.93 -22.46
N ASP F 209 -32.46 -3.63 -23.75
CA ASP F 209 -33.36 -2.56 -24.19
C ASP F 209 -34.30 -3.12 -25.27
N MET F 210 -35.37 -3.79 -24.85
CA MET F 210 -36.25 -4.48 -25.82
C MET F 210 -36.95 -3.49 -26.71
N ASN F 211 -37.14 -2.27 -26.19
CA ASN F 211 -37.78 -1.18 -26.92
C ASN F 211 -37.03 -0.79 -28.19
N ASN F 212 -35.72 -1.00 -28.19
CA ASN F 212 -34.86 -0.60 -29.30
C ASN F 212 -34.46 -1.77 -30.20
N ALA F 213 -34.94 -2.96 -29.88
CA ALA F 213 -34.63 -4.16 -30.68
C ALA F 213 -35.38 -4.15 -32.01
N ASN F 214 -34.79 -4.81 -33.00
CA ASN F 214 -35.48 -5.11 -34.27
C ASN F 214 -36.06 -6.52 -34.17
N PRO F 215 -37.39 -6.67 -34.08
CA PRO F 215 -37.96 -8.03 -34.01
C PRO F 215 -37.47 -8.93 -35.13
N MET F 216 -37.27 -10.21 -34.80
CA MET F 216 -36.84 -11.24 -35.76
C MET F 216 -35.46 -10.93 -36.35
N ASP F 217 -34.67 -10.10 -35.66
CA ASP F 217 -33.44 -9.58 -36.25
C ASP F 217 -32.33 -9.45 -35.20
N CYS F 218 -32.48 -8.47 -34.32
CA CYS F 218 -31.40 -8.18 -33.36
C CYS F 218 -31.96 -7.65 -32.05
N LEU F 219 -31.29 -8.01 -30.95
CA LEU F 219 -31.58 -7.38 -29.65
C LEU F 219 -30.89 -6.04 -29.54
N ALA F 220 -31.01 -5.38 -28.39
CA ALA F 220 -30.42 -4.06 -28.20
C ALA F 220 -30.07 -3.88 -26.73
N TYR F 221 -28.95 -3.19 -26.49
CA TYR F 221 -28.52 -2.79 -25.13
C TYR F 221 -28.37 -1.26 -25.11
N ARG F 222 -28.61 -0.67 -23.92
CA ARG F 222 -28.51 0.77 -23.75
C ARG F 222 -27.35 1.09 -22.79
N PHE F 223 -26.47 1.98 -23.22
CA PHE F 223 -25.30 2.36 -22.41
C PHE F 223 -25.14 3.85 -22.52
N ASP F 224 -25.53 4.57 -21.46
CA ASP F 224 -25.39 6.00 -21.45
C ASP F 224 -24.05 6.35 -20.81
N ILE F 225 -23.47 7.46 -21.25
CA ILE F 225 -22.12 7.89 -20.82
C ILE F 225 -22.22 9.30 -20.26
N VAL F 226 -21.61 9.51 -19.10
CA VAL F 226 -21.60 10.81 -18.46
C VAL F 226 -20.19 11.34 -18.40
N LEU F 227 -19.94 12.48 -19.04
CA LEU F 227 -18.62 13.12 -19.01
C LEU F 227 -18.63 14.24 -18.00
N ARG F 228 -17.45 14.78 -17.71
CA ARG F 228 -17.35 15.86 -16.71
C ARG F 228 -18.27 17.02 -17.03
N GLY F 229 -18.96 17.51 -16.00
CA GLY F 229 -19.79 18.70 -16.14
C GLY F 229 -19.02 19.91 -16.66
N GLN F 230 -19.63 20.64 -17.60
CA GLN F 230 -18.95 21.80 -18.19
C GLN F 230 -19.75 23.05 -17.80
N ARG F 231 -19.06 24.05 -17.27
CA ARG F 231 -19.74 25.30 -16.91
C ARG F 231 -18.96 26.49 -17.48
N LYS F 232 -19.62 27.64 -17.57
CA LYS F 232 -18.92 28.87 -17.92
C LYS F 232 -17.99 29.29 -16.78
N THR F 233 -16.92 29.99 -17.14
CA THR F 233 -16.07 30.64 -16.13
C THR F 233 -16.89 31.73 -15.43
N HIS F 234 -16.56 32.02 -14.18
CA HIS F 234 -17.20 33.11 -13.46
C HIS F 234 -16.26 33.71 -12.44
N PHE F 235 -16.26 35.05 -12.35
CA PHE F 235 -15.49 35.77 -11.34
C PHE F 235 -14.01 35.40 -11.32
N GLU F 236 -13.42 35.14 -12.49
CA GLU F 236 -11.97 34.88 -12.56
C GLU F 236 -11.14 36.14 -12.79
N ASN F 237 -9.99 36.21 -12.12
CA ASN F 237 -9.01 37.33 -12.21
C ASN F 237 -9.54 38.67 -11.68
N CYS F 238 -10.54 38.59 -10.80
CA CYS F 238 -11.17 39.77 -10.21
C CYS F 238 -11.59 39.46 -8.76
#